data_3SQM
#
_entry.id   3SQM
#
_cell.length_a   125.139
_cell.length_b   125.139
_cell.length_c   233.745
_cell.angle_alpha   90.00
_cell.angle_beta   90.00
_cell.angle_gamma   120.00
#
_symmetry.space_group_name_H-M   'P 32 2 1'
#
loop_
_entity.id
_entity.type
_entity.pdbx_description
1 polymer 'Glycosyl hydrolase family 3'
2 non-polymer 2-acetamido-2-deoxy-beta-D-glucopyranose
3 non-polymer 'ACETIC ACID'
4 non-polymer GLYCEROL
5 non-polymer DI(HYDROXYETHYL)ETHER
6 non-polymer 'SULFATE ION'
7 water water
#
_entity_poly.entity_id   1
_entity_poly.type   'polypeptide(L)'
_entity_poly.pdbx_seq_one_letter_code
;SNA(MSE)V(MSE)APLPPVESLSLRQAIAQ(MSE)IVVRGAGYLFDYERPYPQWEADQTTLQRWIEAGIGGVILLGGSA
AEVAQKTKQLQSWAEIPLLIAADIEEGVGQRFRGATEFPPP(MSE)AFGEIWRTDPHQAIALAET(MSE)GATTAQEALS
LGINWVLAPVLDVNNNPHNPVINIRAFGETPDQVSALGTAFIRGAQQYAVLTTAKHFPGHGDTATDSHLALPTISHDDTR
LNTVELPPFKAAIQGGVDAV(MSE)NAHL(MSE)IPAWDQQYPATLSPAILTGQLRHKLGFKGLIVTDALV(MSE)GGIT
QFAAPDTVVVQAIAAGADILL(MSE)PPDVDGAIIAIETAIKTGQLSESRIYESVERIWQAKQKILTATPSTFPQGISGD
RPETRKTVA(MSE)VLERATKHQKSLVKISSFPDNFARNLIVVDSVLKSPFLRPNCPAIAIPQRHGYAAEIVELKTLPRL
QLEAIPTLIQCFLRGNPFTEKLADPIDVLQKIAAQIPLQGVIFYGSPYFLEALQTTLPEIPWWFSYGQ(MSE)AIAQAEI
CTSLWEEAPQAAPSAAEFI
;
_entity_poly.pdbx_strand_id   A,B,C,D
#
# COMPACT_ATOMS: atom_id res chain seq x y z
N PRO A 8 20.38 -3.62 -35.55
CA PRO A 8 20.75 -4.81 -34.79
C PRO A 8 21.87 -4.59 -33.76
N LEU A 9 22.04 -5.57 -32.87
CA LEU A 9 23.05 -5.50 -31.82
C LEU A 9 24.23 -6.36 -32.22
N PRO A 10 25.45 -5.79 -32.15
CA PRO A 10 26.65 -6.55 -32.53
C PRO A 10 27.01 -7.56 -31.46
N PRO A 11 27.63 -8.68 -31.83
CA PRO A 11 28.06 -9.66 -30.82
C PRO A 11 28.95 -8.98 -29.80
N VAL A 12 28.79 -9.34 -28.52
CA VAL A 12 29.55 -8.69 -27.45
C VAL A 12 31.06 -8.65 -27.68
N GLU A 13 31.68 -9.79 -27.91
CA GLU A 13 33.15 -9.84 -27.98
C GLU A 13 33.75 -9.03 -29.15
N SER A 14 32.89 -8.53 -30.03
CA SER A 14 33.31 -7.68 -31.14
C SER A 14 33.70 -6.26 -30.70
N LEU A 15 33.35 -5.90 -29.47
CA LEU A 15 33.66 -4.58 -28.95
C LEU A 15 35.10 -4.54 -28.46
N SER A 16 35.73 -3.37 -28.59
CA SER A 16 37.02 -3.13 -27.94
C SER A 16 36.77 -2.95 -26.46
N LEU A 17 37.79 -3.21 -25.65
CA LEU A 17 37.64 -3.09 -24.20
C LEU A 17 37.14 -1.70 -23.83
N ARG A 18 37.44 -0.71 -24.65
CA ARG A 18 37.05 0.65 -24.36
C ARG A 18 35.60 0.87 -24.72
N GLN A 19 35.15 0.23 -25.79
CA GLN A 19 33.75 0.38 -26.17
C GLN A 19 32.91 -0.31 -25.12
N ALA A 20 33.44 -1.41 -24.58
CA ALA A 20 32.70 -2.21 -23.62
C ALA A 20 32.56 -1.43 -22.32
N ILE A 21 33.64 -0.78 -21.92
CA ILE A 21 33.60 -0.03 -20.68
C ILE A 21 32.61 1.08 -20.85
N ALA A 22 32.72 1.77 -21.97
CA ALA A 22 31.86 2.92 -22.26
C ALA A 22 30.36 2.60 -22.12
N GLN A 23 29.96 1.40 -22.51
CA GLN A 23 28.55 0.97 -22.42
C GLN A 23 28.02 1.06 -21.00
N ILE A 25 28.43 3.29 -18.99
CA ILE A 25 28.32 4.68 -18.55
C ILE A 25 27.10 5.36 -19.16
N VAL A 26 26.33 6.04 -18.31
CA VAL A 26 25.17 6.82 -18.75
C VAL A 26 25.45 8.28 -18.40
N VAL A 27 25.46 9.14 -19.41
CA VAL A 27 25.77 10.54 -19.18
C VAL A 27 24.49 11.37 -19.18
N ARG A 28 24.61 12.66 -18.97
CA ARG A 28 23.44 13.50 -18.76
C ARG A 28 23.39 14.66 -19.75
N GLY A 29 22.33 14.67 -20.55
CA GLY A 29 22.00 15.78 -21.43
C GLY A 29 20.78 16.58 -21.03
N ALA A 30 20.47 17.60 -21.82
CA ALA A 30 19.26 18.38 -21.61
C ALA A 30 18.36 18.06 -22.78
N GLY A 31 17.06 18.18 -22.57
CA GLY A 31 16.12 17.95 -23.66
C GLY A 31 16.23 19.01 -24.74
N TYR A 32 16.58 20.23 -24.33
CA TYR A 32 16.70 21.36 -25.25
C TYR A 32 17.70 21.07 -26.36
N LEU A 33 17.42 21.53 -27.58
CA LEU A 33 18.29 21.20 -28.72
C LEU A 33 19.69 21.81 -28.67
N PHE A 34 19.80 23.02 -28.12
CA PHE A 34 21.05 23.75 -28.23
C PHE A 34 21.80 23.95 -26.92
N ASP A 35 23.12 24.14 -27.03
CA ASP A 35 23.99 24.23 -25.86
C ASP A 35 23.57 25.38 -24.96
N TYR A 36 23.22 26.50 -25.58
CA TYR A 36 22.97 27.73 -24.84
C TYR A 36 21.67 27.72 -24.07
N GLU A 37 20.82 26.73 -24.33
CA GLU A 37 19.57 26.59 -23.60
C GLU A 37 19.74 25.76 -22.33
N ARG A 38 20.88 25.12 -22.16
CA ARG A 38 21.10 24.22 -21.03
C ARG A 38 21.05 24.94 -19.70
N PRO A 39 20.09 24.59 -18.85
CA PRO A 39 20.01 25.05 -17.45
C PRO A 39 21.24 24.72 -16.57
N TYR A 40 21.77 23.51 -16.67
CA TYR A 40 22.94 23.11 -15.88
C TYR A 40 24.14 22.68 -16.75
N PRO A 41 24.89 23.65 -17.30
CA PRO A 41 26.02 23.33 -18.17
C PRO A 41 27.13 22.57 -17.45
N GLN A 42 27.26 22.76 -16.14
CA GLN A 42 28.25 22.00 -15.38
C GLN A 42 27.95 20.50 -15.49
N TRP A 43 26.69 20.10 -15.31
CA TRP A 43 26.32 18.69 -15.39
C TRP A 43 25.82 18.15 -16.74
N GLU A 44 25.51 19.02 -17.71
CA GLU A 44 24.86 18.57 -18.94
C GLU A 44 25.74 18.81 -20.16
N ALA A 45 26.21 17.74 -20.80
CA ALA A 45 27.17 17.86 -21.91
C ALA A 45 26.68 18.68 -23.10
N ASP A 46 27.59 19.38 -23.77
CA ASP A 46 27.23 20.12 -25.00
C ASP A 46 27.17 19.15 -26.18
N GLN A 47 26.85 19.65 -27.38
CA GLN A 47 26.64 18.73 -28.51
C GLN A 47 27.95 18.07 -28.93
N THR A 48 29.05 18.84 -28.96
CA THR A 48 30.33 18.27 -29.35
C THR A 48 30.75 17.16 -28.40
N THR A 49 30.62 17.41 -27.10
CA THR A 49 30.99 16.41 -26.10
C THR A 49 30.05 15.21 -26.11
N LEU A 50 28.80 15.45 -26.47
CA LEU A 50 27.81 14.39 -26.44
C LEU A 50 28.01 13.50 -27.65
N GLN A 51 28.20 14.13 -28.81
CA GLN A 51 28.39 13.36 -30.03
C GLN A 51 29.63 12.52 -29.85
N ARG A 52 30.68 13.16 -29.34
CA ARG A 52 31.95 12.49 -29.13
C ARG A 52 31.82 11.26 -28.25
N TRP A 53 31.06 11.38 -27.16
CA TRP A 53 30.85 10.27 -26.26
C TRP A 53 30.08 9.16 -26.97
N ILE A 54 29.01 9.51 -27.66
CA ILE A 54 28.20 8.51 -28.31
C ILE A 54 28.97 7.81 -29.42
N GLU A 55 29.80 8.54 -30.14
CA GLU A 55 30.61 7.93 -31.19
C GLU A 55 31.72 7.08 -30.58
N ALA A 56 32.01 7.32 -29.31
CA ALA A 56 33.02 6.54 -28.61
C ALA A 56 32.41 5.31 -27.92
N GLY A 57 31.12 5.10 -28.09
CA GLY A 57 30.44 3.95 -27.50
C GLY A 57 29.73 4.16 -26.15
N ILE A 58 29.42 5.39 -25.79
CA ILE A 58 28.77 5.61 -24.50
C ILE A 58 27.49 4.79 -24.44
N GLY A 59 27.15 4.34 -23.24
CA GLY A 59 26.09 3.38 -23.03
C GLY A 59 24.67 3.90 -23.00
N GLY A 60 24.49 5.14 -22.59
CA GLY A 60 23.17 5.74 -22.57
C GLY A 60 23.22 7.19 -22.14
N VAL A 61 22.07 7.84 -22.18
CA VAL A 61 21.98 9.25 -21.87
C VAL A 61 20.76 9.46 -21.02
N ILE A 62 20.89 10.21 -19.93
CA ILE A 62 19.72 10.58 -19.18
C ILE A 62 19.44 12.05 -19.47
N LEU A 63 18.19 12.34 -19.80
CA LEU A 63 17.75 13.67 -20.22
C LEU A 63 16.84 14.31 -19.20
N LEU A 64 17.09 15.57 -18.92
CA LEU A 64 16.16 16.39 -18.15
C LEU A 64 15.85 17.66 -18.94
N GLY A 65 14.59 18.09 -18.90
CA GLY A 65 14.24 19.37 -19.46
C GLY A 65 13.73 19.34 -20.88
N GLY A 66 12.92 20.33 -21.22
CA GLY A 66 12.44 20.46 -22.58
C GLY A 66 11.00 20.02 -22.72
N SER A 67 10.33 20.57 -23.71
CA SER A 67 9.00 20.13 -24.08
C SER A 67 9.13 18.73 -24.69
N ALA A 68 8.03 17.97 -24.68
CA ALA A 68 7.99 16.65 -25.26
C ALA A 68 8.38 16.66 -26.72
N ALA A 69 7.90 17.66 -27.46
CA ALA A 69 8.18 17.74 -28.88
C ALA A 69 9.68 17.85 -29.16
N GLU A 70 10.38 18.54 -28.28
CA GLU A 70 11.82 18.67 -28.31
C GLU A 70 12.57 17.37 -27.98
N VAL A 71 12.17 16.70 -26.91
CA VAL A 71 12.83 15.47 -26.55
C VAL A 71 12.75 14.48 -27.70
N ALA A 72 11.60 14.45 -28.35
CA ALA A 72 11.43 13.63 -29.56
C ALA A 72 12.54 13.96 -30.56
N GLN A 73 12.88 15.24 -30.65
CA GLN A 73 13.86 15.68 -31.60
C GLN A 73 15.26 15.38 -31.08
N LYS A 74 15.50 15.61 -29.79
CA LYS A 74 16.79 15.26 -29.18
C LYS A 74 17.13 13.80 -29.38
N THR A 75 16.25 12.91 -28.91
CA THR A 75 16.55 11.48 -28.96
C THR A 75 16.77 10.99 -30.38
N LYS A 76 16.02 11.54 -31.33
CA LYS A 76 16.30 11.25 -32.73
C LYS A 76 17.77 11.56 -33.02
N GLN A 77 18.18 12.78 -32.71
CA GLN A 77 19.55 13.21 -32.98
C GLN A 77 20.53 12.29 -32.28
N LEU A 78 20.34 12.10 -30.98
CA LEU A 78 21.22 11.25 -30.19
C LEU A 78 21.37 9.84 -30.74
N GLN A 79 20.25 9.23 -31.12
CA GLN A 79 20.29 7.86 -31.65
C GLN A 79 21.02 7.79 -32.99
N SER A 80 20.98 8.88 -33.75
CA SER A 80 21.62 8.91 -35.06
C SER A 80 23.15 8.91 -35.00
N TRP A 81 23.70 9.19 -33.82
CA TRP A 81 25.14 9.19 -33.65
C TRP A 81 25.65 7.85 -33.14
N ALA A 82 24.72 6.98 -32.77
CA ALA A 82 25.09 5.73 -32.09
C ALA A 82 25.14 4.52 -33.00
N GLU A 83 26.23 3.76 -32.92
CA GLU A 83 26.31 2.48 -33.61
C GLU A 83 25.54 1.42 -32.83
N ILE A 84 25.65 1.48 -31.52
CA ILE A 84 24.83 0.62 -30.68
C ILE A 84 23.74 1.45 -30.04
N PRO A 85 22.49 1.07 -30.28
CA PRO A 85 21.36 1.89 -29.82
C PRO A 85 21.50 2.27 -28.35
N LEU A 86 21.15 3.51 -28.05
CA LEU A 86 21.40 4.06 -26.74
C LEU A 86 20.27 3.75 -25.82
N LEU A 87 20.61 3.42 -24.58
CA LEU A 87 19.62 3.52 -23.51
C LEU A 87 19.38 4.99 -23.22
N ILE A 88 18.14 5.44 -23.33
CA ILE A 88 17.82 6.81 -23.00
C ILE A 88 16.81 6.84 -21.85
N ALA A 89 17.24 7.41 -20.73
CA ALA A 89 16.45 7.39 -19.51
C ALA A 89 16.02 8.79 -19.11
N ALA A 90 14.94 8.88 -18.35
CA ALA A 90 14.54 10.14 -17.75
C ALA A 90 13.84 9.76 -16.49
N ASP A 91 13.78 10.65 -15.49
CA ASP A 91 13.09 10.24 -14.27
C ASP A 91 11.67 10.70 -14.47
N ILE A 92 10.77 9.77 -14.77
CA ILE A 92 9.41 10.22 -14.85
C ILE A 92 8.61 9.35 -13.89
N GLU A 93 8.41 9.88 -12.69
CA GLU A 93 7.69 9.21 -11.61
C GLU A 93 6.20 9.49 -11.62
N GLU A 94 5.93 10.76 -11.90
CA GLU A 94 4.63 11.36 -12.03
C GLU A 94 4.15 11.29 -13.48
N GLY A 95 4.84 10.54 -14.33
CA GLY A 95 4.42 10.42 -15.73
C GLY A 95 5.31 11.31 -16.60
N VAL A 96 5.39 10.99 -17.88
CA VAL A 96 6.26 11.76 -18.77
C VAL A 96 6.00 13.25 -18.63
N GLY A 97 4.76 13.62 -18.33
CA GLY A 97 4.39 15.01 -18.21
C GLY A 97 5.11 15.80 -17.10
N GLN A 98 5.73 15.07 -16.18
CA GLN A 98 6.38 15.69 -15.04
C GLN A 98 7.67 16.33 -15.52
N ARG A 99 8.40 15.58 -16.35
CA ARG A 99 9.63 16.05 -16.97
C ARG A 99 9.45 16.89 -18.23
N PHE A 100 8.49 16.53 -19.07
CA PHE A 100 8.40 17.16 -20.38
C PHE A 100 7.02 17.69 -20.70
N ARG A 101 6.92 19.02 -20.78
CA ARG A 101 5.65 19.68 -20.93
C ARG A 101 5.07 19.19 -22.25
N GLY A 102 3.78 18.89 -22.27
CA GLY A 102 3.14 18.43 -23.49
C GLY A 102 2.81 16.96 -23.46
N ALA A 103 3.30 16.28 -22.44
CA ALA A 103 2.94 14.90 -22.24
C ALA A 103 2.09 14.82 -20.97
N THR A 104 1.60 13.63 -20.63
CA THR A 104 0.63 13.49 -19.55
C THR A 104 1.32 13.40 -18.21
N GLU A 105 0.93 14.30 -17.31
CA GLU A 105 1.45 14.27 -15.95
C GLU A 105 0.44 13.62 -15.03
N PHE A 106 0.86 12.59 -14.32
CA PHE A 106 0.04 11.94 -13.29
C PHE A 106 0.28 12.53 -11.92
N PRO A 107 -0.70 12.37 -11.01
CA PRO A 107 -0.52 12.81 -9.62
C PRO A 107 0.57 11.95 -8.98
N PRO A 108 1.25 12.46 -7.94
CA PRO A 108 2.40 11.71 -7.41
C PRO A 108 1.94 10.37 -6.84
N PRO A 109 2.84 9.38 -6.78
CA PRO A 109 2.51 8.02 -6.32
C PRO A 109 1.79 7.96 -4.96
N ALA A 111 -0.45 9.75 -3.78
CA ALA A 111 -1.87 9.89 -4.05
C ALA A 111 -2.52 8.52 -4.28
N PHE A 112 -1.90 7.70 -5.12
CA PHE A 112 -2.35 6.31 -5.30
C PHE A 112 -2.31 5.58 -3.96
N GLY A 113 -1.34 5.92 -3.11
CA GLY A 113 -1.24 5.32 -1.80
C GLY A 113 -2.56 5.39 -1.07
N GLU A 114 -3.15 6.58 -1.02
CA GLU A 114 -4.44 6.78 -0.41
C GLU A 114 -5.45 5.75 -0.88
N ILE A 115 -5.75 5.81 -2.17
CA ILE A 115 -6.76 4.95 -2.75
C ILE A 115 -6.59 3.48 -2.39
N TRP A 116 -5.35 3.04 -2.24
CA TRP A 116 -5.11 1.65 -1.86
C TRP A 116 -5.59 1.34 -0.44
N ARG A 117 -5.36 2.28 0.48
CA ARG A 117 -5.80 2.11 1.86
C ARG A 117 -7.26 1.79 1.84
N THR A 118 -8.01 2.62 1.13
CA THR A 118 -9.47 2.51 1.06
C THR A 118 -9.96 1.43 0.09
N ASP A 119 -9.35 1.34 -1.09
CA ASP A 119 -9.81 0.42 -2.13
C ASP A 119 -8.67 -0.23 -2.93
N PRO A 120 -8.05 -1.29 -2.39
CA PRO A 120 -6.85 -1.83 -3.04
C PRO A 120 -7.06 -2.26 -4.50
N HIS A 121 -8.15 -2.95 -4.82
CA HIS A 121 -8.32 -3.47 -6.18
C HIS A 121 -8.30 -2.37 -7.22
N GLN A 122 -8.87 -1.22 -6.87
CA GLN A 122 -8.93 -0.09 -7.78
C GLN A 122 -7.64 0.67 -7.83
N ALA A 123 -7.01 0.84 -6.67
CA ALA A 123 -5.73 1.52 -6.61
C ALA A 123 -4.72 0.79 -7.50
N ILE A 124 -4.62 -0.53 -7.35
CA ILE A 124 -3.75 -1.33 -8.21
C ILE A 124 -3.98 -1.05 -9.69
N ALA A 125 -5.24 -0.94 -10.09
CA ALA A 125 -5.55 -0.81 -11.51
C ALA A 125 -5.24 0.56 -12.09
N LEU A 126 -5.32 1.60 -11.26
CA LEU A 126 -4.94 2.95 -11.68
C LEU A 126 -3.41 3.04 -11.87
N ALA A 127 -2.68 2.58 -10.86
CA ALA A 127 -1.24 2.46 -10.97
C ALA A 127 -0.88 1.66 -12.22
N GLU A 128 -1.66 0.61 -12.50
CA GLU A 128 -1.45 -0.17 -13.71
C GLU A 128 -1.48 0.73 -14.94
N THR A 129 -2.55 1.51 -15.11
CA THR A 129 -2.60 2.38 -16.29
C THR A 129 -1.67 3.58 -16.12
N GLY A 131 1.39 3.23 -15.14
CA GLY A 131 2.59 2.66 -15.72
C GLY A 131 2.47 2.50 -17.22
N ALA A 132 1.33 2.02 -17.67
CA ALA A 132 1.13 1.79 -19.10
C ALA A 132 1.28 3.08 -19.91
N THR A 133 0.65 4.16 -19.44
CA THR A 133 0.69 5.43 -20.14
C THR A 133 2.07 6.07 -20.08
N THR A 134 2.69 5.98 -18.91
CA THR A 134 4.04 6.48 -18.77
C THR A 134 4.90 5.75 -19.78
N ALA A 135 4.76 4.43 -19.82
CA ALA A 135 5.59 3.63 -20.71
C ALA A 135 5.32 3.93 -22.18
N GLN A 136 4.08 4.18 -22.52
CA GLN A 136 3.72 4.44 -23.91
C GLN A 136 4.15 5.80 -24.42
N GLU A 137 3.91 6.85 -23.65
CA GLU A 137 4.36 8.17 -24.04
C GLU A 137 5.89 8.25 -24.14
N ALA A 138 6.59 7.70 -23.15
CA ALA A 138 8.06 7.67 -23.19
C ALA A 138 8.59 7.12 -24.50
N LEU A 139 8.15 5.93 -24.88
CA LEU A 139 8.56 5.36 -26.16
C LEU A 139 8.37 6.35 -27.30
N SER A 140 7.32 7.16 -27.21
CA SER A 140 6.94 8.05 -28.29
C SER A 140 7.85 9.26 -28.39
N LEU A 141 8.50 9.59 -27.29
CA LEU A 141 9.47 10.69 -27.25
C LEU A 141 10.87 10.20 -27.56
N GLY A 142 11.02 8.88 -27.64
CA GLY A 142 12.32 8.31 -27.88
C GLY A 142 13.00 7.89 -26.60
N ILE A 143 12.29 8.01 -25.48
CA ILE A 143 12.81 7.58 -24.19
C ILE A 143 12.43 6.13 -23.98
N ASN A 144 13.42 5.25 -23.97
CA ASN A 144 13.22 3.84 -23.76
C ASN A 144 13.49 3.32 -22.35
N TRP A 145 13.92 4.19 -21.45
CA TRP A 145 14.22 3.72 -20.10
C TRP A 145 13.57 4.57 -19.00
N VAL A 146 12.60 3.99 -18.31
CA VAL A 146 11.85 4.73 -17.30
C VAL A 146 12.47 4.50 -15.91
N LEU A 147 12.95 5.53 -15.24
CA LEU A 147 13.55 5.22 -13.97
C LEU A 147 12.47 5.49 -12.97
N ALA A 148 11.82 4.39 -12.59
CA ALA A 148 10.63 4.32 -11.74
C ALA A 148 10.17 2.87 -11.86
N PRO A 149 9.38 2.37 -10.91
CA PRO A 149 8.76 3.03 -9.76
C PRO A 149 9.72 3.25 -8.65
N VAL A 150 9.48 4.28 -7.85
CA VAL A 150 10.15 4.40 -6.57
C VAL A 150 9.50 3.38 -5.62
N LEU A 151 10.33 2.48 -5.10
CA LEU A 151 9.87 1.47 -4.12
C LEU A 151 10.16 1.82 -2.66
N ASP A 152 10.73 3.00 -2.42
CA ASP A 152 11.01 3.45 -1.06
C ASP A 152 9.72 3.44 -0.28
N VAL A 153 9.77 2.86 0.91
CA VAL A 153 8.64 2.91 1.82
C VAL A 153 8.86 4.11 2.70
N ASN A 154 7.94 5.06 2.73
CA ASN A 154 8.26 6.28 3.44
C ASN A 154 7.76 6.09 4.86
N ASN A 155 8.66 5.86 5.79
CA ASN A 155 8.28 5.72 7.20
C ASN A 155 8.50 6.96 8.01
N ASN A 156 9.15 7.94 7.39
CA ASN A 156 9.59 9.08 8.14
C ASN A 156 8.88 10.29 7.58
N PRO A 157 7.93 10.83 8.34
CA PRO A 157 7.14 11.97 7.86
C PRO A 157 8.08 13.08 7.40
N HIS A 158 9.25 13.11 8.04
CA HIS A 158 10.21 14.19 7.85
C HIS A 158 11.13 13.97 6.65
N ASN A 159 10.95 12.85 5.95
CA ASN A 159 11.81 12.54 4.82
C ASN A 159 11.62 13.60 3.75
N PRO A 160 12.65 14.43 3.55
CA PRO A 160 12.73 15.56 2.62
C PRO A 160 12.86 15.21 1.14
N VAL A 161 13.62 14.15 0.86
CA VAL A 161 13.87 13.69 -0.52
C VAL A 161 12.82 12.78 -1.17
N ILE A 162 12.23 11.88 -0.38
CA ILE A 162 11.27 10.91 -0.92
C ILE A 162 9.85 11.43 -0.83
N ASN A 163 9.34 11.55 0.39
CA ASN A 163 8.08 12.27 0.58
C ASN A 163 7.00 11.65 -0.30
N ILE A 164 6.25 12.47 -1.02
CA ILE A 164 5.12 11.96 -1.81
C ILE A 164 5.53 11.19 -3.07
N ARG A 165 6.83 11.17 -3.39
CA ARG A 165 7.35 10.38 -4.49
C ARG A 165 7.07 8.89 -4.28
N ALA A 166 6.68 8.55 -3.05
CA ALA A 166 6.51 7.17 -2.60
C ALA A 166 5.07 6.71 -2.65
N PHE A 167 4.89 5.44 -2.95
CA PHE A 167 3.57 4.82 -2.95
C PHE A 167 2.91 4.58 -1.58
N GLY A 168 3.61 4.86 -0.48
CA GLY A 168 2.99 4.71 0.83
C GLY A 168 3.94 4.45 1.98
N GLU A 169 3.39 4.27 3.19
CA GLU A 169 4.20 4.04 4.39
C GLU A 169 4.38 2.57 4.77
N THR A 170 3.76 1.64 4.06
CA THR A 170 3.91 0.23 4.39
C THR A 170 4.30 -0.62 3.20
N PRO A 171 5.14 -1.62 3.45
CA PRO A 171 5.69 -2.49 2.41
C PRO A 171 4.62 -3.11 1.49
N ASP A 172 3.49 -3.57 2.04
CA ASP A 172 2.46 -4.22 1.22
C ASP A 172 1.72 -3.25 0.31
N GLN A 173 1.40 -2.09 0.85
CA GLN A 173 0.93 -0.96 0.07
C GLN A 173 1.87 -0.65 -1.09
N VAL A 174 3.16 -0.47 -0.79
CA VAL A 174 4.16 -0.19 -1.82
C VAL A 174 4.43 -1.40 -2.74
N SER A 175 4.47 -2.59 -2.16
CA SER A 175 4.64 -3.79 -2.96
C SER A 175 3.63 -3.81 -4.08
N ALA A 176 2.35 -3.68 -3.72
CA ALA A 176 1.28 -3.86 -4.67
C ALA A 176 1.28 -2.76 -5.73
N LEU A 177 1.25 -1.53 -5.26
CA LEU A 177 1.14 -0.39 -6.16
C LEU A 177 2.36 -0.24 -7.07
N GLY A 178 3.53 -0.68 -6.58
CA GLY A 178 4.75 -0.63 -7.36
C GLY A 178 4.84 -1.71 -8.44
N THR A 179 4.43 -2.93 -8.11
CA THR A 179 4.39 -4.02 -9.08
C THR A 179 3.30 -3.79 -10.12
N ALA A 180 2.26 -3.05 -9.72
CA ALA A 180 1.18 -2.70 -10.64
C ALA A 180 1.75 -1.79 -11.73
N PHE A 181 2.52 -0.79 -11.27
CA PHE A 181 3.14 0.13 -12.20
C PHE A 181 4.06 -0.61 -13.15
N ILE A 182 4.92 -1.47 -12.60
CA ILE A 182 5.79 -2.28 -13.43
C ILE A 182 4.96 -3.11 -14.43
N ARG A 183 3.89 -3.73 -13.93
CA ARG A 183 3.03 -4.51 -14.81
C ARG A 183 2.50 -3.66 -15.96
N GLY A 184 2.08 -2.45 -15.64
CA GLY A 184 1.52 -1.56 -16.63
C GLY A 184 2.54 -1.15 -17.67
N ALA A 185 3.72 -0.76 -17.22
CA ALA A 185 4.77 -0.41 -18.16
C ALA A 185 5.21 -1.63 -18.98
N GLN A 186 5.13 -2.82 -18.39
CA GLN A 186 5.60 -4.02 -19.07
C GLN A 186 4.86 -4.28 -20.39
N GLN A 187 3.75 -3.57 -20.59
CA GLN A 187 2.98 -3.71 -21.83
C GLN A 187 3.70 -3.10 -23.04
N TYR A 188 4.76 -2.34 -22.78
CA TYR A 188 5.53 -1.67 -23.84
C TYR A 188 7.01 -1.98 -23.67
N ALA A 189 7.83 -1.72 -24.67
CA ALA A 189 9.21 -2.14 -24.47
C ALA A 189 10.03 -0.94 -24.04
N VAL A 190 10.25 -0.92 -22.74
CA VAL A 190 11.00 0.12 -22.06
C VAL A 190 11.49 -0.58 -20.83
N LEU A 191 12.68 -0.21 -20.36
CA LEU A 191 13.18 -0.76 -19.12
C LEU A 191 12.44 -0.09 -18.00
N THR A 192 12.22 -0.83 -16.93
CA THR A 192 11.60 -0.24 -15.76
C THR A 192 12.60 -0.32 -14.58
N THR A 193 12.60 0.66 -13.68
CA THR A 193 13.64 0.71 -12.66
C THR A 193 13.17 0.82 -11.21
N ALA A 194 13.39 -0.22 -10.41
CA ALA A 194 13.17 -0.13 -8.96
C ALA A 194 14.23 0.74 -8.28
N LYS A 195 13.80 1.69 -7.46
CA LYS A 195 14.72 2.54 -6.69
C LYS A 195 14.08 3.02 -5.38
N HIS A 196 14.85 3.31 -4.33
CA HIS A 196 16.31 3.29 -4.35
C HIS A 196 16.88 2.29 -3.35
N PHE A 197 17.46 1.20 -3.85
CA PHE A 197 17.85 0.07 -3.01
C PHE A 197 18.85 0.46 -1.93
N PRO A 198 18.72 -0.11 -0.70
CA PRO A 198 17.58 -0.90 -0.21
C PRO A 198 16.52 0.00 0.42
N GLY A 199 16.17 1.05 -0.30
CA GLY A 199 15.09 1.96 0.03
C GLY A 199 15.64 3.10 0.84
N HIS A 200 15.14 4.29 0.51
CA HIS A 200 15.55 5.54 1.10
C HIS A 200 14.50 5.90 2.12
N GLY A 201 13.57 4.97 2.32
CA GLY A 201 12.37 5.27 3.06
C GLY A 201 12.59 5.99 4.38
N ASP A 202 13.50 5.50 5.21
CA ASP A 202 13.66 6.11 6.52
C ASP A 202 14.93 6.96 6.58
N THR A 203 14.79 8.27 6.42
CA THR A 203 15.75 9.28 6.83
C THR A 203 15.08 10.65 6.83
N ALA A 204 15.63 11.61 7.57
CA ALA A 204 15.29 13.02 7.36
C ALA A 204 16.34 13.71 6.47
N THR A 205 17.31 12.93 6.01
CA THR A 205 18.46 13.46 5.30
C THR A 205 18.45 13.11 3.80
N ASP A 206 18.80 14.10 2.97
CA ASP A 206 18.74 13.97 1.52
C ASP A 206 20.10 13.63 0.88
N SER A 207 20.22 12.43 0.31
CA SER A 207 21.53 11.99 -0.22
C SER A 207 22.12 12.86 -1.34
N HIS A 208 21.33 13.77 -1.90
CA HIS A 208 21.82 14.79 -2.83
C HIS A 208 22.73 15.76 -2.09
N LEU A 209 22.32 16.11 -0.87
CA LEU A 209 23.05 17.00 0.04
C LEU A 209 24.17 16.40 0.92
N ALA A 210 23.94 15.22 1.49
CA ALA A 210 24.96 14.58 2.32
C ALA A 210 24.67 13.11 2.56
N LEU A 211 25.57 12.41 3.23
CA LEU A 211 25.47 10.95 3.33
C LEU A 211 24.60 10.52 4.51
N PRO A 212 23.40 9.98 4.21
CA PRO A 212 22.41 9.53 5.18
C PRO A 212 22.78 8.18 5.77
N THR A 213 22.33 7.91 6.98
CA THR A 213 22.58 6.61 7.60
C THR A 213 21.32 6.01 8.17
N ILE A 214 20.91 4.86 7.65
CA ILE A 214 19.76 4.17 8.23
C ILE A 214 20.25 3.02 9.10
N SER A 215 19.88 3.08 10.38
CA SER A 215 20.50 2.26 11.42
C SER A 215 19.96 0.84 11.49
N HIS A 216 18.77 0.61 10.96
CA HIS A 216 18.03 -0.63 11.17
C HIS A 216 18.82 -1.89 10.83
N ASP A 217 18.54 -2.97 11.55
CA ASP A 217 19.19 -4.27 11.35
C ASP A 217 18.59 -5.12 10.22
N ASP A 218 19.18 -6.29 10.01
CA ASP A 218 18.82 -7.16 8.88
C ASP A 218 17.39 -7.69 9.00
N THR A 219 16.98 -7.95 10.23
CA THR A 219 15.63 -8.44 10.48
C THR A 219 14.63 -7.39 10.02
N ARG A 220 14.71 -6.19 10.57
CA ARG A 220 13.82 -5.13 10.15
C ARG A 220 13.98 -4.93 8.65
N LEU A 221 15.20 -4.76 8.19
CA LEU A 221 15.44 -4.48 6.79
C LEU A 221 14.66 -5.43 5.87
N ASN A 222 14.55 -6.70 6.22
CA ASN A 222 13.76 -7.64 5.41
C ASN A 222 12.26 -7.54 5.67
N THR A 223 11.92 -6.92 6.80
CA THR A 223 10.54 -6.73 7.25
C THR A 223 9.83 -5.57 6.54
N VAL A 224 10.58 -4.50 6.29
CA VAL A 224 10.01 -3.26 5.79
C VAL A 224 10.59 -2.85 4.43
N GLU A 225 11.82 -2.36 4.43
CA GLU A 225 12.48 -1.86 3.22
C GLU A 225 12.44 -2.80 2.01
N LEU A 226 12.80 -4.06 2.22
CA LEU A 226 13.04 -5.00 1.11
C LEU A 226 11.85 -5.50 0.26
N PRO A 227 10.72 -5.88 0.88
CA PRO A 227 9.63 -6.55 0.14
C PRO A 227 9.17 -5.87 -1.18
N PRO A 228 9.04 -4.53 -1.21
CA PRO A 228 8.73 -3.94 -2.52
C PRO A 228 9.72 -4.45 -3.54
N PHE A 229 11.00 -4.39 -3.16
CA PHE A 229 12.08 -4.80 -4.05
C PHE A 229 11.97 -6.26 -4.43
N LYS A 230 11.78 -7.14 -3.46
CA LYS A 230 11.56 -8.55 -3.76
C LYS A 230 10.44 -8.67 -4.78
N ALA A 231 9.33 -8.01 -4.50
CA ALA A 231 8.16 -8.09 -5.36
C ALA A 231 8.51 -7.68 -6.79
N ALA A 232 9.21 -6.56 -6.93
CA ALA A 232 9.57 -6.03 -8.24
C ALA A 232 10.52 -6.95 -9.02
N ILE A 233 11.44 -7.61 -8.31
CA ILE A 233 12.38 -8.50 -8.99
C ILE A 233 11.69 -9.78 -9.45
N GLN A 234 10.85 -10.35 -8.60
CA GLN A 234 10.04 -11.49 -9.00
C GLN A 234 9.18 -10.99 -10.16
N GLY A 235 8.76 -9.74 -10.02
CA GLY A 235 8.00 -9.07 -11.05
C GLY A 235 8.72 -8.97 -12.37
N GLY A 236 10.05 -8.96 -12.34
CA GLY A 236 10.82 -8.85 -13.57
C GLY A 236 11.09 -7.42 -13.95
N VAL A 237 11.17 -6.57 -12.94
CA VAL A 237 11.68 -5.23 -13.13
C VAL A 237 13.09 -5.38 -13.77
N ASP A 238 13.40 -4.50 -14.71
CA ASP A 238 14.61 -4.61 -15.53
C ASP A 238 15.90 -4.13 -14.88
N ALA A 239 15.79 -3.24 -13.90
CA ALA A 239 16.97 -2.61 -13.34
C ALA A 239 16.72 -2.18 -11.90
N VAL A 240 17.77 -2.08 -11.10
CA VAL A 240 17.66 -1.59 -9.75
C VAL A 240 18.70 -0.52 -9.45
N ASN A 242 20.46 1.54 -6.69
CA ASN A 242 20.75 1.67 -5.26
C ASN A 242 20.86 3.14 -4.87
N ALA A 243 20.75 3.46 -3.59
CA ALA A 243 20.98 4.83 -3.14
C ALA A 243 22.35 4.98 -2.46
N HIS A 244 22.71 6.22 -2.13
CA HIS A 244 23.95 6.44 -1.41
C HIS A 244 23.56 6.50 0.04
N LEU A 245 23.89 5.45 0.77
CA LEU A 245 23.38 5.28 2.12
C LEU A 245 24.39 4.47 2.91
N ILE A 247 24.49 1.54 5.42
CA ILE A 247 23.67 0.45 5.93
C ILE A 247 24.54 -0.40 6.85
N PRO A 248 24.79 0.13 8.06
CA PRO A 248 25.80 -0.48 8.91
C PRO A 248 25.51 -1.93 9.26
N ALA A 249 24.26 -2.39 9.19
CA ALA A 249 24.01 -3.79 9.53
C ALA A 249 24.56 -4.70 8.46
N TRP A 250 24.52 -4.24 7.20
CA TRP A 250 25.21 -4.90 6.09
C TRP A 250 26.70 -4.57 5.84
N ASP A 251 27.04 -3.28 5.88
CA ASP A 251 28.42 -2.85 5.66
C ASP A 251 28.72 -1.67 6.59
N GLN A 252 29.74 -1.75 7.43
CA GLN A 252 30.06 -0.62 8.30
CA GLN A 252 30.07 -0.63 8.31
C GLN A 252 31.05 0.33 7.63
N GLN A 253 31.66 -0.15 6.53
CA GLN A 253 32.69 0.58 5.80
C GLN A 253 32.13 1.49 4.71
N TYR A 254 31.43 0.90 3.74
CA TYR A 254 31.11 1.61 2.49
C TYR A 254 29.63 1.92 2.35
N PRO A 255 29.31 3.00 1.63
CA PRO A 255 27.92 3.29 1.26
C PRO A 255 27.45 2.24 0.26
N ALA A 256 26.14 2.02 0.18
CA ALA A 256 25.64 0.90 -0.60
C ALA A 256 26.17 0.92 -2.02
N THR A 257 26.39 2.12 -2.53
CA THR A 257 26.86 2.25 -3.90
C THR A 257 28.18 1.54 -4.04
N LEU A 258 29.02 1.66 -3.02
CA LEU A 258 30.38 1.10 -3.05
C LEU A 258 30.56 -0.26 -2.37
N SER A 259 29.48 -0.82 -1.81
CA SER A 259 29.62 -2.05 -1.06
C SER A 259 29.38 -3.32 -1.86
N PRO A 260 30.33 -4.24 -1.81
CA PRO A 260 30.16 -5.57 -2.39
C PRO A 260 29.11 -6.35 -1.63
N ALA A 261 29.05 -6.15 -0.32
CA ALA A 261 28.17 -6.95 0.53
C ALA A 261 26.72 -6.62 0.23
N ILE A 262 26.47 -5.37 -0.18
CA ILE A 262 25.13 -4.90 -0.45
C ILE A 262 24.67 -5.15 -1.87
N LEU A 263 25.34 -4.54 -2.84
CA LEU A 263 25.01 -4.72 -4.25
C LEU A 263 25.09 -6.17 -4.70
N THR A 264 26.09 -6.89 -4.21
CA THR A 264 26.30 -8.28 -4.62
C THR A 264 25.71 -9.26 -3.61
N GLY A 265 26.20 -9.19 -2.37
CA GLY A 265 25.72 -10.09 -1.33
C GLY A 265 24.22 -10.05 -1.09
N GLN A 266 23.68 -8.87 -0.81
CA GLN A 266 22.26 -8.74 -0.48
C GLN A 266 21.35 -8.84 -1.68
N LEU A 267 21.77 -8.18 -2.77
CA LEU A 267 20.90 -7.90 -3.92
C LEU A 267 21.07 -8.85 -5.11
N ARG A 268 22.25 -8.87 -5.72
CA ARG A 268 22.51 -9.75 -6.86
C ARG A 268 22.45 -11.23 -6.50
N HIS A 269 22.88 -11.54 -5.28
CA HIS A 269 22.97 -12.93 -4.79
C HIS A 269 21.78 -13.41 -3.94
N LYS A 270 21.56 -12.80 -2.79
CA LYS A 270 20.43 -13.18 -1.93
C LYS A 270 19.08 -13.00 -2.62
N LEU A 271 18.76 -11.80 -3.10
CA LEU A 271 17.48 -11.56 -3.76
C LEU A 271 17.45 -12.09 -5.20
N GLY A 272 18.62 -12.51 -5.67
CA GLY A 272 18.73 -13.14 -6.96
C GLY A 272 18.39 -12.25 -8.14
N PHE A 273 18.72 -10.96 -8.05
CA PHE A 273 18.41 -10.03 -9.12
C PHE A 273 19.37 -10.21 -10.29
N LYS A 274 18.82 -10.52 -11.46
CA LYS A 274 19.65 -10.74 -12.64
C LYS A 274 19.73 -9.54 -13.62
N GLY A 275 19.08 -8.43 -13.27
CA GLY A 275 19.02 -7.27 -14.14
C GLY A 275 20.16 -6.27 -13.97
N LEU A 276 19.90 -4.99 -14.24
CA LEU A 276 20.94 -3.98 -14.19
C LEU A 276 21.04 -3.34 -12.82
N ILE A 277 22.18 -3.50 -12.17
CA ILE A 277 22.43 -2.79 -10.92
C ILE A 277 22.99 -1.44 -11.29
N VAL A 278 22.32 -0.39 -10.86
CA VAL A 278 22.63 0.94 -11.37
C VAL A 278 22.95 1.84 -10.23
N THR A 279 24.12 2.48 -10.26
CA THR A 279 24.47 3.42 -9.22
C THR A 279 23.53 4.59 -9.34
N ASP A 280 23.13 5.14 -8.21
CA ASP A 280 22.39 6.38 -8.22
C ASP A 280 23.39 7.42 -8.69
N ALA A 281 22.91 8.60 -9.08
CA ALA A 281 23.76 9.57 -9.72
C ALA A 281 25.05 9.74 -8.91
N LEU A 282 26.15 9.74 -9.64
CA LEU A 282 27.49 9.77 -9.05
C LEU A 282 28.05 11.15 -8.88
N VAL A 283 27.28 12.18 -9.23
CA VAL A 283 27.67 13.56 -8.99
C VAL A 283 27.07 14.05 -7.69
N GLY A 285 26.05 14.88 -3.87
CA GLY A 285 26.80 15.28 -2.71
C GLY A 285 27.07 14.11 -1.78
N GLY A 286 26.05 13.28 -1.57
CA GLY A 286 26.23 12.18 -0.66
C GLY A 286 27.48 11.37 -0.97
N ILE A 287 27.63 10.93 -2.21
CA ILE A 287 28.80 10.15 -2.58
C ILE A 287 30.12 10.88 -2.96
N THR A 288 30.06 12.01 -3.65
CA THR A 288 31.30 12.69 -4.03
C THR A 288 32.10 13.02 -2.79
N GLN A 289 31.38 13.20 -1.67
CA GLN A 289 32.00 13.52 -0.39
C GLN A 289 32.76 12.32 0.19
N PHE A 290 32.36 11.11 -0.22
CA PHE A 290 32.93 9.91 0.35
C PHE A 290 34.28 9.54 -0.24
N ALA A 291 34.40 9.68 -1.56
CA ALA A 291 35.63 9.28 -2.23
C ALA A 291 35.83 9.98 -3.57
N ALA A 292 37.06 9.96 -4.06
CA ALA A 292 37.40 10.60 -5.32
C ALA A 292 36.56 10.01 -6.47
N PRO A 293 36.38 10.79 -7.55
CA PRO A 293 35.53 10.28 -8.64
C PRO A 293 36.04 8.95 -9.21
N ASP A 294 37.35 8.76 -9.31
CA ASP A 294 37.94 7.52 -9.83
C ASP A 294 37.85 6.34 -8.87
N THR A 295 38.15 6.58 -7.60
CA THR A 295 37.98 5.55 -6.59
C THR A 295 36.55 5.05 -6.73
N VAL A 296 35.63 6.00 -6.85
CA VAL A 296 34.21 5.68 -6.90
C VAL A 296 33.89 4.75 -8.06
N VAL A 297 34.19 5.15 -9.30
CA VAL A 297 33.83 4.31 -10.44
C VAL A 297 34.39 2.88 -10.29
N VAL A 298 35.66 2.76 -9.96
CA VAL A 298 36.24 1.44 -9.88
C VAL A 298 35.63 0.64 -8.73
N GLN A 299 35.54 1.24 -7.55
CA GLN A 299 34.96 0.55 -6.40
C GLN A 299 33.52 0.09 -6.63
N ALA A 300 32.78 0.87 -7.43
CA ALA A 300 31.37 0.61 -7.65
C ALA A 300 31.20 -0.60 -8.54
N ILE A 301 31.99 -0.65 -9.61
CA ILE A 301 32.05 -1.81 -10.49
C ILE A 301 32.50 -3.03 -9.70
N ALA A 302 33.44 -2.82 -8.79
CA ALA A 302 33.92 -3.89 -7.95
C ALA A 302 32.74 -4.41 -7.16
N ALA A 303 31.98 -3.48 -6.59
CA ALA A 303 30.80 -3.80 -5.78
C ALA A 303 29.71 -4.51 -6.58
N GLY A 304 29.83 -4.51 -7.90
CA GLY A 304 28.90 -5.23 -8.77
C GLY A 304 27.92 -4.43 -9.59
N ALA A 305 28.00 -3.11 -9.51
CA ALA A 305 27.25 -2.23 -10.40
C ALA A 305 27.46 -2.52 -11.89
N ASP A 306 26.38 -2.65 -12.64
CA ASP A 306 26.42 -2.73 -14.10
C ASP A 306 26.49 -1.38 -14.84
N ILE A 307 25.91 -0.35 -14.26
CA ILE A 307 25.80 0.95 -14.93
C ILE A 307 26.18 2.11 -14.01
N LEU A 308 27.17 2.90 -14.43
CA LEU A 308 27.59 4.06 -13.66
C LEU A 308 26.76 5.21 -14.18
N LEU A 309 25.90 5.76 -13.33
CA LEU A 309 25.01 6.83 -13.73
C LEU A 309 25.65 8.19 -13.46
N PRO A 311 28.74 9.81 -14.09
CA PRO A 311 30.01 10.03 -13.40
C PRO A 311 30.49 11.46 -13.65
N PRO A 312 31.04 12.10 -12.63
CA PRO A 312 31.53 13.48 -12.72
C PRO A 312 32.52 13.65 -13.86
N ASP A 313 33.51 12.75 -13.94
CA ASP A 313 34.48 12.82 -15.03
C ASP A 313 34.41 11.54 -15.80
N VAL A 314 33.85 11.62 -17.01
CA VAL A 314 33.64 10.44 -17.85
C VAL A 314 34.93 10.02 -18.52
N ASP A 315 35.62 10.98 -19.13
CA ASP A 315 36.82 10.67 -19.89
C ASP A 315 37.90 10.01 -19.04
N GLY A 316 38.06 10.49 -17.82
CA GLY A 316 39.06 9.94 -16.94
C GLY A 316 38.58 8.70 -16.19
N ALA A 317 37.28 8.46 -16.24
CA ALA A 317 36.70 7.30 -15.56
C ALA A 317 36.93 6.05 -16.39
N ILE A 318 36.71 6.16 -17.69
CA ILE A 318 37.04 5.08 -18.60
C ILE A 318 38.51 4.70 -18.46
N ILE A 319 39.34 5.73 -18.33
CA ILE A 319 40.76 5.55 -18.25
C ILE A 319 41.10 4.89 -16.92
N ALA A 320 40.40 5.30 -15.87
CA ALA A 320 40.62 4.70 -14.56
C ALA A 320 40.30 3.21 -14.56
N ILE A 321 39.18 2.85 -15.19
CA ILE A 321 38.78 1.47 -15.30
C ILE A 321 39.80 0.70 -16.15
N GLU A 322 40.28 1.30 -17.24
CA GLU A 322 41.31 0.64 -18.05
C GLU A 322 42.56 0.36 -17.23
N THR A 323 42.92 1.33 -16.38
CA THR A 323 44.08 1.22 -15.51
C THR A 323 43.88 0.23 -14.38
N ALA A 324 42.64 0.12 -13.92
CA ALA A 324 42.31 -0.85 -12.88
C ALA A 324 42.44 -2.24 -13.49
N ILE A 325 42.07 -2.36 -14.75
CA ILE A 325 42.11 -3.66 -15.42
C ILE A 325 43.55 -4.16 -15.65
N LYS A 326 44.47 -3.24 -15.88
CA LYS A 326 45.86 -3.60 -16.12
C LYS A 326 46.58 -3.92 -14.83
N THR A 327 46.13 -3.29 -13.76
CA THR A 327 46.76 -3.46 -12.45
C THR A 327 46.09 -4.55 -11.63
N GLY A 328 45.15 -5.25 -12.24
CA GLY A 328 44.58 -6.44 -11.64
C GLY A 328 43.53 -6.17 -10.58
N GLN A 329 43.22 -4.89 -10.39
CA GLN A 329 42.18 -4.50 -9.44
C GLN A 329 40.79 -4.85 -10.00
N LEU A 330 40.69 -4.98 -11.32
CA LEU A 330 39.49 -5.50 -11.97
C LEU A 330 40.01 -6.29 -13.14
N SER A 331 39.14 -7.10 -13.72
CA SER A 331 39.52 -7.91 -14.86
C SER A 331 38.55 -7.72 -16.02
N GLU A 332 39.09 -7.80 -17.23
CA GLU A 332 38.34 -7.63 -18.45
C GLU A 332 37.05 -8.46 -18.45
N SER A 333 37.14 -9.70 -17.96
CA SER A 333 35.95 -10.54 -17.87
C SER A 333 34.84 -9.83 -17.08
N ARG A 334 35.21 -9.16 -15.99
CA ARG A 334 34.21 -8.46 -15.19
C ARG A 334 33.43 -7.46 -16.03
N ILE A 335 34.16 -6.74 -16.88
CA ILE A 335 33.52 -5.73 -17.69
C ILE A 335 32.49 -6.38 -18.57
N TYR A 336 32.89 -7.42 -19.27
CA TYR A 336 31.97 -8.06 -20.20
C TYR A 336 30.77 -8.76 -19.52
N GLU A 337 30.88 -9.17 -18.26
CA GLU A 337 29.67 -9.68 -17.56
C GLU A 337 28.65 -8.54 -17.52
N SER A 338 29.14 -7.32 -17.34
CA SER A 338 28.24 -6.19 -17.30
C SER A 338 27.70 -5.91 -18.69
N VAL A 339 28.54 -5.93 -19.70
CA VAL A 339 28.02 -5.77 -21.04
C VAL A 339 26.87 -6.76 -21.31
N GLU A 340 27.06 -8.05 -21.00
CA GLU A 340 26.04 -9.08 -21.28
C GLU A 340 24.67 -8.67 -20.78
N ARG A 341 24.61 -8.26 -19.51
CA ARG A 341 23.39 -7.72 -18.93
C ARG A 341 22.86 -6.50 -19.70
N ILE A 342 23.76 -5.63 -20.14
CA ILE A 342 23.35 -4.45 -20.86
C ILE A 342 22.75 -4.85 -22.19
N TRP A 343 23.34 -5.87 -22.80
CA TRP A 343 22.81 -6.40 -24.04
C TRP A 343 21.42 -6.93 -23.82
N GLN A 344 21.22 -7.64 -22.72
CA GLN A 344 19.94 -8.31 -22.51
C GLN A 344 18.82 -7.29 -22.40
N ALA A 345 19.11 -6.13 -21.80
CA ALA A 345 18.15 -5.03 -21.70
C ALA A 345 18.06 -4.22 -22.99
N LYS A 346 19.16 -4.11 -23.72
CA LYS A 346 19.08 -3.36 -24.95
C LYS A 346 18.31 -4.21 -25.91
N GLN A 347 18.27 -5.50 -25.62
CA GLN A 347 17.54 -6.44 -26.46
C GLN A 347 16.04 -6.20 -26.31
N LYS A 348 15.60 -6.07 -25.06
CA LYS A 348 14.21 -5.76 -24.75
C LYS A 348 13.71 -4.48 -25.42
N ILE A 349 14.54 -3.45 -25.46
CA ILE A 349 14.11 -2.15 -25.98
C ILE A 349 14.08 -2.10 -27.51
N LEU A 350 14.71 -3.05 -28.18
CA LEU A 350 14.85 -2.98 -29.62
C LEU A 350 13.63 -3.54 -30.34
N THR A 351 12.74 -4.16 -29.58
CA THR A 351 11.58 -4.85 -30.16
C THR A 351 10.44 -3.90 -30.57
N ALA A 352 10.43 -2.68 -30.04
CA ALA A 352 9.32 -1.74 -30.23
C ALA A 352 9.24 -1.20 -31.66
N SER A 355 6.64 3.95 -32.24
CA SER A 355 5.91 5.13 -31.78
C SER A 355 6.57 6.44 -32.25
N THR A 356 5.85 7.21 -33.05
CA THR A 356 6.38 8.44 -33.59
C THR A 356 5.64 9.66 -33.04
N PHE A 357 6.37 10.59 -32.42
CA PHE A 357 5.75 11.80 -31.89
C PHE A 357 4.97 12.58 -32.97
N PRO A 358 3.81 13.17 -32.60
CA PRO A 358 2.95 13.16 -31.41
C PRO A 358 2.19 11.85 -31.17
N GLN A 359 2.13 11.00 -32.18
CA GLN A 359 1.42 9.73 -32.07
C GLN A 359 1.90 8.97 -30.85
N GLY A 360 0.95 8.56 -30.01
CA GLY A 360 1.29 7.91 -28.75
C GLY A 360 1.17 8.79 -27.51
N ILE A 361 1.21 10.11 -27.69
CA ILE A 361 0.89 11.03 -26.60
C ILE A 361 -0.62 11.09 -26.45
N SER A 362 -1.11 10.96 -25.22
CA SER A 362 -2.54 10.87 -24.95
C SER A 362 -3.26 12.17 -25.27
N GLY A 363 -2.69 13.28 -24.79
CA GLY A 363 -3.20 14.58 -25.15
C GLY A 363 -4.57 14.88 -24.56
N ASP A 364 -5.51 15.27 -25.41
CA ASP A 364 -6.83 15.58 -24.93
C ASP A 364 -7.71 14.33 -24.76
N ARG A 365 -7.13 13.17 -25.02
CA ARG A 365 -7.89 11.93 -24.98
C ARG A 365 -8.59 11.90 -23.63
N PRO A 366 -9.93 11.82 -23.65
CA PRO A 366 -10.76 11.93 -22.45
C PRO A 366 -10.45 10.85 -21.42
N GLU A 367 -10.30 9.61 -21.87
CA GLU A 367 -10.09 8.48 -20.97
C GLU A 367 -8.93 8.72 -20.02
N THR A 368 -7.84 9.28 -20.55
CA THR A 368 -6.69 9.68 -19.76
C THR A 368 -6.96 10.84 -18.79
N ARG A 369 -7.47 11.95 -19.32
CA ARG A 369 -7.80 13.09 -18.48
C ARG A 369 -8.68 12.70 -17.29
N LYS A 370 -9.64 11.81 -17.52
CA LYS A 370 -10.54 11.34 -16.46
C LYS A 370 -9.80 10.53 -15.39
N THR A 371 -8.91 9.65 -15.82
CA THR A 371 -8.09 8.85 -14.91
C THR A 371 -7.25 9.71 -13.98
N VAL A 372 -6.60 10.72 -14.52
CA VAL A 372 -5.91 11.70 -13.71
C VAL A 372 -6.85 12.40 -12.70
N ALA A 373 -8.03 12.80 -13.16
CA ALA A 373 -8.97 13.49 -12.28
C ALA A 373 -9.52 12.59 -11.19
N VAL A 375 -8.09 9.94 -9.74
CA VAL A 375 -7.04 9.79 -8.74
C VAL A 375 -6.96 11.00 -7.79
N LEU A 376 -6.97 12.21 -8.34
CA LEU A 376 -6.97 13.38 -7.47
C LEU A 376 -8.17 13.33 -6.53
N GLU A 377 -9.35 13.16 -7.10
CA GLU A 377 -10.59 13.19 -6.31
C GLU A 377 -10.52 12.24 -5.12
N ARG A 378 -10.26 10.96 -5.39
CA ARG A 378 -10.24 9.96 -4.32
C ARG A 378 -9.15 10.18 -3.27
N ALA A 379 -8.01 10.71 -3.70
CA ALA A 379 -6.87 10.94 -2.80
C ALA A 379 -7.03 12.22 -1.99
N THR A 380 -8.04 13.01 -2.32
CA THR A 380 -8.25 14.30 -1.69
C THR A 380 -8.60 14.18 -0.20
N LYS A 381 -8.32 15.24 0.55
CA LYS A 381 -8.65 15.30 1.96
C LYS A 381 -9.19 16.67 2.36
N HIS A 382 -10.27 16.65 3.14
CA HIS A 382 -11.00 17.86 3.51
C HIS A 382 -11.43 17.80 4.99
N GLN A 383 -12.23 18.77 5.43
CA GLN A 383 -12.71 18.80 6.80
C GLN A 383 -14.14 18.25 6.93
N LEU A 386 -18.19 19.08 4.81
CA LEU A 386 -17.79 20.03 3.79
C LEU A 386 -18.07 21.46 4.23
N VAL A 387 -17.20 22.38 3.82
CA VAL A 387 -17.36 23.79 4.09
C VAL A 387 -17.22 24.55 2.78
N LYS A 388 -17.88 25.71 2.69
CA LYS A 388 -17.74 26.60 1.53
C LYS A 388 -17.48 28.01 2.03
N ILE A 389 -16.53 28.68 1.40
CA ILE A 389 -16.05 29.98 1.88
C ILE A 389 -16.73 31.22 1.21
N SER A 390 -16.26 32.42 1.59
CA SER A 390 -16.85 33.70 1.20
C SER A 390 -16.43 34.18 -0.18
N SER A 391 -17.28 35.02 -0.80
CA SER A 391 -16.93 35.74 -2.03
C SER A 391 -16.93 37.23 -1.73
N PHE A 392 -16.15 38.00 -2.49
CA PHE A 392 -16.08 39.45 -2.30
C PHE A 392 -16.00 40.17 -3.65
N PRO A 393 -15.96 41.52 -3.64
CA PRO A 393 -15.85 42.30 -4.87
C PRO A 393 -14.40 42.40 -5.30
N ASP A 394 -14.14 43.05 -6.44
CA ASP A 394 -12.86 42.97 -7.14
C ASP A 394 -11.68 43.45 -6.31
N ASN A 395 -10.65 42.60 -6.23
CA ASN A 395 -9.36 42.96 -5.67
C ASN A 395 -9.49 43.45 -4.24
N PHE A 396 -10.60 43.08 -3.60
CA PHE A 396 -10.81 43.45 -2.22
C PHE A 396 -10.18 42.38 -1.32
N ALA A 397 -9.92 41.21 -1.90
CA ALA A 397 -9.38 40.11 -1.13
C ALA A 397 -8.03 39.66 -1.68
N ARG A 398 -7.44 38.68 -1.01
CA ARG A 398 -6.10 38.25 -1.35
C ARG A 398 -6.04 36.74 -1.45
N ASN A 399 -5.62 36.28 -2.62
CA ASN A 399 -5.29 34.89 -2.86
C ASN A 399 -3.79 34.84 -2.65
N LEU A 400 -3.35 34.21 -1.56
CA LEU A 400 -1.94 34.21 -1.26
C LEU A 400 -1.38 32.84 -1.57
N ILE A 401 -0.59 32.79 -2.64
CA ILE A 401 0.01 31.56 -3.10
C ILE A 401 1.43 31.45 -2.58
N VAL A 402 1.69 30.38 -1.84
CA VAL A 402 2.97 30.16 -1.20
C VAL A 402 3.67 28.93 -1.76
N VAL A 403 4.83 29.13 -2.39
CA VAL A 403 5.56 28.05 -3.06
C VAL A 403 6.95 27.81 -2.50
N ASP A 404 7.47 26.60 -2.74
CA ASP A 404 8.83 26.25 -2.32
C ASP A 404 9.84 27.24 -2.91
N SER A 405 9.99 27.18 -4.24
CA SER A 405 10.74 28.17 -4.99
C SER A 405 9.93 28.53 -6.19
N VAL A 406 10.06 29.78 -6.64
CA VAL A 406 9.34 30.26 -7.81
C VAL A 406 9.87 29.69 -9.13
N LEU A 407 11.17 29.44 -9.22
CA LEU A 407 11.75 28.83 -10.42
C LEU A 407 11.38 27.36 -10.53
N LYS A 408 11.02 26.78 -9.40
CA LYS A 408 10.55 25.40 -9.32
C LYS A 408 9.02 25.23 -9.36
N SER A 409 8.30 26.31 -9.67
CA SER A 409 6.85 26.22 -9.71
C SER A 409 6.27 26.43 -11.13
N PRO A 410 6.43 25.42 -12.00
CA PRO A 410 5.91 25.41 -13.38
C PRO A 410 4.41 25.28 -13.39
N PHE A 411 3.84 24.80 -12.29
CA PHE A 411 2.41 24.54 -12.23
C PHE A 411 1.61 25.86 -12.11
N LEU A 412 2.29 26.91 -11.66
CA LEU A 412 1.71 28.24 -11.67
C LEU A 412 1.97 28.85 -13.05
N ARG A 413 0.90 29.16 -13.77
CA ARG A 413 0.97 29.75 -15.10
C ARG A 413 -0.18 30.74 -15.18
N PRO A 414 -0.03 31.80 -15.98
CA PRO A 414 -1.12 32.78 -16.07
C PRO A 414 -2.45 32.09 -16.34
N ASN A 415 -3.47 32.53 -15.62
CA ASN A 415 -4.82 31.97 -15.71
C ASN A 415 -4.91 30.52 -15.27
N CYS A 416 -4.06 30.09 -14.37
CA CYS A 416 -4.20 28.73 -13.91
C CYS A 416 -5.34 28.69 -12.90
N PRO A 417 -6.01 27.56 -12.79
CA PRO A 417 -7.16 27.45 -11.90
C PRO A 417 -6.93 28.02 -10.49
N ALA A 418 -5.75 27.84 -9.93
CA ALA A 418 -5.50 28.25 -8.55
C ALA A 418 -5.53 29.75 -8.40
N ILE A 419 -5.34 30.45 -9.51
CA ILE A 419 -5.31 31.91 -9.54
C ILE A 419 -6.64 32.44 -10.05
N ALA A 420 -6.95 32.08 -11.29
CA ALA A 420 -8.18 32.50 -11.98
C ALA A 420 -9.47 32.32 -11.18
N ILE A 421 -9.65 31.14 -10.58
CA ILE A 421 -10.89 30.82 -9.85
C ILE A 421 -11.11 31.67 -8.60
N PRO A 422 -10.13 31.73 -7.68
CA PRO A 422 -10.25 32.66 -6.55
C PRO A 422 -10.40 34.11 -6.99
N GLN A 423 -10.04 34.42 -8.23
CA GLN A 423 -10.13 35.78 -8.73
C GLN A 423 -11.57 36.16 -9.07
N ARG A 424 -12.31 35.20 -9.65
CA ARG A 424 -13.71 35.39 -9.97
C ARG A 424 -14.47 35.77 -8.71
N HIS A 425 -14.02 35.25 -7.58
CA HIS A 425 -14.64 35.44 -6.29
C HIS A 425 -14.06 36.61 -5.47
N GLY A 426 -13.16 37.38 -6.08
CA GLY A 426 -12.72 38.63 -5.51
C GLY A 426 -11.35 38.62 -4.88
N TYR A 427 -10.84 37.44 -4.57
CA TYR A 427 -9.48 37.30 -4.06
C TYR A 427 -8.51 37.44 -5.22
N ALA A 428 -7.60 38.41 -5.15
CA ALA A 428 -6.58 38.55 -6.19
C ALA A 428 -5.24 38.02 -5.69
N ALA A 429 -4.51 37.36 -6.59
CA ALA A 429 -3.33 36.61 -6.22
C ALA A 429 -2.06 37.42 -5.85
N GLU A 430 -1.38 36.93 -4.83
CA GLU A 430 -0.05 37.36 -4.47
C GLU A 430 0.81 36.11 -4.44
N ILE A 431 1.92 36.09 -5.14
CA ILE A 431 2.78 34.91 -5.10
C ILE A 431 4.08 35.20 -4.36
N VAL A 432 4.34 34.45 -3.29
CA VAL A 432 5.56 34.62 -2.50
C VAL A 432 6.21 33.27 -2.18
N GLU A 433 7.50 33.32 -1.86
CA GLU A 433 8.21 32.10 -1.47
C GLU A 433 8.06 31.90 0.03
N LEU A 434 7.86 30.65 0.44
CA LEU A 434 7.68 30.32 1.85
C LEU A 434 8.79 30.88 2.74
N LYS A 435 10.01 30.94 2.22
CA LYS A 435 11.13 31.49 2.98
C LYS A 435 10.98 33.00 3.20
N THR A 436 10.32 33.67 2.27
CA THR A 436 10.13 35.11 2.38
C THR A 436 8.99 35.54 3.31
N LEU A 437 7.95 34.69 3.37
CA LEU A 437 6.67 35.02 4.03
C LEU A 437 6.78 35.71 5.39
N PRO A 438 7.54 35.12 6.34
CA PRO A 438 7.66 35.65 7.70
C PRO A 438 7.95 37.15 7.76
N ARG A 439 8.67 37.64 6.75
CA ARG A 439 9.10 39.03 6.69
C ARG A 439 8.13 39.94 5.94
N LEU A 440 6.97 39.37 5.60
CA LEU A 440 5.93 40.06 4.86
C LEU A 440 4.84 40.61 5.78
N GLN A 441 4.59 41.92 5.69
CA GLN A 441 3.53 42.58 6.46
C GLN A 441 2.27 42.60 5.62
N LEU A 442 1.26 41.85 6.03
CA LEU A 442 0.04 41.73 5.23
C LEU A 442 -1.05 42.73 5.64
N GLU A 443 -1.68 43.34 4.65
CA GLU A 443 -2.86 44.17 4.85
C GLU A 443 -3.88 43.28 5.52
N ALA A 444 -4.68 43.79 6.44
CA ALA A 444 -5.64 42.86 7.02
C ALA A 444 -6.91 42.94 6.22
N ILE A 445 -7.11 41.90 5.42
CA ILE A 445 -8.27 41.76 4.57
C ILE A 445 -8.59 40.26 4.43
N PRO A 446 -9.84 39.92 4.12
CA PRO A 446 -10.09 38.49 3.95
C PRO A 446 -9.07 37.87 3.00
N THR A 447 -8.55 36.70 3.38
CA THR A 447 -7.38 36.10 2.72
C THR A 447 -7.46 34.58 2.59
N LEU A 448 -7.08 34.08 1.42
CA LEU A 448 -7.00 32.66 1.16
C LEU A 448 -5.56 32.29 1.01
N ILE A 449 -5.11 31.25 1.71
CA ILE A 449 -3.74 30.77 1.52
C ILE A 449 -3.63 29.37 0.88
N GLN A 450 -2.95 29.31 -0.26
CA GLN A 450 -2.68 28.03 -0.90
C GLN A 450 -1.16 27.78 -0.93
N CYS A 451 -0.71 26.76 -0.19
CA CYS A 451 0.70 26.39 -0.14
C CYS A 451 0.97 25.26 -1.11
N PHE A 452 1.89 25.47 -2.04
CA PHE A 452 2.35 24.34 -2.84
C PHE A 452 3.72 23.95 -2.28
N LEU A 453 3.73 22.85 -1.56
CA LEU A 453 4.91 22.43 -0.83
C LEU A 453 4.96 20.92 -0.87
N ARG A 454 6.14 20.37 -1.15
CA ARG A 454 6.32 18.93 -1.13
C ARG A 454 7.80 18.63 -1.03
N GLY A 455 8.14 17.35 -0.96
CA GLY A 455 9.53 16.96 -0.95
C GLY A 455 10.03 16.69 -2.36
N ASN A 456 11.34 16.76 -2.53
CA ASN A 456 11.95 16.44 -3.81
C ASN A 456 13.45 16.29 -3.67
N PRO A 457 14.16 15.99 -4.77
CA PRO A 457 15.62 16.07 -4.77
C PRO A 457 16.08 17.49 -4.47
N PHE A 458 17.18 17.63 -3.72
CA PHE A 458 17.70 18.92 -3.28
C PHE A 458 16.76 19.69 -2.34
N THR A 459 16.24 18.96 -1.37
CA THR A 459 15.44 19.53 -0.30
C THR A 459 16.11 19.05 0.99
N GLU A 460 16.66 19.99 1.77
CA GLU A 460 17.42 19.65 2.97
C GLU A 460 16.50 19.31 4.14
N LYS A 461 15.44 20.08 4.29
CA LYS A 461 14.35 19.72 5.20
C LYS A 461 13.05 20.23 4.60
N LEU A 462 11.93 19.63 5.02
CA LEU A 462 10.63 19.97 4.44
C LEU A 462 10.13 21.37 4.85
N ALA A 463 8.96 21.75 4.36
CA ALA A 463 8.40 23.06 4.67
C ALA A 463 7.65 23.03 6.00
N ASP A 464 7.86 24.05 6.84
CA ASP A 464 7.07 24.18 8.08
C ASP A 464 6.25 25.47 8.08
N PRO A 465 5.16 25.48 7.31
CA PRO A 465 4.27 26.63 7.18
C PRO A 465 3.43 26.85 8.44
N ILE A 466 3.28 25.82 9.26
CA ILE A 466 2.42 25.89 10.44
C ILE A 466 2.74 27.07 11.37
N ASP A 467 4.01 27.29 11.66
CA ASP A 467 4.40 28.40 12.52
C ASP A 467 4.08 29.75 11.90
N VAL A 468 4.55 29.95 10.68
CA VAL A 468 4.28 31.19 9.94
C VAL A 468 2.79 31.40 9.74
N LEU A 469 2.04 30.30 9.64
CA LEU A 469 0.61 30.38 9.43
C LEU A 469 -0.10 30.84 10.68
N GLN A 470 0.21 30.20 11.81
CA GLN A 470 -0.40 30.58 13.08
C GLN A 470 -0.17 32.06 13.39
N LYS A 471 1.05 32.53 13.15
CA LYS A 471 1.35 33.94 13.27
C LYS A 471 0.33 34.73 12.46
N ILE A 472 0.04 34.25 11.26
CA ILE A 472 -0.84 34.96 10.32
C ILE A 472 -2.34 34.87 10.64
N ALA A 473 -2.78 33.72 11.15
CA ALA A 473 -4.19 33.59 11.53
C ALA A 473 -4.54 34.59 12.63
N ALA A 474 -3.54 34.98 13.43
CA ALA A 474 -3.73 35.96 14.48
C ALA A 474 -3.72 37.38 13.93
N GLN A 475 -2.89 37.60 12.91
CA GLN A 475 -2.71 38.90 12.30
C GLN A 475 -3.83 39.24 11.31
N ILE A 476 -4.42 38.19 10.71
CA ILE A 476 -5.21 38.31 9.47
C ILE A 476 -6.48 37.45 9.52
N PRO A 477 -7.55 37.89 8.82
CA PRO A 477 -8.80 37.12 8.71
C PRO A 477 -8.78 35.98 7.67
N LEU A 478 -8.21 34.83 8.03
CA LEU A 478 -8.14 33.69 7.13
C LEU A 478 -9.50 33.10 6.80
N GLN A 479 -9.78 32.97 5.51
CA GLN A 479 -10.97 32.27 5.06
C GLN A 479 -10.75 30.75 5.07
N GLY A 480 -9.52 30.35 4.79
CA GLY A 480 -9.18 28.94 4.65
C GLY A 480 -7.78 28.77 4.08
N VAL A 481 -7.26 27.55 4.20
CA VAL A 481 -5.91 27.26 3.77
C VAL A 481 -5.93 26.00 2.92
N ILE A 482 -5.43 26.09 1.69
CA ILE A 482 -5.29 24.91 0.83
C ILE A 482 -3.84 24.44 0.79
N PHE A 483 -3.65 23.13 1.00
CA PHE A 483 -2.34 22.49 0.90
C PHE A 483 -2.25 21.62 -0.34
N TYR A 484 -1.30 21.89 -1.20
CA TYR A 484 -1.01 21.03 -2.36
C TYR A 484 0.35 20.41 -2.12
N GLY A 485 0.61 19.20 -2.63
CA GLY A 485 1.83 18.52 -2.25
C GLY A 485 1.74 17.71 -0.98
N SER A 486 2.78 17.78 -0.16
CA SER A 486 2.91 16.97 1.05
C SER A 486 1.72 17.04 2.02
N PRO A 487 1.17 15.87 2.40
CA PRO A 487 0.12 15.69 3.41
C PRO A 487 0.58 15.88 4.86
N TYR A 488 1.84 15.61 5.15
CA TYR A 488 2.25 15.38 6.54
C TYR A 488 2.04 16.56 7.50
N PHE A 489 1.79 17.76 6.97
CA PHE A 489 1.62 18.90 7.86
C PHE A 489 0.16 19.21 8.21
N LEU A 490 -0.74 18.38 7.71
CA LEU A 490 -2.15 18.54 8.02
C LEU A 490 -2.41 18.24 9.49
N GLU A 491 -1.84 17.14 9.97
CA GLU A 491 -1.99 16.74 11.35
C GLU A 491 -1.67 17.92 12.28
N ALA A 492 -0.58 18.61 11.99
CA ALA A 492 -0.20 19.75 12.81
C ALA A 492 -1.04 20.99 12.52
N LEU A 493 -1.67 21.05 11.35
CA LEU A 493 -2.55 22.18 11.05
C LEU A 493 -3.87 22.09 11.81
N GLN A 494 -4.52 20.93 11.74
CA GLN A 494 -5.77 20.73 12.46
C GLN A 494 -5.58 20.99 13.96
N THR A 495 -4.43 20.59 14.49
CA THR A 495 -4.12 20.82 15.91
C THR A 495 -3.76 22.27 16.25
N THR A 496 -3.00 22.92 15.39
CA THR A 496 -2.59 24.30 15.65
C THR A 496 -3.71 25.31 15.32
N LEU A 497 -4.50 25.08 14.27
CA LEU A 497 -5.57 26.01 13.93
C LEU A 497 -6.86 25.32 13.51
N PRO A 498 -7.64 24.84 14.49
CA PRO A 498 -8.91 24.13 14.23
C PRO A 498 -9.98 25.08 13.69
N GLU A 499 -9.87 26.35 14.07
CA GLU A 499 -10.76 27.41 13.61
C GLU A 499 -10.95 27.43 12.10
N ILE A 500 -9.83 27.66 11.38
CA ILE A 500 -9.83 27.86 9.94
C ILE A 500 -9.82 26.54 9.17
N PRO A 501 -10.78 26.39 8.25
CA PRO A 501 -10.96 25.18 7.42
C PRO A 501 -9.82 25.03 6.42
N TRP A 502 -9.49 23.78 6.09
CA TRP A 502 -8.41 23.50 5.16
C TRP A 502 -8.85 22.54 4.08
N TRP A 503 -8.17 22.57 2.94
CA TRP A 503 -8.37 21.57 1.91
C TRP A 503 -7.01 21.09 1.52
N PHE A 504 -6.92 19.86 1.04
CA PHE A 504 -5.62 19.33 0.64
C PHE A 504 -5.69 18.41 -0.59
N SER A 505 -4.73 18.61 -1.50
CA SER A 505 -4.51 17.64 -2.59
C SER A 505 -3.04 17.29 -2.86
N TYR A 506 -2.83 16.09 -3.40
CA TYR A 506 -1.48 15.63 -3.74
C TYR A 506 -0.96 16.30 -4.99
N GLY A 507 -1.86 16.59 -5.92
CA GLY A 507 -1.49 17.19 -7.18
C GLY A 507 -1.20 18.66 -6.98
N GLN A 508 -0.17 19.17 -7.63
CA GLN A 508 0.00 20.59 -7.72
C GLN A 508 -0.49 21.11 -9.06
N ALA A 510 -2.59 21.88 -12.81
CA ALA A 510 -3.72 22.77 -13.05
C ALA A 510 -5.06 22.12 -12.70
N ILE A 511 -5.22 20.87 -13.10
CA ILE A 511 -6.46 20.14 -12.90
C ILE A 511 -6.74 19.76 -11.44
N ALA A 512 -5.68 19.65 -10.64
CA ALA A 512 -5.81 19.38 -9.21
C ALA A 512 -6.25 20.68 -8.57
N GLN A 513 -5.65 21.77 -9.03
CA GLN A 513 -6.06 23.11 -8.61
C GLN A 513 -7.55 23.32 -8.89
N ALA A 514 -7.96 23.10 -10.14
CA ALA A 514 -9.34 23.27 -10.52
C ALA A 514 -10.31 22.52 -9.58
N GLU A 515 -10.04 21.24 -9.31
CA GLU A 515 -10.93 20.47 -8.43
C GLU A 515 -11.11 21.12 -7.06
N ILE A 516 -10.02 21.34 -6.34
CA ILE A 516 -10.11 21.98 -5.04
C ILE A 516 -10.85 23.31 -5.14
N CYS A 517 -10.26 24.26 -5.86
CA CYS A 517 -10.76 25.63 -5.85
C CYS A 517 -12.23 25.72 -6.15
N THR A 518 -12.69 24.95 -7.13
CA THR A 518 -14.11 24.88 -7.42
C THR A 518 -14.94 24.49 -6.17
N SER A 519 -14.48 23.48 -5.44
CA SER A 519 -15.18 22.97 -4.27
C SER A 519 -15.31 24.03 -3.18
N LEU A 520 -14.41 25.00 -3.19
CA LEU A 520 -14.43 26.08 -2.21
C LEU A 520 -15.69 26.92 -2.34
N TRP A 521 -16.33 26.86 -3.51
CA TRP A 521 -17.54 27.63 -3.75
C TRP A 521 -18.68 26.83 -4.38
N ALA A 532 -9.63 38.54 -19.29
CA ALA A 532 -9.48 39.78 -20.07
C ALA A 532 -8.09 39.87 -20.67
N GLU A 533 -7.10 39.33 -19.96
CA GLU A 533 -5.72 39.33 -20.43
C GLU A 533 -5.57 38.20 -21.44
N PHE A 534 -5.22 38.54 -22.69
CA PHE A 534 -4.93 37.54 -23.71
C PHE A 534 -3.46 37.16 -24.03
N ILE A 535 -2.49 37.83 -23.41
CA ILE A 535 -1.08 37.61 -23.75
C ILE A 535 -0.12 37.75 -22.57
N LEU B 9 -2.68 28.82 -56.25
CA LEU B 9 -3.96 29.34 -55.77
C LEU B 9 -5.01 29.34 -56.85
N PRO B 10 -6.28 29.16 -56.45
CA PRO B 10 -7.46 29.21 -57.34
C PRO B 10 -7.84 30.64 -57.71
N PRO B 11 -8.52 30.83 -58.84
CA PRO B 11 -9.00 32.17 -59.17
C PRO B 11 -9.82 32.76 -58.01
N VAL B 12 -9.75 34.07 -57.84
CA VAL B 12 -10.46 34.78 -56.78
C VAL B 12 -11.98 34.59 -56.78
N GLU B 13 -12.55 34.35 -57.95
CA GLU B 13 -14.00 34.26 -58.07
C GLU B 13 -14.54 32.85 -57.84
N SER B 14 -13.64 31.91 -57.60
CA SER B 14 -14.04 30.54 -57.31
C SER B 14 -14.62 30.42 -55.90
N LEU B 15 -14.38 31.44 -55.07
CA LEU B 15 -14.82 31.44 -53.67
C LEU B 15 -16.25 31.93 -53.49
N SER B 16 -17.02 31.24 -52.66
CA SER B 16 -18.36 31.71 -52.32
C SER B 16 -18.22 32.99 -51.49
N LEU B 17 -19.26 33.81 -51.44
CA LEU B 17 -19.18 35.05 -50.69
C LEU B 17 -18.84 34.75 -49.22
N ARG B 18 -19.28 33.60 -48.73
CA ARG B 18 -18.97 33.24 -47.36
C ARG B 18 -17.49 32.93 -47.17
N GLN B 19 -16.85 32.34 -48.18
CA GLN B 19 -15.42 32.05 -48.09
C GLN B 19 -14.57 33.29 -48.32
N ALA B 20 -15.08 34.20 -49.14
CA ALA B 20 -14.36 35.44 -49.38
C ALA B 20 -14.33 36.18 -48.06
N ILE B 21 -15.50 36.40 -47.48
CA ILE B 21 -15.57 37.06 -46.18
C ILE B 21 -14.58 36.43 -45.21
N ALA B 22 -14.56 35.10 -45.18
CA ALA B 22 -13.77 34.35 -44.19
C ALA B 22 -12.26 34.56 -44.30
N GLN B 23 -11.78 34.85 -45.51
CA GLN B 23 -10.37 35.09 -45.71
C GLN B 23 -9.90 36.33 -44.97
N ILE B 25 -10.53 37.12 -42.06
CA ILE B 25 -10.50 36.83 -40.64
C ILE B 25 -9.26 36.02 -40.23
N VAL B 26 -8.60 36.48 -39.17
CA VAL B 26 -7.46 35.77 -38.59
C VAL B 26 -7.80 35.48 -37.13
N VAL B 27 -7.71 34.22 -36.73
CA VAL B 27 -8.11 33.85 -35.38
C VAL B 27 -6.93 33.39 -34.55
N ARG B 28 -7.10 33.52 -33.26
CA ARG B 28 -6.04 33.24 -32.31
C ARG B 28 -6.05 31.80 -31.83
N GLY B 29 -4.86 31.22 -31.73
CA GLY B 29 -4.69 29.85 -31.26
C GLY B 29 -3.38 29.70 -30.48
N ALA B 30 -3.23 28.60 -29.77
CA ALA B 30 -2.02 28.39 -29.01
C ALA B 30 -1.11 27.37 -29.68
N GLY B 31 0.20 27.54 -29.53
CA GLY B 31 1.17 26.64 -30.13
C GLY B 31 1.14 25.24 -29.55
N TYR B 32 0.87 25.13 -28.24
CA TYR B 32 0.74 23.82 -27.59
C TYR B 32 -0.23 22.92 -28.36
N LEU B 33 0.15 21.65 -28.51
CA LEU B 33 -0.63 20.74 -29.34
C LEU B 33 -2.05 20.48 -28.80
N PHE B 34 -2.23 20.57 -27.48
CA PHE B 34 -3.47 20.10 -26.89
C PHE B 34 -4.28 21.18 -26.19
N ASP B 35 -5.58 20.95 -26.07
CA ASP B 35 -6.48 21.94 -25.48
C ASP B 35 -6.18 22.28 -24.02
N TYR B 36 -5.98 21.26 -23.19
CA TYR B 36 -5.78 21.51 -21.78
C TYR B 36 -4.56 22.39 -21.52
N GLU B 37 -3.68 22.48 -22.50
CA GLU B 37 -2.46 23.27 -22.37
C GLU B 37 -2.67 24.78 -22.62
N ARG B 38 -3.79 25.16 -23.22
CA ARG B 38 -4.01 26.57 -23.51
C ARG B 38 -4.09 27.39 -22.23
N PRO B 39 -3.19 28.35 -22.04
CA PRO B 39 -3.26 29.27 -20.90
C PRO B 39 -4.40 30.28 -20.98
N TYR B 40 -4.93 30.51 -22.18
CA TYR B 40 -6.00 31.50 -22.36
C TYR B 40 -7.17 30.96 -23.18
N PRO B 41 -7.89 29.98 -22.63
CA PRO B 41 -8.94 29.28 -23.36
C PRO B 41 -9.98 30.21 -23.96
N GLN B 42 -10.38 31.24 -23.22
CA GLN B 42 -11.36 32.19 -23.75
C GLN B 42 -10.95 32.72 -25.12
N TRP B 43 -9.71 33.17 -25.26
CA TRP B 43 -9.29 33.77 -26.53
C TRP B 43 -8.74 32.78 -27.56
N GLU B 44 -8.39 31.58 -27.10
CA GLU B 44 -7.63 30.65 -27.93
C GLU B 44 -8.49 29.48 -28.35
N ALA B 45 -8.74 29.37 -29.65
CA ALA B 45 -9.66 28.36 -30.14
C ALA B 45 -9.20 26.94 -29.83
N ASP B 46 -10.10 26.12 -29.30
CA ASP B 46 -9.77 24.71 -29.08
C ASP B 46 -9.60 24.05 -30.43
N GLN B 47 -8.97 22.88 -30.45
CA GLN B 47 -8.60 22.26 -31.71
C GLN B 47 -9.76 21.93 -32.65
N THR B 48 -10.89 21.51 -32.10
CA THR B 48 -12.11 21.32 -32.89
C THR B 48 -12.57 22.62 -33.56
N THR B 49 -12.79 23.67 -32.77
CA THR B 49 -13.20 24.95 -33.34
C THR B 49 -12.25 25.38 -34.45
N LEU B 50 -10.96 25.36 -34.14
CA LEU B 50 -9.95 25.73 -35.11
C LEU B 50 -10.08 24.95 -36.41
N GLN B 51 -10.46 23.69 -36.32
CA GLN B 51 -10.55 22.88 -37.53
C GLN B 51 -11.78 23.27 -38.34
N ARG B 52 -12.88 23.50 -37.64
CA ARG B 52 -14.12 23.96 -38.25
C ARG B 52 -13.94 25.32 -38.97
N TRP B 53 -13.45 26.31 -38.25
CA TRP B 53 -13.22 27.63 -38.83
C TRP B 53 -12.31 27.60 -40.04
N ILE B 54 -11.28 26.78 -40.00
CA ILE B 54 -10.34 26.68 -41.11
C ILE B 54 -11.01 26.11 -42.35
N GLU B 55 -11.84 25.10 -42.14
CA GLU B 55 -12.48 24.44 -43.27
C GLU B 55 -13.55 25.34 -43.86
N ALA B 56 -14.06 26.25 -43.04
CA ALA B 56 -15.00 27.26 -43.51
C ALA B 56 -14.31 28.33 -44.37
N GLY B 57 -12.99 28.27 -44.47
CA GLY B 57 -12.24 29.21 -45.27
C GLY B 57 -11.59 30.40 -44.59
N ILE B 58 -11.40 30.29 -43.28
CA ILE B 58 -10.76 31.33 -42.49
C ILE B 58 -9.39 31.72 -43.06
N GLY B 59 -9.08 33.02 -43.00
CA GLY B 59 -7.89 33.56 -43.63
C GLY B 59 -6.54 33.14 -43.06
N GLY B 60 -6.36 33.35 -41.76
CA GLY B 60 -5.12 32.97 -41.11
C GLY B 60 -5.32 32.75 -39.63
N VAL B 61 -4.28 32.26 -38.96
CA VAL B 61 -4.29 32.10 -37.53
C VAL B 61 -3.16 32.92 -36.94
N ILE B 62 -3.33 33.45 -35.75
CA ILE B 62 -2.18 33.93 -34.99
C ILE B 62 -1.94 33.04 -33.78
N LEU B 63 -0.69 32.64 -33.57
CA LEU B 63 -0.30 31.70 -32.51
C LEU B 63 0.51 32.37 -31.41
N LEU B 64 0.23 31.96 -30.17
CA LEU B 64 1.01 32.37 -29.02
C LEU B 64 1.33 31.15 -28.16
N GLY B 65 2.54 31.06 -27.64
CA GLY B 65 2.91 29.98 -26.75
C GLY B 65 3.38 28.70 -27.41
N GLY B 66 4.11 27.89 -26.67
CA GLY B 66 4.72 26.68 -27.21
C GLY B 66 6.22 26.81 -27.43
N SER B 67 6.93 25.69 -27.39
CA SER B 67 8.32 25.75 -27.74
C SER B 67 8.34 25.81 -29.25
N ALA B 68 9.51 25.99 -29.86
CA ALA B 68 9.59 26.07 -31.31
C ALA B 68 9.21 24.75 -31.98
N ALA B 69 9.63 23.64 -31.40
CA ALA B 69 9.29 22.33 -31.94
C ALA B 69 7.81 22.12 -31.86
N GLU B 70 7.22 22.50 -30.73
CA GLU B 70 5.80 22.37 -30.54
C GLU B 70 5.11 23.11 -31.70
N VAL B 71 5.60 24.30 -32.02
CA VAL B 71 4.89 25.13 -33.00
C VAL B 71 4.93 24.59 -34.42
N ALA B 72 6.04 24.00 -34.82
CA ALA B 72 6.20 23.39 -36.14
C ALA B 72 5.17 22.28 -36.35
N GLN B 73 4.94 21.51 -35.30
CA GLN B 73 3.89 20.51 -35.30
C GLN B 73 2.57 21.20 -35.58
N LYS B 74 2.29 22.25 -34.82
CA LYS B 74 1.01 22.97 -34.92
C LYS B 74 0.77 23.47 -36.36
N THR B 75 1.76 24.09 -36.97
CA THR B 75 1.49 24.79 -38.20
C THR B 75 1.26 23.79 -39.32
N LYS B 76 2.04 22.71 -39.32
CA LYS B 76 1.85 21.61 -40.26
C LYS B 76 0.40 21.15 -40.15
N GLN B 77 -0.01 20.88 -38.90
CA GLN B 77 -1.37 20.48 -38.60
C GLN B 77 -2.40 21.46 -39.21
N LEU B 78 -2.29 22.76 -38.91
CA LEU B 78 -3.24 23.76 -39.40
C LEU B 78 -3.32 23.91 -40.94
N GLN B 79 -2.18 23.98 -41.62
CA GLN B 79 -2.16 24.06 -43.07
C GLN B 79 -2.82 22.85 -43.75
N SER B 80 -2.78 21.71 -43.07
CA SER B 80 -3.33 20.49 -43.63
C SER B 80 -4.85 20.57 -43.81
N TRP B 81 -5.52 21.30 -42.92
CA TRP B 81 -6.97 21.46 -42.98
C TRP B 81 -7.46 22.54 -43.96
N ALA B 82 -6.51 23.26 -44.55
CA ALA B 82 -6.83 24.43 -45.37
C ALA B 82 -6.72 24.13 -46.85
N GLU B 83 -7.74 24.56 -47.62
CA GLU B 83 -7.63 24.50 -49.06
C GLU B 83 -6.86 25.71 -49.57
N ILE B 84 -7.17 26.88 -49.03
CA ILE B 84 -6.38 28.07 -49.32
C ILE B 84 -5.35 28.22 -48.20
N PRO B 85 -4.05 28.19 -48.53
CA PRO B 85 -3.04 28.21 -47.46
C PRO B 85 -3.27 29.36 -46.49
N LEU B 86 -3.05 29.10 -45.21
CA LEU B 86 -3.29 30.10 -44.19
C LEU B 86 -2.13 31.05 -44.06
N LEU B 87 -2.43 32.31 -43.75
CA LEU B 87 -1.43 33.15 -43.13
C LEU B 87 -1.31 32.64 -41.69
N ILE B 88 -0.10 32.37 -41.25
CA ILE B 88 0.14 32.00 -39.86
C ILE B 88 1.06 33.05 -39.22
N ALA B 89 0.59 33.74 -38.20
CA ALA B 89 1.36 34.84 -37.62
C ALA B 89 1.67 34.63 -36.16
N ALA B 90 2.74 35.27 -35.69
CA ALA B 90 3.01 35.39 -34.26
C ALA B 90 3.59 36.78 -34.08
N ASP B 91 3.63 37.31 -32.86
CA ASP B 91 4.31 38.59 -32.76
C ASP B 91 5.67 38.22 -32.29
N ILE B 92 6.60 38.17 -33.24
CA ILE B 92 7.96 37.95 -32.88
C ILE B 92 8.63 39.26 -33.29
N GLU B 93 8.75 40.15 -32.31
CA GLU B 93 9.41 41.45 -32.42
C GLU B 93 10.91 41.37 -32.12
N GLU B 94 11.13 40.59 -31.06
CA GLU B 94 12.39 40.27 -30.42
C GLU B 94 13.01 38.95 -30.87
N GLY B 95 12.49 38.41 -31.97
CA GLY B 95 13.04 37.23 -32.59
C GLY B 95 12.08 36.09 -32.34
N VAL B 96 12.08 35.07 -33.18
CA VAL B 96 11.12 34.01 -32.98
C VAL B 96 11.20 33.46 -31.54
N GLY B 97 12.38 33.57 -30.93
CA GLY B 97 12.61 32.99 -29.63
C GLY B 97 11.93 33.73 -28.50
N GLN B 98 11.46 34.93 -28.78
CA GLN B 98 10.68 35.68 -27.82
C GLN B 98 9.40 34.90 -27.51
N ARG B 99 8.76 34.39 -28.56
CA ARG B 99 7.53 33.63 -28.43
C ARG B 99 7.71 32.15 -28.14
N PHE B 100 8.38 31.47 -29.05
CA PHE B 100 8.55 30.04 -28.91
C PHE B 100 10.02 29.68 -28.63
N ARG B 101 10.30 29.25 -27.40
CA ARG B 101 11.67 29.01 -27.01
C ARG B 101 12.28 27.89 -27.83
N GLY B 102 13.59 27.96 -27.99
CA GLY B 102 14.32 27.06 -28.87
C GLY B 102 14.69 27.76 -30.14
N ALA B 103 13.94 28.81 -30.48
CA ALA B 103 14.32 29.70 -31.58
C ALA B 103 15.11 30.83 -30.96
N THR B 104 15.57 31.77 -31.77
CA THR B 104 16.55 32.76 -31.32
C THR B 104 15.88 33.97 -30.69
N GLU B 105 16.30 34.33 -29.49
CA GLU B 105 15.74 35.53 -28.85
C GLU B 105 16.71 36.71 -28.94
N PHE B 106 16.26 37.76 -29.62
CA PHE B 106 17.00 39.00 -29.72
C PHE B 106 16.70 40.01 -28.60
N PRO B 107 17.65 40.89 -28.27
CA PRO B 107 17.29 41.93 -27.30
C PRO B 107 16.24 42.81 -27.95
N PRO B 108 15.51 43.58 -27.16
CA PRO B 108 14.42 44.40 -27.70
C PRO B 108 14.90 45.52 -28.62
N PRO B 109 14.03 45.95 -29.53
CA PRO B 109 14.43 46.94 -30.52
C PRO B 109 15.13 48.16 -29.92
N ALA B 111 17.31 48.57 -27.76
CA ALA B 111 18.74 48.31 -27.62
C ALA B 111 19.50 48.61 -28.92
N PHE B 112 18.85 48.37 -30.05
CA PHE B 112 19.39 48.67 -31.35
C PHE B 112 19.42 50.19 -31.53
N GLY B 113 18.38 50.86 -31.05
CA GLY B 113 18.32 52.30 -31.12
C GLY B 113 19.41 52.91 -30.27
N GLU B 114 19.66 52.30 -29.12
CA GLU B 114 20.72 52.72 -28.21
C GLU B 114 22.05 52.76 -28.92
N ILE B 115 22.36 51.68 -29.64
CA ILE B 115 23.62 51.61 -30.38
C ILE B 115 23.63 52.68 -31.44
N TRP B 116 22.48 52.94 -32.04
CA TRP B 116 22.41 53.84 -33.18
C TRP B 116 22.79 55.25 -32.82
N ARG B 117 22.69 55.59 -31.53
CA ARG B 117 23.00 56.95 -31.10
C ARG B 117 24.44 57.32 -31.43
N THR B 118 25.37 56.50 -30.93
CA THR B 118 26.82 56.58 -31.12
C THR B 118 27.42 55.99 -32.39
N ASP B 119 26.84 54.90 -32.90
CA ASP B 119 27.36 54.20 -34.08
C ASP B 119 26.24 53.69 -35.00
N PRO B 120 25.63 54.60 -35.78
CA PRO B 120 24.49 54.14 -36.58
C PRO B 120 24.82 53.00 -37.54
N HIS B 121 26.00 53.02 -38.14
CA HIS B 121 26.28 52.06 -39.19
C HIS B 121 26.18 50.63 -38.67
N GLN B 122 26.77 50.37 -37.51
CA GLN B 122 26.66 49.05 -36.93
C GLN B 122 25.23 48.74 -36.59
N ALA B 123 24.62 49.61 -35.80
CA ALA B 123 23.25 49.41 -35.36
C ALA B 123 22.30 49.03 -36.53
N ILE B 124 22.46 49.66 -37.68
CA ILE B 124 21.66 49.29 -38.86
C ILE B 124 21.99 47.90 -39.42
N ALA B 125 23.27 47.57 -39.45
CA ALA B 125 23.68 46.23 -39.91
C ALA B 125 23.23 45.10 -38.96
N LEU B 126 23.20 45.39 -37.66
CA LEU B 126 22.72 44.45 -36.64
C LEU B 126 21.23 44.25 -36.78
N ALA B 127 20.50 45.36 -36.94
CA ALA B 127 19.06 45.31 -37.11
C ALA B 127 18.68 44.51 -38.33
N GLU B 128 19.50 44.59 -39.38
CA GLU B 128 19.22 43.84 -40.60
C GLU B 128 19.41 42.34 -40.33
N THR B 129 20.46 42.01 -39.59
CA THR B 129 20.66 40.64 -39.14
C THR B 129 19.51 40.10 -38.30
N GLY B 131 16.41 41.12 -38.57
CA GLY B 131 15.33 40.93 -39.52
C GLY B 131 15.46 39.64 -40.32
N ALA B 132 16.66 39.37 -40.82
CA ALA B 132 16.89 38.19 -41.62
C ALA B 132 16.82 36.91 -40.78
N THR B 133 17.41 36.93 -39.58
CA THR B 133 17.39 35.74 -38.73
C THR B 133 15.96 35.43 -38.32
N THR B 134 15.18 36.48 -38.07
CA THR B 134 13.78 36.32 -37.66
C THR B 134 12.87 35.74 -38.76
N ALA B 135 13.01 36.26 -39.96
CA ALA B 135 12.29 35.71 -41.10
C ALA B 135 12.69 34.27 -41.32
N GLN B 136 13.99 34.01 -41.24
CA GLN B 136 14.51 32.68 -41.52
C GLN B 136 13.99 31.67 -40.54
N GLU B 137 14.10 31.97 -39.25
CA GLU B 137 13.57 31.05 -38.23
C GLU B 137 12.05 30.91 -38.28
N ALA B 138 11.33 32.00 -38.54
CA ALA B 138 9.87 31.95 -38.69
C ALA B 138 9.46 30.96 -39.78
N LEU B 139 10.01 31.12 -40.99
CA LEU B 139 9.74 30.16 -42.08
C LEU B 139 9.95 28.75 -41.61
N SER B 140 11.02 28.54 -40.86
CA SER B 140 11.35 27.22 -40.38
C SER B 140 10.18 26.57 -39.63
N LEU B 141 9.49 27.36 -38.82
CA LEU B 141 8.46 26.83 -37.94
C LEU B 141 7.11 26.74 -38.63
N GLY B 142 7.02 27.37 -39.80
CA GLY B 142 5.76 27.41 -40.52
C GLY B 142 5.03 28.73 -40.33
N ILE B 143 5.73 29.70 -39.74
CA ILE B 143 5.18 31.03 -39.51
C ILE B 143 5.56 31.88 -40.69
N ASN B 144 4.57 32.23 -41.51
CA ASN B 144 4.78 33.08 -42.70
C ASN B 144 4.41 34.56 -42.53
N TRP B 145 3.88 34.94 -41.38
CA TRP B 145 3.49 36.33 -41.21
C TRP B 145 4.14 36.83 -39.93
N VAL B 146 5.10 37.73 -40.11
CA VAL B 146 5.88 38.26 -39.01
C VAL B 146 5.24 39.58 -38.63
N LEU B 147 4.72 39.72 -37.41
CA LEU B 147 4.04 40.98 -37.18
C LEU B 147 5.05 41.82 -36.42
N ALA B 148 5.71 42.64 -37.21
CA ALA B 148 6.90 43.37 -36.81
C ALA B 148 7.44 43.92 -38.10
N PRO B 149 8.22 45.00 -38.05
CA PRO B 149 8.73 45.73 -36.88
C PRO B 149 7.70 46.67 -36.27
N VAL B 150 7.77 46.92 -34.97
CA VAL B 150 7.00 48.02 -34.39
C VAL B 150 7.64 49.33 -34.83
N LEU B 151 6.85 50.20 -35.47
CA LEU B 151 7.33 51.52 -35.93
C LEU B 151 6.95 52.70 -35.02
N ASP B 152 6.32 52.39 -33.91
CA ASP B 152 6.00 53.41 -32.94
C ASP B 152 7.28 54.14 -32.56
N VAL B 153 7.19 55.46 -32.46
CA VAL B 153 8.26 56.27 -31.88
C VAL B 153 7.94 56.54 -30.43
N ASN B 154 8.77 56.09 -29.50
CA ASN B 154 8.33 56.22 -28.13
C ASN B 154 8.88 57.57 -27.64
N ASN B 155 8.01 58.58 -27.66
CA ASN B 155 8.31 59.93 -27.19
C ASN B 155 8.07 59.95 -25.71
N ASN B 156 7.04 59.23 -25.31
CA ASN B 156 6.58 59.32 -23.95
C ASN B 156 7.24 58.24 -23.11
N PRO B 157 8.18 58.65 -22.25
CA PRO B 157 8.94 57.73 -21.40
C PRO B 157 8.03 56.94 -20.46
N HIS B 158 6.79 57.40 -20.32
CA HIS B 158 5.82 56.76 -19.44
C HIS B 158 4.94 55.76 -20.18
N ASN B 159 5.14 55.67 -21.49
CA ASN B 159 4.33 54.80 -22.31
C ASN B 159 4.53 53.37 -21.85
N PRO B 160 3.47 52.77 -21.29
CA PRO B 160 3.40 51.43 -20.72
C PRO B 160 3.43 50.26 -21.71
N VAL B 161 2.72 50.39 -22.82
CA VAL B 161 2.58 49.30 -23.79
C VAL B 161 3.69 49.13 -24.83
N ILE B 162 4.25 50.24 -25.29
CA ILE B 162 5.28 50.20 -26.30
C ILE B 162 6.65 50.10 -25.61
N ASN B 163 7.09 51.20 -25.03
CA ASN B 163 8.30 51.20 -24.20
C ASN B 163 9.48 50.74 -25.05
N ILE B 164 10.24 49.75 -24.54
CA ILE B 164 11.41 49.26 -25.22
C ILE B 164 11.11 48.44 -26.49
N ARG B 165 9.83 48.17 -26.76
CA ARG B 165 9.42 47.52 -28.02
C ARG B 165 9.68 48.41 -29.24
N ALA B 166 9.79 49.71 -29.01
CA ALA B 166 10.11 50.65 -30.06
C ALA B 166 11.62 50.65 -30.32
N PHE B 167 12.04 50.84 -31.57
CA PHE B 167 13.47 50.97 -31.87
C PHE B 167 14.09 52.27 -31.38
N GLY B 168 13.28 53.22 -30.93
CA GLY B 168 13.84 54.43 -30.36
C GLY B 168 12.89 55.60 -30.11
N GLU B 169 13.46 56.74 -29.77
CA GLU B 169 12.67 57.94 -29.46
C GLU B 169 12.52 58.98 -30.57
N THR B 170 13.08 58.72 -31.75
CA THR B 170 12.96 59.71 -32.84
C THR B 170 12.63 59.07 -34.18
N PRO B 171 11.91 59.81 -35.03
CA PRO B 171 11.47 59.32 -36.34
C PRO B 171 12.60 58.78 -37.23
N ASP B 172 13.70 59.54 -37.32
N ASP B 172 13.73 59.48 -37.40
CA ASP B 172 14.89 59.18 -38.10
CA ASP B 172 14.77 58.92 -38.27
C ASP B 172 15.55 57.88 -37.61
C ASP B 172 15.51 57.74 -37.62
N GLN B 173 15.58 57.72 -36.29
CA GLN B 173 16.10 56.55 -35.62
C GLN B 173 15.24 55.31 -35.95
N VAL B 174 13.92 55.41 -35.78
CA VAL B 174 13.02 54.30 -36.09
C VAL B 174 12.98 53.95 -37.57
N SER B 175 12.87 54.95 -38.44
CA SER B 175 12.87 54.72 -39.87
C SER B 175 14.03 53.85 -40.27
N ALA B 176 15.23 54.22 -39.82
CA ALA B 176 16.46 53.52 -40.19
C ALA B 176 16.47 52.08 -39.73
N LEU B 177 16.35 51.90 -38.42
CA LEU B 177 16.31 50.57 -37.81
C LEU B 177 15.12 49.70 -38.28
N GLY B 178 13.94 50.32 -38.37
CA GLY B 178 12.74 49.67 -38.84
C GLY B 178 12.88 49.17 -40.27
N THR B 179 13.36 50.02 -41.16
CA THR B 179 13.52 49.61 -42.56
C THR B 179 14.63 48.56 -42.71
N ALA B 180 15.66 48.65 -41.88
CA ALA B 180 16.71 47.64 -41.90
C ALA B 180 16.11 46.28 -41.59
N PHE B 181 15.39 46.22 -40.48
CA PHE B 181 14.74 44.99 -40.07
C PHE B 181 13.93 44.42 -41.23
N ILE B 182 13.16 45.28 -41.88
CA ILE B 182 12.39 44.87 -43.05
C ILE B 182 13.28 44.28 -44.17
N ARG B 183 14.29 45.04 -44.62
CA ARG B 183 15.21 44.56 -45.66
C ARG B 183 15.89 43.26 -45.29
N GLY B 184 16.10 43.04 -43.99
CA GLY B 184 16.70 41.81 -43.52
C GLY B 184 15.73 40.65 -43.75
N ALA B 185 14.51 40.84 -43.30
CA ALA B 185 13.50 39.82 -43.47
C ALA B 185 13.15 39.65 -44.94
N GLN B 186 13.41 40.66 -45.76
CA GLN B 186 13.01 40.59 -47.18
C GLN B 186 13.80 39.57 -47.97
N GLN B 187 14.85 39.05 -47.35
CA GLN B 187 15.60 37.94 -47.91
C GLN B 187 14.83 36.61 -47.87
N TYR B 188 13.67 36.58 -47.22
CA TYR B 188 12.87 35.35 -47.15
C TYR B 188 11.40 35.63 -47.51
N ALA B 189 10.62 34.61 -47.86
CA ALA B 189 9.28 34.98 -48.22
C ALA B 189 8.42 34.87 -46.98
N VAL B 190 8.12 36.05 -46.44
CA VAL B 190 7.30 36.20 -45.25
C VAL B 190 6.71 37.59 -45.36
N LEU B 191 5.56 37.78 -44.75
CA LEU B 191 5.00 39.11 -44.64
C LEU B 191 5.61 39.84 -43.44
N THR B 192 5.90 41.12 -43.62
CA THR B 192 6.35 41.97 -42.54
C THR B 192 5.20 42.92 -42.31
N THR B 193 4.98 43.30 -41.05
CA THR B 193 3.87 44.15 -40.69
C THR B 193 4.41 45.38 -39.97
N ALA B 194 4.01 46.59 -40.40
CA ALA B 194 4.27 47.78 -39.56
C ALA B 194 3.21 47.98 -38.46
N LYS B 195 3.63 48.31 -37.25
CA LYS B 195 2.72 48.54 -36.12
C LYS B 195 3.16 49.80 -35.38
N HIS B 196 2.22 50.51 -34.76
CA HIS B 196 0.80 50.32 -34.95
C HIS B 196 0.30 51.67 -35.44
N PHE B 197 -0.11 51.75 -36.70
CA PHE B 197 -0.42 53.03 -37.35
C PHE B 197 -1.61 53.78 -36.72
N PRO B 198 -1.52 55.13 -36.62
CA PRO B 198 -0.42 56.07 -36.84
C PRO B 198 0.43 56.31 -35.58
N GLY B 199 0.78 55.20 -34.97
CA GLY B 199 1.81 55.07 -33.96
C GLY B 199 1.20 55.30 -32.60
N HIS B 200 1.59 54.39 -31.71
CA HIS B 200 1.11 54.27 -30.35
C HIS B 200 2.16 54.90 -29.47
N GLY B 201 3.17 55.46 -30.12
CA GLY B 201 4.34 55.99 -29.44
C GLY B 201 4.10 56.91 -28.26
N ASP B 202 3.24 57.92 -28.42
CA ASP B 202 3.04 58.88 -27.36
C ASP B 202 1.65 58.73 -26.84
N THR B 203 1.53 58.01 -25.73
CA THR B 203 0.36 57.97 -24.87
C THR B 203 0.94 57.41 -23.61
N ALA B 204 0.28 57.64 -22.47
CA ALA B 204 0.55 56.86 -21.29
C ALA B 204 -0.53 55.78 -21.10
N THR B 205 -1.45 55.71 -22.06
CA THR B 205 -2.56 54.77 -21.95
C THR B 205 -2.40 53.57 -22.86
N ASP B 206 -2.45 52.38 -22.27
CA ASP B 206 -2.40 51.10 -23.00
C ASP B 206 -3.76 50.73 -23.61
N SER B 207 -3.81 50.63 -24.95
CA SER B 207 -5.06 50.42 -25.68
C SER B 207 -5.70 49.03 -25.46
N HIS B 208 -4.93 48.09 -24.95
CA HIS B 208 -5.48 46.84 -24.40
C HIS B 208 -6.49 47.08 -23.27
N LEU B 209 -6.19 48.04 -22.40
CA LEU B 209 -7.08 48.42 -21.30
C LEU B 209 -8.18 49.43 -21.62
N ALA B 210 -7.86 50.45 -22.41
CA ALA B 210 -8.76 51.59 -22.62
C ALA B 210 -8.44 52.26 -23.94
N LEU B 211 -9.31 53.13 -24.42
CA LEU B 211 -9.07 53.86 -25.67
C LEU B 211 -8.20 55.08 -25.44
N PRO B 212 -6.97 55.06 -25.95
CA PRO B 212 -6.07 56.21 -25.83
C PRO B 212 -6.57 57.45 -26.57
N THR B 213 -6.43 58.60 -25.94
CA THR B 213 -6.76 59.84 -26.62
C THR B 213 -5.50 60.50 -27.12
N ILE B 214 -5.51 60.89 -28.39
CA ILE B 214 -4.37 61.52 -29.02
C ILE B 214 -4.67 62.93 -29.53
N SER B 215 -4.05 63.92 -28.90
CA SER B 215 -4.42 65.32 -29.09
C SER B 215 -3.60 66.03 -30.16
N HIS B 216 -2.74 65.27 -30.83
CA HIS B 216 -1.83 65.87 -31.81
C HIS B 216 -2.54 66.27 -33.08
N ASP B 217 -2.13 67.38 -33.68
CA ASP B 217 -2.70 67.85 -34.93
C ASP B 217 -2.09 67.08 -36.10
N ASP B 218 -2.45 67.45 -37.33
CA ASP B 218 -1.99 66.72 -38.52
C ASP B 218 -0.48 66.92 -38.69
N THR B 219 -0.05 68.16 -38.52
CA THR B 219 1.34 68.53 -38.70
C THR B 219 2.27 67.70 -37.81
N ARG B 220 2.03 67.73 -36.51
CA ARG B 220 2.78 66.90 -35.58
C ARG B 220 2.81 65.41 -36.00
N LEU B 221 1.67 64.86 -36.40
CA LEU B 221 1.61 63.47 -36.84
C LEU B 221 2.57 63.22 -37.99
N ASN B 222 2.65 64.16 -38.94
CA ASN B 222 3.50 63.96 -40.11
C ASN B 222 4.98 64.18 -39.79
N THR B 223 5.25 64.92 -38.73
CA THR B 223 6.61 65.21 -38.30
C THR B 223 7.23 64.04 -37.51
N VAL B 224 6.50 63.53 -36.52
CA VAL B 224 7.03 62.47 -35.67
C VAL B 224 6.46 61.10 -36.08
N GLU B 225 5.19 60.91 -35.80
CA GLU B 225 4.55 59.60 -35.92
C GLU B 225 4.67 58.93 -37.29
N LEU B 226 4.27 59.63 -38.35
CA LEU B 226 4.17 59.03 -39.69
C LEU B 226 5.46 58.61 -40.42
N PRO B 227 6.51 59.46 -40.42
CA PRO B 227 7.69 59.23 -41.27
C PRO B 227 8.28 57.81 -41.24
N PRO B 228 8.31 57.16 -40.07
CA PRO B 228 8.67 55.74 -40.05
C PRO B 228 7.77 54.87 -40.96
N PHE B 229 6.47 55.10 -40.91
CA PHE B 229 5.53 54.27 -41.67
C PHE B 229 5.72 54.44 -43.16
N LYS B 230 5.96 55.67 -43.61
CA LYS B 230 6.22 55.90 -45.01
C LYS B 230 7.51 55.18 -45.42
N ALA B 231 8.53 55.24 -44.57
CA ALA B 231 9.81 54.62 -44.92
C ALA B 231 9.64 53.12 -45.16
N ALA B 232 8.78 52.50 -44.36
CA ALA B 232 8.47 51.08 -44.51
C ALA B 232 7.59 50.82 -45.74
N ILE B 233 6.70 51.75 -46.08
CA ILE B 233 5.82 51.57 -47.23
C ILE B 233 6.64 51.59 -48.52
N GLN B 234 7.50 52.58 -48.66
CA GLN B 234 8.38 52.63 -49.82
C GLN B 234 9.33 51.44 -49.78
N GLY B 235 9.62 50.95 -48.58
CA GLY B 235 10.47 49.79 -48.42
C GLY B 235 9.76 48.46 -48.69
N GLY B 236 8.45 48.54 -48.93
CA GLY B 236 7.66 47.36 -49.27
C GLY B 236 7.02 46.52 -48.16
N VAL B 237 6.82 47.09 -46.97
CA VAL B 237 6.18 46.35 -45.90
C VAL B 237 4.86 45.86 -46.44
N ASP B 238 4.54 44.59 -46.17
CA ASP B 238 3.44 43.88 -46.85
C ASP B 238 2.06 44.19 -46.28
N ALA B 239 2.05 44.51 -44.99
CA ALA B 239 0.85 44.79 -44.21
C ALA B 239 1.12 45.92 -43.23
N VAL B 240 0.11 46.73 -42.92
CA VAL B 240 0.26 47.76 -41.90
C VAL B 240 -0.82 47.63 -40.83
N ASN B 242 -2.97 48.79 -37.59
N ASN B 242 -2.97 48.75 -37.55
CA ASN B 242 -3.37 50.07 -37.02
CA ASN B 242 -3.41 50.03 -37.01
C ASN B 242 -3.75 49.94 -35.54
C ASN B 242 -3.83 49.96 -35.53
N ALA B 243 -3.45 50.99 -34.78
CA ALA B 243 -3.82 51.09 -33.37
C ALA B 243 -5.29 51.52 -33.10
N HIS B 244 -5.84 51.17 -31.93
CA HIS B 244 -7.13 51.74 -31.56
C HIS B 244 -6.80 52.99 -30.78
N LEU B 245 -7.03 54.13 -31.41
CA LEU B 245 -6.68 55.42 -30.83
C LEU B 245 -7.72 56.41 -31.28
N ILE B 247 -8.13 59.87 -32.53
CA ILE B 247 -7.38 61.02 -33.02
C ILE B 247 -8.36 62.02 -33.63
N PRO B 248 -8.89 62.92 -32.77
CA PRO B 248 -9.90 63.92 -33.12
C PRO B 248 -9.49 64.75 -34.33
N ALA B 249 -8.24 65.20 -34.34
CA ALA B 249 -7.69 65.95 -35.45
C ALA B 249 -8.00 65.26 -36.79
N TRP B 250 -7.92 63.93 -36.81
CA TRP B 250 -8.31 63.13 -37.97
C TRP B 250 -9.76 62.68 -38.15
N ASP B 251 -10.34 62.13 -37.09
CA ASP B 251 -11.74 61.68 -37.10
C ASP B 251 -12.35 62.04 -35.76
N GLN B 252 -13.42 62.82 -35.76
CA GLN B 252 -14.00 63.25 -34.50
C GLN B 252 -14.83 62.16 -33.85
N GLN B 253 -15.48 61.33 -34.67
CA GLN B 253 -16.35 60.25 -34.17
C GLN B 253 -15.82 58.81 -34.00
N TYR B 254 -14.67 58.47 -34.55
CA TYR B 254 -14.26 57.06 -34.53
C TYR B 254 -12.79 56.89 -34.22
N PRO B 255 -12.45 55.82 -33.48
CA PRO B 255 -11.06 55.39 -33.34
C PRO B 255 -10.45 55.03 -34.70
N ALA B 256 -9.13 55.04 -34.79
CA ALA B 256 -8.41 54.75 -36.03
C ALA B 256 -8.86 53.44 -36.70
N THR B 257 -9.08 52.42 -35.88
CA THR B 257 -9.53 51.12 -36.35
C THR B 257 -10.84 51.17 -37.14
N LEU B 258 -11.79 51.95 -36.63
CA LEU B 258 -13.11 52.10 -37.24
C LEU B 258 -13.31 53.34 -38.14
N SER B 259 -12.28 54.13 -38.39
CA SER B 259 -12.44 55.40 -39.13
C SER B 259 -12.00 55.40 -40.59
N PRO B 260 -12.94 55.59 -41.52
CA PRO B 260 -12.53 55.61 -42.94
C PRO B 260 -11.60 56.76 -43.25
N ALA B 261 -11.74 57.88 -42.53
CA ALA B 261 -10.84 59.02 -42.72
C ALA B 261 -9.37 58.64 -42.50
N ILE B 262 -9.15 57.91 -41.42
CA ILE B 262 -7.82 57.47 -41.08
C ILE B 262 -7.29 56.29 -41.92
N LEU B 263 -8.06 55.20 -42.05
CA LEU B 263 -7.58 54.01 -42.75
C LEU B 263 -7.55 54.16 -44.27
N THR B 264 -8.64 54.65 -44.82
CA THR B 264 -8.75 54.89 -46.24
C THR B 264 -8.10 56.21 -46.66
N GLY B 265 -8.43 57.28 -45.95
CA GLY B 265 -7.90 58.57 -46.31
C GLY B 265 -6.41 58.74 -46.12
N GLN B 266 -5.96 58.51 -44.88
CA GLN B 266 -4.57 58.76 -44.53
C GLN B 266 -3.64 57.63 -44.96
N LEU B 267 -4.06 56.40 -44.75
CA LEU B 267 -3.21 55.24 -45.00
C LEU B 267 -3.26 54.80 -46.45
N ARG B 268 -4.42 54.35 -46.92
CA ARG B 268 -4.55 53.83 -48.27
C ARG B 268 -4.34 54.90 -49.34
N HIS B 269 -4.95 56.06 -49.15
CA HIS B 269 -4.85 57.08 -50.18
C HIS B 269 -3.65 57.97 -49.96
N LYS B 270 -3.66 58.78 -48.91
CA LYS B 270 -2.57 59.72 -48.70
C LYS B 270 -1.20 59.03 -48.74
N LEU B 271 -1.03 57.94 -48.00
CA LEU B 271 0.26 57.22 -48.00
C LEU B 271 0.43 56.21 -49.13
N GLY B 272 -0.66 55.96 -49.85
CA GLY B 272 -0.65 55.03 -50.96
C GLY B 272 -0.15 53.64 -50.60
N PHE B 273 -0.58 53.13 -49.44
CA PHE B 273 -0.23 51.78 -49.04
C PHE B 273 -1.12 50.80 -49.78
N LYS B 274 -0.50 49.92 -50.56
CA LYS B 274 -1.24 48.93 -51.33
C LYS B 274 -1.32 47.52 -50.70
N GLY B 275 -0.77 47.37 -49.50
CA GLY B 275 -0.73 46.09 -48.81
C GLY B 275 -1.96 45.77 -47.99
N LEU B 276 -1.82 44.87 -47.02
CA LEU B 276 -2.95 44.51 -46.15
C LEU B 276 -3.08 45.50 -45.02
N ILE B 277 -4.26 46.10 -44.90
CA ILE B 277 -4.55 46.98 -43.77
C ILE B 277 -5.18 46.12 -42.66
N VAL B 278 -4.49 46.00 -41.53
CA VAL B 278 -4.89 45.08 -40.47
C VAL B 278 -5.32 45.78 -39.18
N THR B 279 -6.52 45.45 -38.68
CA THR B 279 -6.93 45.96 -37.36
C THR B 279 -6.06 45.42 -36.24
N ASP B 280 -5.93 46.17 -35.17
CA ASP B 280 -5.33 45.64 -33.97
C ASP B 280 -6.32 44.57 -33.46
N ALA B 281 -5.85 43.68 -32.60
CA ALA B 281 -6.70 42.60 -32.14
C ALA B 281 -8.02 43.20 -31.66
N LEU B 282 -9.13 42.59 -32.09
CA LEU B 282 -10.43 43.19 -31.89
C LEU B 282 -11.03 42.83 -30.54
N VAL B 283 -10.33 42.02 -29.76
CA VAL B 283 -10.81 41.67 -28.43
C VAL B 283 -10.30 42.64 -27.33
N GLY B 285 -9.75 45.72 -24.94
CA GLY B 285 -10.68 46.60 -24.26
C GLY B 285 -10.83 47.97 -24.88
N GLY B 286 -9.79 48.44 -25.56
CA GLY B 286 -9.83 49.73 -26.19
C GLY B 286 -10.94 49.83 -27.21
N ILE B 287 -11.06 48.84 -28.08
CA ILE B 287 -12.13 48.81 -29.06
C ILE B 287 -13.49 48.28 -28.52
N THR B 288 -13.46 47.24 -27.68
CA THR B 288 -14.69 46.65 -27.18
C THR B 288 -15.52 47.58 -26.30
N GLN B 289 -14.84 48.41 -25.52
CA GLN B 289 -15.56 49.43 -24.74
C GLN B 289 -16.28 50.43 -25.66
N PHE B 290 -15.81 50.51 -26.91
CA PHE B 290 -16.36 51.47 -27.87
C PHE B 290 -17.66 51.09 -28.57
N ALA B 291 -17.78 49.84 -29.03
CA ALA B 291 -18.95 49.41 -29.81
C ALA B 291 -19.16 47.91 -29.72
N ALA B 292 -20.39 47.44 -29.96
CA ALA B 292 -20.68 46.01 -29.93
C ALA B 292 -19.83 45.27 -30.96
N PRO B 293 -19.56 43.98 -30.71
CA PRO B 293 -18.66 43.20 -31.58
C PRO B 293 -19.02 43.26 -33.07
N ASP B 294 -20.31 43.28 -33.38
CA ASP B 294 -20.80 43.23 -34.76
C ASP B 294 -20.78 44.58 -35.48
N THR B 295 -21.07 45.64 -34.76
CA THR B 295 -20.84 46.99 -35.28
C THR B 295 -19.35 47.18 -35.57
N VAL B 296 -18.50 46.78 -34.62
CA VAL B 296 -17.06 46.96 -34.73
C VAL B 296 -16.51 46.32 -35.98
N VAL B 297 -16.98 45.11 -36.26
CA VAL B 297 -16.48 44.34 -37.39
C VAL B 297 -16.88 44.94 -38.73
N VAL B 298 -18.12 45.42 -38.84
CA VAL B 298 -18.59 45.96 -40.12
C VAL B 298 -18.06 47.38 -40.36
N GLN B 299 -18.07 48.20 -39.30
CA GLN B 299 -17.45 49.52 -39.38
C GLN B 299 -15.93 49.42 -39.67
N ALA B 300 -15.28 48.37 -39.17
CA ALA B 300 -13.90 48.13 -39.52
C ALA B 300 -13.73 47.94 -41.03
N ILE B 301 -14.43 46.97 -41.61
CA ILE B 301 -14.34 46.77 -43.06
C ILE B 301 -14.76 48.03 -43.79
N ALA B 302 -15.72 48.73 -43.23
CA ALA B 302 -16.18 49.97 -43.83
C ALA B 302 -14.99 50.88 -44.05
N ALA B 303 -14.24 51.13 -42.97
CA ALA B 303 -13.12 52.07 -42.96
C ALA B 303 -11.97 51.65 -43.89
N GLY B 304 -12.03 50.43 -44.42
CA GLY B 304 -11.05 49.94 -45.37
C GLY B 304 -10.08 48.83 -45.00
N ALA B 305 -10.22 48.29 -43.79
CA ALA B 305 -9.40 47.16 -43.33
C ALA B 305 -9.52 45.89 -44.20
N ASP B 306 -8.38 45.29 -44.56
CA ASP B 306 -8.41 44.00 -45.27
C ASP B 306 -8.41 42.78 -44.37
N ILE B 307 -8.05 42.98 -43.10
CA ILE B 307 -7.91 41.87 -42.16
C ILE B 307 -8.52 42.24 -40.81
N LEU B 308 -9.36 41.34 -40.29
CA LEU B 308 -9.97 41.53 -38.99
C LEU B 308 -9.29 40.58 -38.02
N LEU B 309 -8.52 41.14 -37.10
CA LEU B 309 -7.65 40.35 -36.25
C LEU B 309 -8.39 39.94 -34.99
N PRO B 311 -11.53 38.63 -34.09
CA PRO B 311 -12.81 39.23 -33.71
C PRO B 311 -13.28 38.47 -32.48
N PRO B 312 -13.86 39.17 -31.51
CA PRO B 312 -14.36 38.53 -30.29
C PRO B 312 -15.36 37.40 -30.57
N ASP B 313 -16.22 37.56 -31.57
CA ASP B 313 -17.13 36.48 -31.95
C ASP B 313 -17.01 36.21 -33.47
N VAL B 314 -16.44 35.07 -33.84
CA VAL B 314 -16.09 34.81 -35.24
C VAL B 314 -17.29 34.53 -36.11
N ASP B 315 -18.07 33.55 -35.69
CA ASP B 315 -19.22 33.10 -36.45
C ASP B 315 -20.24 34.21 -36.63
N GLY B 316 -20.43 34.96 -35.54
CA GLY B 316 -21.28 36.14 -35.52
C GLY B 316 -20.77 37.31 -36.34
N ALA B 317 -19.47 37.36 -36.61
CA ALA B 317 -18.93 38.38 -37.49
C ALA B 317 -19.31 38.09 -38.94
N ILE B 318 -19.10 36.84 -39.36
CA ILE B 318 -19.44 36.45 -40.72
C ILE B 318 -20.92 36.70 -41.01
N ILE B 319 -21.80 36.23 -40.12
CA ILE B 319 -23.21 36.56 -40.25
C ILE B 319 -23.41 38.07 -40.39
N ALA B 320 -22.80 38.82 -39.47
CA ALA B 320 -23.02 40.26 -39.44
C ALA B 320 -22.56 40.92 -40.73
N ILE B 321 -21.54 40.35 -41.36
CA ILE B 321 -21.06 40.86 -42.63
C ILE B 321 -22.03 40.54 -43.77
N GLU B 322 -22.39 39.27 -43.89
CA GLU B 322 -23.34 38.85 -44.92
C GLU B 322 -24.61 39.73 -44.90
N THR B 323 -25.11 40.02 -43.71
CA THR B 323 -26.29 40.85 -43.52
C THR B 323 -26.09 42.25 -44.03
N ALA B 324 -24.97 42.87 -43.66
CA ALA B 324 -24.73 44.25 -44.06
C ALA B 324 -24.55 44.36 -45.58
N ILE B 325 -24.18 43.26 -46.21
CA ILE B 325 -24.13 43.21 -47.67
C ILE B 325 -25.55 43.27 -48.23
N LYS B 326 -26.47 42.52 -47.63
CA LYS B 326 -27.91 42.58 -47.94
C LYS B 326 -28.46 44.00 -47.91
N THR B 327 -28.38 44.62 -46.73
CA THR B 327 -28.83 46.00 -46.55
C THR B 327 -28.00 46.97 -47.37
N GLY B 328 -26.93 46.48 -48.01
CA GLY B 328 -26.12 47.31 -48.86
C GLY B 328 -25.35 48.37 -48.10
N GLN B 329 -25.18 48.17 -46.80
CA GLN B 329 -24.32 49.05 -46.00
C GLN B 329 -22.85 48.72 -46.24
N LEU B 330 -22.56 47.45 -46.49
CA LEU B 330 -21.31 47.04 -47.13
C LEU B 330 -21.61 46.61 -48.56
N SER B 331 -20.57 46.26 -49.31
CA SER B 331 -20.76 45.88 -50.71
C SER B 331 -20.00 44.61 -51.03
N GLU B 332 -20.59 43.75 -51.86
CA GLU B 332 -19.93 42.49 -52.22
C GLU B 332 -18.60 42.71 -52.96
N SER B 333 -18.59 43.59 -53.95
CA SER B 333 -17.34 43.92 -54.65
C SER B 333 -16.26 44.45 -53.69
N ARG B 334 -16.70 44.92 -52.52
CA ARG B 334 -15.80 45.43 -51.48
C ARG B 334 -15.15 44.29 -50.68
N ILE B 335 -15.76 43.11 -50.69
CA ILE B 335 -15.15 41.97 -50.01
C ILE B 335 -14.06 41.36 -50.88
N TYR B 336 -14.25 41.41 -52.19
CA TYR B 336 -13.28 40.79 -53.07
C TYR B 336 -12.11 41.72 -53.35
N GLU B 337 -12.27 43.00 -53.06
CA GLU B 337 -11.13 43.91 -53.16
C GLU B 337 -10.09 43.47 -52.14
N SER B 338 -10.57 43.18 -50.93
CA SER B 338 -9.69 42.80 -49.84
C SER B 338 -9.12 41.42 -50.07
N VAL B 339 -9.92 40.53 -50.67
CA VAL B 339 -9.43 39.21 -51.05
C VAL B 339 -8.39 39.30 -52.16
N GLU B 340 -8.44 40.39 -52.92
CA GLU B 340 -7.43 40.60 -53.94
C GLU B 340 -6.09 40.77 -53.26
N ARG B 341 -6.09 41.64 -52.26
CA ARG B 341 -4.86 41.99 -51.56
C ARG B 341 -4.38 40.83 -50.72
N ILE B 342 -5.30 39.99 -50.28
CA ILE B 342 -4.90 38.82 -49.49
C ILE B 342 -4.29 37.81 -50.44
N TRP B 343 -4.83 37.77 -51.65
CA TRP B 343 -4.29 36.89 -52.68
C TRP B 343 -2.86 37.29 -53.01
N GLN B 344 -2.62 38.59 -53.14
CA GLN B 344 -1.30 39.09 -53.48
C GLN B 344 -0.25 38.64 -52.47
N ALA B 345 -0.62 38.70 -51.19
CA ALA B 345 0.32 38.34 -50.15
C ALA B 345 0.56 36.85 -50.12
N LYS B 346 -0.52 36.07 -50.16
CA LYS B 346 -0.40 34.62 -50.17
C LYS B 346 0.39 34.13 -51.39
N GLN B 347 0.29 34.84 -52.52
CA GLN B 347 1.14 34.56 -53.67
C GLN B 347 2.59 34.57 -53.24
N LYS B 348 2.99 35.58 -52.46
CA LYS B 348 4.38 35.74 -52.03
C LYS B 348 4.87 34.63 -51.10
N ILE B 349 4.08 34.29 -50.10
CA ILE B 349 4.52 33.36 -49.07
C ILE B 349 4.77 31.93 -49.58
N LEU B 350 4.28 31.63 -50.79
CA LEU B 350 4.41 30.29 -51.39
C LEU B 350 5.80 30.01 -51.99
N PRO B 354 9.77 26.48 -48.58
CA PRO B 354 10.47 26.81 -47.33
C PRO B 354 11.44 25.70 -46.90
N SER B 355 11.85 25.74 -45.64
CA SER B 355 12.76 24.76 -45.05
C SER B 355 12.08 24.13 -43.83
N THR B 356 12.61 23.01 -43.33
CA THR B 356 11.91 22.29 -42.27
C THR B 356 12.69 22.24 -40.93
N PHE B 357 11.99 22.58 -39.85
CA PHE B 357 12.54 22.57 -38.50
C PHE B 357 13.15 21.21 -38.20
N PRO B 358 14.27 21.17 -37.45
CA PRO B 358 15.18 22.18 -36.88
C PRO B 358 16.05 22.97 -37.88
N GLN B 359 16.13 22.51 -39.13
CA GLN B 359 16.78 23.26 -40.21
C GLN B 359 16.23 24.67 -40.33
N GLY B 360 17.12 25.66 -40.41
CA GLY B 360 16.71 27.04 -40.53
C GLY B 360 16.77 27.74 -39.19
N ILE B 361 16.82 26.94 -38.13
CA ILE B 361 16.98 27.51 -36.79
C ILE B 361 18.46 27.68 -36.48
N SER B 362 18.81 28.91 -36.10
CA SER B 362 20.20 29.29 -35.90
C SER B 362 20.84 28.48 -34.78
N GLY B 363 20.11 28.29 -33.70
CA GLY B 363 20.65 27.58 -32.55
C GLY B 363 21.95 28.20 -32.07
N ASP B 364 22.99 27.38 -32.00
CA ASP B 364 24.29 27.79 -31.48
C ASP B 364 25.19 28.49 -32.52
N ARG B 365 24.67 28.74 -33.72
CA ARG B 365 25.50 29.30 -34.79
C ARG B 365 26.19 30.53 -34.23
N PRO B 366 27.52 30.52 -34.26
CA PRO B 366 28.32 31.50 -33.50
C PRO B 366 28.17 32.90 -34.06
N GLU B 367 27.88 33.04 -35.34
CA GLU B 367 27.53 34.35 -35.87
C GLU B 367 26.30 34.86 -35.14
N THR B 368 25.25 34.05 -35.11
CA THR B 368 24.02 34.44 -34.42
C THR B 368 24.27 34.70 -32.92
N ARG B 369 24.89 33.76 -32.23
CA ARG B 369 25.07 33.98 -30.81
C ARG B 369 25.86 35.25 -30.52
N LYS B 370 26.86 35.57 -31.35
CA LYS B 370 27.68 36.78 -31.17
C LYS B 370 26.91 38.07 -31.41
N THR B 371 25.96 38.02 -32.34
CA THR B 371 25.12 39.17 -32.66
C THR B 371 24.28 39.56 -31.45
N VAL B 372 23.62 38.58 -30.87
CA VAL B 372 22.86 38.79 -29.64
C VAL B 372 23.79 39.35 -28.57
N ALA B 373 24.88 38.64 -28.31
CA ALA B 373 25.82 39.15 -27.30
C ALA B 373 26.37 40.55 -27.53
N VAL B 375 24.95 43.10 -29.28
CA VAL B 375 23.88 44.07 -29.06
C VAL B 375 23.72 44.39 -27.59
N LEU B 376 23.49 43.38 -26.76
CA LEU B 376 23.38 43.56 -25.32
C LEU B 376 24.56 44.33 -24.73
N GLU B 377 25.74 44.06 -25.28
CA GLU B 377 26.97 44.59 -24.72
C GLU B 377 27.18 46.03 -25.14
N ARG B 378 26.78 46.37 -26.35
CA ARG B 378 26.94 47.74 -26.82
C ARG B 378 25.76 48.63 -26.39
N ALA B 379 24.67 48.01 -25.98
CA ALA B 379 23.52 48.77 -25.54
C ALA B 379 23.59 49.05 -24.04
N THR B 380 24.54 48.42 -23.37
CA THR B 380 24.60 48.45 -21.90
C THR B 380 24.92 49.85 -21.34
N LYS B 381 24.49 50.11 -20.11
CA LYS B 381 24.76 51.36 -19.39
C LYS B 381 25.21 51.05 -17.97
N HIS B 382 26.16 51.83 -17.44
CA HIS B 382 26.58 51.72 -16.03
C HIS B 382 26.96 53.10 -15.54
N GLN B 383 26.73 53.36 -14.25
CA GLN B 383 26.93 54.67 -13.64
C GLN B 383 28.35 55.24 -13.76
N LYS B 384 29.34 54.37 -13.52
CA LYS B 384 30.72 54.79 -13.45
C LYS B 384 31.48 54.01 -14.48
N SER B 385 32.70 54.46 -14.77
CA SER B 385 33.55 53.87 -15.79
C SER B 385 33.52 52.36 -15.68
N LEU B 386 34.14 51.83 -14.62
CA LEU B 386 33.94 50.44 -14.21
C LEU B 386 34.06 50.35 -12.70
N VAL B 387 33.18 49.54 -12.09
CA VAL B 387 33.15 49.36 -10.64
C VAL B 387 32.92 47.90 -10.31
N LYS B 388 33.41 47.48 -9.14
CA LYS B 388 33.21 46.11 -8.67
C LYS B 388 32.40 46.08 -7.37
N ILE B 389 31.78 44.94 -7.12
CA ILE B 389 30.93 44.72 -5.95
C ILE B 389 31.69 43.81 -4.99
N SER B 390 31.44 43.96 -3.71
CA SER B 390 32.09 43.15 -2.69
C SER B 390 31.63 41.68 -2.84
N SER B 391 32.41 40.74 -2.30
CA SER B 391 31.97 39.33 -2.24
C SER B 391 31.85 38.87 -0.79
N PHE B 392 31.06 37.84 -0.52
CA PHE B 392 30.94 37.38 0.86
C PHE B 392 30.99 35.86 0.97
N PRO B 393 30.99 35.35 2.20
CA PRO B 393 30.91 33.91 2.46
C PRO B 393 29.57 33.34 1.99
N ASP B 394 29.49 32.02 1.88
CA ASP B 394 28.31 31.38 1.31
C ASP B 394 27.00 31.70 2.04
N ASN B 395 26.01 32.12 1.28
CA ASN B 395 24.68 32.45 1.75
C ASN B 395 24.64 33.55 2.80
N PHE B 396 25.68 34.37 2.83
CA PHE B 396 25.77 35.46 3.80
C PHE B 396 24.99 36.70 3.39
N ALA B 397 24.99 37.02 2.10
CA ALA B 397 24.31 38.21 1.58
C ALA B 397 23.01 37.86 0.84
N ARG B 398 22.37 38.87 0.26
CA ARG B 398 21.05 38.72 -0.35
C ARG B 398 21.04 39.12 -1.82
N ASN B 399 20.57 38.22 -2.69
CA ASN B 399 20.30 38.58 -4.09
C ASN B 399 18.79 38.75 -4.28
N LEU B 400 18.36 40.00 -4.42
CA LEU B 400 16.94 40.27 -4.42
C LEU B 400 16.50 40.50 -5.84
N ILE B 401 15.76 39.53 -6.37
CA ILE B 401 15.23 39.60 -7.73
C ILE B 401 13.84 40.16 -7.66
N VAL B 402 13.66 41.31 -8.29
CA VAL B 402 12.38 41.94 -8.33
C VAL B 402 11.84 41.92 -9.76
N VAL B 403 10.67 41.28 -9.94
CA VAL B 403 10.04 41.21 -11.25
C VAL B 403 8.60 41.75 -11.31
N ASP B 404 8.14 42.06 -12.52
CA ASP B 404 6.80 42.59 -12.74
C ASP B 404 5.75 41.60 -12.24
N SER B 405 5.79 40.41 -12.82
CA SER B 405 4.97 39.30 -12.38
C SER B 405 5.81 38.05 -12.47
N VAL B 406 5.62 37.16 -11.51
CA VAL B 406 6.35 35.90 -11.49
C VAL B 406 5.91 34.93 -12.59
N LEU B 407 4.66 35.00 -13.01
CA LEU B 407 4.16 34.12 -14.06
C LEU B 407 4.61 34.60 -15.43
N LYS B 408 4.92 35.88 -15.48
CA LYS B 408 5.35 36.59 -16.68
C LYS B 408 6.87 36.63 -16.84
N SER B 409 7.60 35.85 -16.05
CA SER B 409 9.07 35.98 -16.08
C SER B 409 9.81 34.70 -16.45
N PRO B 410 9.64 34.24 -17.69
CA PRO B 410 10.27 33.02 -18.22
C PRO B 410 11.80 33.11 -18.36
N PHE B 411 12.33 34.32 -18.35
CA PHE B 411 13.77 34.51 -18.38
C PHE B 411 14.41 34.04 -17.10
N LEU B 412 13.60 33.90 -16.04
CA LEU B 412 14.07 33.35 -14.77
C LEU B 412 13.76 31.86 -14.71
N ARG B 413 14.81 31.04 -14.70
CA ARG B 413 14.67 29.60 -14.59
C ARG B 413 15.61 29.13 -13.49
N PRO B 414 15.58 27.83 -13.17
CA PRO B 414 16.50 27.41 -12.11
C PRO B 414 17.93 27.54 -12.58
N ASN B 415 18.79 28.05 -11.72
CA ASN B 415 20.22 28.21 -12.04
C ASN B 415 20.55 29.17 -13.20
N CYS B 416 19.66 30.12 -13.48
CA CYS B 416 19.97 31.18 -14.43
C CYS B 416 21.05 32.09 -13.87
N PRO B 417 21.84 32.71 -14.74
CA PRO B 417 23.05 33.40 -14.24
C PRO B 417 22.69 34.41 -13.16
N ALA B 418 21.64 35.17 -13.38
CA ALA B 418 21.22 36.18 -12.41
C ALA B 418 21.09 35.56 -11.01
N ILE B 419 20.63 34.33 -10.93
CA ILE B 419 20.68 33.60 -9.66
C ILE B 419 22.07 33.02 -9.40
N ALA B 420 22.64 32.33 -10.37
CA ALA B 420 23.82 31.49 -10.10
C ALA B 420 25.08 32.27 -9.78
N ILE B 421 25.29 33.36 -10.52
CA ILE B 421 26.52 34.14 -10.41
C ILE B 421 26.68 34.88 -9.08
N PRO B 422 25.66 35.67 -8.69
CA PRO B 422 25.79 36.29 -7.37
C PRO B 422 25.87 35.22 -6.31
N GLN B 423 25.24 34.07 -6.57
CA GLN B 423 25.22 32.99 -5.61
C GLN B 423 26.63 32.57 -5.25
N ARG B 424 27.48 32.46 -6.27
CA ARG B 424 28.88 32.07 -6.08
C ARG B 424 29.65 33.11 -5.28
N HIS B 425 29.16 34.34 -5.30
CA HIS B 425 29.79 35.42 -4.53
C HIS B 425 29.12 35.65 -3.19
N GLY B 426 28.17 34.76 -2.88
CA GLY B 426 27.59 34.69 -1.56
C GLY B 426 26.30 35.45 -1.37
N TYR B 427 25.64 35.79 -2.46
CA TYR B 427 24.34 36.44 -2.39
C TYR B 427 23.26 35.41 -2.69
N ALA B 428 22.44 35.08 -1.69
CA ALA B 428 21.41 34.07 -1.88
C ALA B 428 20.14 34.63 -2.53
N ALA B 429 19.51 33.84 -3.38
CA ALA B 429 18.34 34.31 -4.14
C ALA B 429 17.07 34.55 -3.31
N GLU B 430 16.48 35.71 -3.50
CA GLU B 430 15.12 35.99 -3.04
C GLU B 430 14.35 36.63 -4.19
N ILE B 431 13.29 35.96 -4.66
CA ILE B 431 12.49 36.48 -5.76
C ILE B 431 11.15 37.05 -5.28
N VAL B 432 10.87 38.31 -5.60
CA VAL B 432 9.59 38.92 -5.21
C VAL B 432 9.03 39.87 -6.26
N GLU B 433 7.71 39.90 -6.33
CA GLU B 433 7.02 40.79 -7.25
C GLU B 433 7.07 42.23 -6.76
N LEU B 434 7.23 43.16 -7.68
CA LEU B 434 7.35 44.57 -7.30
C LEU B 434 6.21 45.03 -6.41
N LYS B 435 5.03 44.45 -6.59
CA LYS B 435 3.84 44.86 -5.81
C LYS B 435 3.91 44.41 -4.34
N THR B 436 4.62 43.33 -4.09
CA THR B 436 4.87 42.80 -2.75
C THR B 436 6.02 43.51 -2.02
N LEU B 437 6.89 44.17 -2.78
CA LEU B 437 8.14 44.67 -2.23
C LEU B 437 7.99 45.70 -1.10
N PRO B 438 7.23 46.78 -1.35
CA PRO B 438 7.17 47.81 -0.31
C PRO B 438 6.65 47.29 1.03
N ARG B 439 6.01 46.14 1.07
CA ARG B 439 5.46 45.59 2.30
C ARG B 439 6.36 44.56 2.93
N LEU B 440 7.52 44.37 2.34
CA LEU B 440 8.46 43.35 2.82
C LEU B 440 9.57 43.96 3.67
N GLN B 441 9.64 43.59 4.94
CA GLN B 441 10.68 44.15 5.80
C GLN B 441 11.94 43.31 5.64
N LEU B 442 13.00 43.97 5.18
CA LEU B 442 14.20 43.26 4.78
C LEU B 442 15.15 42.98 5.93
N GLU B 443 15.65 41.74 5.99
CA GLU B 443 16.71 41.37 6.91
C GLU B 443 17.92 42.20 6.56
N ALA B 444 18.76 42.53 7.54
CA ALA B 444 19.84 43.45 7.22
C ALA B 444 21.12 42.66 7.03
N ILE B 445 21.47 42.52 5.76
CA ILE B 445 22.72 41.93 5.32
C ILE B 445 23.04 42.64 4.02
N PRO B 446 24.32 42.69 3.62
CA PRO B 446 24.56 43.45 2.40
C PRO B 446 23.78 42.81 1.26
N THR B 447 23.08 43.65 0.51
CA THR B 447 22.07 43.19 -0.42
C THR B 447 22.35 43.70 -1.82
N LEU B 448 22.13 42.85 -2.82
CA LEU B 448 22.13 43.26 -4.22
C LEU B 448 20.70 43.19 -4.74
N ILE B 449 20.24 44.24 -5.42
CA ILE B 449 18.90 44.25 -6.02
C ILE B 449 18.95 44.22 -7.54
N GLN B 450 18.22 43.29 -8.14
CA GLN B 450 18.08 43.26 -9.59
C GLN B 450 16.60 43.25 -9.92
N CYS B 451 16.12 44.30 -10.57
CA CYS B 451 14.73 44.29 -11.04
C CYS B 451 14.58 44.26 -12.55
N PHE B 452 13.77 43.30 -13.02
CA PHE B 452 13.51 43.19 -14.42
C PHE B 452 12.14 43.80 -14.60
N LEU B 453 12.10 45.00 -15.14
CA LEU B 453 10.85 45.73 -15.24
C LEU B 453 10.77 46.34 -16.62
N ARG B 454 9.70 46.05 -17.34
CA ARG B 454 9.58 46.62 -18.67
C ARG B 454 8.14 46.85 -19.07
N GLY B 455 7.98 47.69 -20.10
CA GLY B 455 6.69 47.92 -20.69
C GLY B 455 6.30 46.72 -21.51
N ASN B 456 4.99 46.45 -21.60
CA ASN B 456 4.45 45.45 -22.52
C ASN B 456 2.93 45.55 -22.64
N PRO B 457 2.31 44.72 -23.49
CA PRO B 457 0.84 44.62 -23.56
C PRO B 457 0.28 44.32 -22.19
N PHE B 458 -0.91 44.83 -21.93
CA PHE B 458 -1.51 44.71 -20.61
C PHE B 458 -0.68 45.32 -19.46
N THR B 459 -0.36 46.59 -19.58
CA THR B 459 0.32 47.32 -18.50
C THR B 459 -0.38 48.65 -18.19
N GLU B 460 -0.91 48.78 -16.98
CA GLU B 460 -1.66 49.99 -16.63
C GLU B 460 -0.72 51.20 -16.54
N LYS B 461 0.35 51.03 -15.78
CA LYS B 461 1.35 52.07 -15.57
C LYS B 461 2.71 51.40 -15.58
N LEU B 462 3.73 52.13 -16.01
CA LEU B 462 5.08 51.63 -15.91
C LEU B 462 5.41 51.41 -14.44
N ALA B 463 5.97 50.24 -14.13
CA ALA B 463 6.46 49.96 -12.78
C ALA B 463 7.46 51.05 -12.39
N ASP B 464 7.30 51.65 -11.21
CA ASP B 464 8.23 52.70 -10.76
C ASP B 464 8.88 52.38 -9.42
N PRO B 465 10.06 51.74 -9.47
CA PRO B 465 10.84 51.29 -8.33
C PRO B 465 11.51 52.41 -7.50
N ILE B 466 11.69 53.59 -8.09
CA ILE B 466 12.51 54.63 -7.45
C ILE B 466 12.20 54.89 -5.97
N ASP B 467 10.92 55.04 -5.63
CA ASP B 467 10.52 55.31 -4.25
C ASP B 467 10.80 54.17 -3.27
N VAL B 468 10.41 52.95 -3.63
CA VAL B 468 10.63 51.81 -2.73
C VAL B 468 12.11 51.49 -2.57
N LEU B 469 12.90 51.78 -3.60
CA LEU B 469 14.33 51.50 -3.54
C LEU B 469 14.98 52.45 -2.57
N GLN B 470 14.60 53.71 -2.69
CA GLN B 470 15.12 54.76 -1.83
C GLN B 470 14.91 54.42 -0.36
N LYS B 471 13.74 53.90 -0.03
CA LYS B 471 13.41 53.51 1.35
C LYS B 471 14.28 52.34 1.81
N ILE B 472 14.46 51.37 0.93
CA ILE B 472 15.32 50.23 1.23
C ILE B 472 16.77 50.68 1.40
N ALA B 473 17.18 51.67 0.59
CA ALA B 473 18.55 52.13 0.58
C ALA B 473 19.00 52.69 1.92
N ALA B 474 18.08 53.36 2.63
CA ALA B 474 18.39 53.91 3.96
C ALA B 474 18.41 52.81 5.02
N GLN B 475 17.64 51.75 4.81
CA GLN B 475 17.50 50.68 5.79
C GLN B 475 18.43 49.50 5.61
N ILE B 476 19.19 49.49 4.54
CA ILE B 476 19.95 48.32 4.19
C ILE B 476 21.28 48.70 3.58
N PRO B 477 22.31 47.89 3.84
CA PRO B 477 23.61 47.97 3.18
C PRO B 477 23.51 47.46 1.73
N LEU B 478 23.04 48.35 0.87
CA LEU B 478 22.81 48.04 -0.54
C LEU B 478 24.10 48.10 -1.35
N GLN B 479 24.48 46.98 -1.96
CA GLN B 479 25.70 46.95 -2.79
C GLN B 479 25.51 47.57 -4.18
N GLY B 480 24.41 47.27 -4.84
CA GLY B 480 24.15 47.82 -6.17
C GLY B 480 22.75 47.55 -6.67
N VAL B 481 22.33 48.38 -7.62
CA VAL B 481 21.07 48.17 -8.29
C VAL B 481 21.27 47.85 -9.78
N ILE B 482 20.64 46.78 -10.25
CA ILE B 482 20.66 46.41 -11.66
C ILE B 482 19.26 46.48 -12.25
N PHE B 483 19.09 47.21 -13.36
CA PHE B 483 17.83 47.23 -14.11
C PHE B 483 17.94 46.44 -15.41
N TYR B 484 16.97 45.57 -15.67
CA TYR B 484 16.82 44.92 -16.98
C TYR B 484 15.46 45.30 -17.60
N GLY B 485 15.41 45.52 -18.92
CA GLY B 485 14.28 46.21 -19.50
C GLY B 485 14.36 47.72 -19.55
N SER B 486 13.26 48.39 -19.27
CA SER B 486 13.11 49.84 -19.47
C SER B 486 14.17 50.68 -18.80
N PRO B 487 14.84 51.53 -19.61
CA PRO B 487 15.85 52.54 -19.25
C PRO B 487 15.29 53.76 -18.54
N TYR B 488 13.97 53.96 -18.61
CA TYR B 488 13.40 55.26 -18.31
C TYR B 488 13.46 55.72 -16.85
N PHE B 489 13.75 54.82 -15.92
CA PHE B 489 13.92 55.26 -14.54
C PHE B 489 15.34 55.51 -14.07
N LEU B 490 16.32 55.38 -14.96
CA LEU B 490 17.74 55.56 -14.61
C LEU B 490 18.11 56.97 -14.15
N GLU B 491 17.66 57.97 -14.90
CA GLU B 491 17.87 59.35 -14.49
C GLU B 491 17.43 59.58 -13.04
N ALA B 492 16.29 59.02 -12.66
CA ALA B 492 15.76 59.19 -11.31
C ALA B 492 16.63 58.48 -10.29
N LEU B 493 17.11 57.29 -10.66
CA LEU B 493 18.00 56.53 -9.82
C LEU B 493 19.22 57.37 -9.54
N GLN B 494 19.88 57.79 -10.61
CA GLN B 494 21.11 58.57 -10.52
C GLN B 494 20.96 59.82 -9.62
N THR B 495 19.80 60.48 -9.72
CA THR B 495 19.52 61.66 -8.92
C THR B 495 19.18 61.32 -7.46
N THR B 496 18.34 60.33 -7.28
CA THR B 496 17.84 59.91 -5.97
C THR B 496 18.80 59.02 -5.15
N LEU B 497 19.65 58.24 -5.80
CA LEU B 497 20.62 57.42 -5.08
C LEU B 497 22.00 57.48 -5.73
N PRO B 498 22.61 58.68 -5.76
CA PRO B 498 23.88 58.90 -6.46
C PRO B 498 25.03 58.05 -5.94
N GLU B 499 24.93 57.59 -4.69
CA GLU B 499 26.01 56.80 -4.09
C GLU B 499 26.03 55.26 -4.35
N ILE B 500 24.89 54.74 -4.82
CA ILE B 500 24.72 53.31 -5.06
C ILE B 500 25.07 53.04 -6.53
N PRO B 501 26.04 52.16 -6.80
CA PRO B 501 26.32 51.88 -8.21
C PRO B 501 25.18 51.11 -8.89
N TRP B 502 24.90 51.45 -10.15
CA TRP B 502 23.87 50.78 -10.93
C TRP B 502 24.37 50.27 -12.28
N TRP B 503 23.69 49.25 -12.80
CA TRP B 503 23.97 48.67 -14.11
C TRP B 503 22.65 48.45 -14.83
N PHE B 504 22.67 48.60 -16.15
CA PHE B 504 21.45 48.48 -16.92
C PHE B 504 21.66 47.71 -18.21
N SER B 505 20.65 46.94 -18.58
CA SER B 505 20.67 46.21 -19.82
C SER B 505 19.23 46.12 -20.32
N TYR B 506 19.09 46.19 -21.64
CA TYR B 506 17.80 46.13 -22.29
C TYR B 506 17.20 44.73 -22.28
N GLY B 507 18.08 43.72 -22.32
CA GLY B 507 17.63 42.35 -22.42
C GLY B 507 17.34 41.77 -21.07
N GLN B 508 16.33 40.92 -20.97
CA GLN B 508 16.13 40.11 -19.77
C GLN B 508 16.63 38.65 -19.80
N ALA B 510 18.90 34.94 -20.44
CA ALA B 510 20.07 34.35 -19.75
C ALA B 510 21.35 35.08 -20.11
N ILE B 511 21.53 35.36 -21.39
CA ILE B 511 22.79 35.94 -21.83
C ILE B 511 22.98 37.36 -21.29
N ALA B 512 21.88 38.07 -21.00
CA ALA B 512 21.98 39.44 -20.50
C ALA B 512 22.29 39.46 -19.00
N GLN B 513 21.63 38.58 -18.27
CA GLN B 513 21.95 38.38 -16.86
C GLN B 513 23.43 38.00 -16.79
N ALA B 514 23.80 36.99 -17.57
CA ALA B 514 25.19 36.55 -17.59
C ALA B 514 26.17 37.70 -17.77
N GLU B 515 25.93 38.56 -18.77
CA GLU B 515 26.89 39.65 -19.02
C GLU B 515 27.04 40.63 -17.86
N ILE B 516 25.93 41.22 -17.43
CA ILE B 516 25.92 42.21 -16.37
C ILE B 516 26.52 41.63 -15.11
N CYS B 517 26.01 40.48 -14.69
CA CYS B 517 26.41 39.90 -13.41
C CYS B 517 27.90 39.60 -13.33
N THR B 518 28.41 38.92 -14.34
CA THR B 518 29.83 38.70 -14.46
C THR B 518 30.61 40.01 -14.28
N SER B 519 30.09 41.10 -14.80
CA SER B 519 30.83 42.36 -14.82
C SER B 519 30.88 43.08 -13.46
N LEU B 520 30.00 42.68 -12.55
CA LEU B 520 29.92 43.30 -11.22
C LEU B 520 31.11 42.89 -10.37
N TRP B 521 31.69 41.76 -10.73
CA TRP B 521 32.80 41.21 -9.95
C TRP B 521 34.10 41.24 -10.75
N GLU B 522 34.22 40.38 -11.75
CA GLU B 522 35.39 40.39 -12.62
C GLU B 522 35.07 41.08 -13.94
N ALA B 531 27.35 24.83 -9.09
CA ALA B 531 26.38 24.49 -8.05
C ALA B 531 26.19 22.96 -7.91
N ALA B 532 26.03 22.49 -6.68
CA ALA B 532 25.81 21.06 -6.43
C ALA B 532 24.47 20.58 -6.97
N GLU B 533 23.63 21.51 -7.44
CA GLU B 533 22.25 21.21 -7.83
C GLU B 533 22.09 20.88 -9.30
N PHE B 534 21.81 19.60 -9.61
CA PHE B 534 21.54 19.13 -10.99
C PHE B 534 20.07 18.91 -11.43
N ILE B 535 19.10 19.14 -10.53
CA ILE B 535 17.69 18.83 -10.84
C ILE B 535 16.68 19.63 -10.01
N VAL C 5 -11.14 -19.90 -11.49
CA VAL C 5 -11.38 -20.85 -12.57
C VAL C 5 -11.03 -22.30 -12.18
N ALA C 7 -10.08 -25.62 -14.25
CA ALA C 7 -9.71 -25.94 -15.64
C ALA C 7 -10.59 -27.03 -16.19
N PRO C 8 -10.85 -27.01 -17.50
CA PRO C 8 -11.44 -28.23 -18.07
C PRO C 8 -10.45 -29.41 -18.02
N LEU C 9 -10.93 -30.56 -18.45
CA LEU C 9 -10.10 -31.74 -18.38
C LEU C 9 -9.51 -32.04 -19.74
N PRO C 10 -8.18 -32.12 -19.81
CA PRO C 10 -7.50 -32.42 -21.08
C PRO C 10 -7.82 -33.84 -21.51
N PRO C 11 -7.76 -34.16 -22.82
CA PRO C 11 -7.95 -35.58 -23.16
C PRO C 11 -7.01 -36.46 -22.33
N VAL C 12 -7.53 -37.61 -21.91
CA VAL C 12 -6.77 -38.56 -21.12
C VAL C 12 -5.40 -38.85 -21.71
N GLU C 13 -5.36 -38.99 -23.04
CA GLU C 13 -4.14 -39.30 -23.78
C GLU C 13 -3.14 -38.14 -23.82
N SER C 14 -3.62 -36.92 -23.56
CA SER C 14 -2.76 -35.72 -23.51
C SER C 14 -1.68 -35.79 -22.43
N LEU C 15 -1.80 -36.76 -21.54
CA LEU C 15 -1.01 -36.75 -20.33
C LEU C 15 0.29 -37.55 -20.47
N SER C 16 1.36 -37.04 -19.85
CA SER C 16 2.62 -37.78 -19.87
C SER C 16 2.31 -39.06 -19.14
N LEU C 17 3.09 -40.11 -19.36
CA LEU C 17 2.90 -41.32 -18.55
C LEU C 17 2.96 -41.01 -17.06
N ARG C 18 3.81 -40.07 -16.68
CA ARG C 18 4.04 -39.77 -15.28
C ARG C 18 2.85 -39.04 -14.66
N GLN C 19 2.30 -38.09 -15.39
CA GLN C 19 1.14 -37.38 -14.90
C GLN C 19 -0.07 -38.33 -14.78
N ALA C 20 -0.23 -39.22 -15.76
CA ALA C 20 -1.28 -40.24 -15.67
C ALA C 20 -1.08 -41.09 -14.42
N ILE C 21 0.14 -41.57 -14.18
CA ILE C 21 0.36 -42.38 -12.98
C ILE C 21 0.03 -41.58 -11.73
N ALA C 22 0.53 -40.35 -11.68
CA ALA C 22 0.36 -39.49 -10.50
C ALA C 22 -1.11 -39.13 -10.22
N GLN C 23 -1.92 -39.08 -11.26
CA GLN C 23 -3.36 -38.89 -11.04
C GLN C 23 -3.97 -39.98 -10.18
N ILE C 25 -2.62 -41.33 -7.61
CA ILE C 25 -2.16 -41.26 -6.23
C ILE C 25 -2.90 -40.16 -5.50
N VAL C 26 -3.30 -40.45 -4.27
CA VAL C 26 -3.88 -39.44 -3.40
C VAL C 26 -3.03 -39.39 -2.15
N VAL C 27 -2.51 -38.21 -1.84
CA VAL C 27 -1.64 -38.02 -0.67
C VAL C 27 -2.37 -37.35 0.50
N ARG C 28 -1.67 -37.21 1.61
CA ARG C 28 -2.29 -36.77 2.86
C ARG C 28 -1.72 -35.47 3.40
N GLY C 29 -2.59 -34.47 3.56
CA GLY C 29 -2.22 -33.20 4.17
C GLY C 29 -2.83 -32.93 5.54
N ALA C 30 -2.54 -31.75 6.07
CA ALA C 30 -3.19 -31.31 7.27
C ALA C 30 -3.94 -30.03 6.92
N GLY C 31 -5.14 -29.86 7.45
CA GLY C 31 -5.90 -28.67 7.16
C GLY C 31 -5.18 -27.41 7.58
N TYR C 32 -4.26 -27.52 8.53
CA TYR C 32 -3.53 -26.36 9.06
C TYR C 32 -2.71 -25.66 7.99
N LEU C 33 -2.59 -24.35 8.12
CA LEU C 33 -1.90 -23.57 7.11
C LEU C 33 -0.39 -23.80 7.08
N PHE C 34 0.21 -24.07 8.24
CA PHE C 34 1.67 -24.13 8.33
C PHE C 34 2.27 -25.46 8.75
N ASP C 35 3.52 -25.67 8.35
CA ASP C 35 4.22 -26.94 8.54
C ASP C 35 4.28 -27.32 10.00
N TYR C 36 4.58 -26.33 10.84
CA TYR C 36 4.89 -26.58 12.23
C TYR C 36 3.67 -26.98 13.04
N GLU C 37 2.50 -26.82 12.44
CA GLU C 37 1.23 -27.15 13.11
C GLU C 37 0.78 -28.58 12.86
N ARG C 38 1.46 -29.28 11.97
CA ARG C 38 1.05 -30.63 11.65
C ARG C 38 1.17 -31.54 12.87
N PRO C 39 0.07 -32.17 13.29
CA PRO C 39 0.12 -33.18 14.36
C PRO C 39 0.88 -34.43 13.94
N TYR C 40 0.77 -34.81 12.67
CA TYR C 40 1.41 -36.04 12.22
C TYR C 40 2.33 -35.74 11.03
N PRO C 41 3.51 -35.17 11.31
CA PRO C 41 4.47 -34.80 10.25
C PRO C 41 5.08 -35.99 9.53
N GLN C 42 5.02 -37.18 10.10
CA GLN C 42 5.48 -38.38 9.38
C GLN C 42 4.57 -38.52 8.19
N TRP C 43 3.26 -38.48 8.45
CA TRP C 43 2.26 -38.71 7.42
C TRP C 43 1.80 -37.49 6.64
N GLU C 44 2.03 -36.30 7.16
CA GLU C 44 1.43 -35.13 6.56
C GLU C 44 2.45 -34.31 5.81
N ALA C 45 2.31 -34.28 4.50
CA ALA C 45 3.25 -33.54 3.69
C ALA C 45 3.32 -32.08 4.17
N ASP C 46 4.53 -31.51 4.16
CA ASP C 46 4.68 -30.08 4.38
C ASP C 46 4.38 -29.37 3.07
N GLN C 47 4.35 -28.04 3.06
CA GLN C 47 3.85 -27.35 1.86
C GLN C 47 4.78 -27.54 0.67
N THR C 48 6.07 -27.35 0.88
CA THR C 48 7.00 -27.44 -0.23
C THR C 48 6.84 -28.77 -0.95
N THR C 49 6.79 -29.86 -0.20
CA THR C 49 6.46 -31.15 -0.79
C THR C 49 5.08 -31.17 -1.44
N LEU C 50 4.09 -30.77 -0.67
CA LEU C 50 2.72 -30.83 -1.16
C LEU C 50 2.61 -30.11 -2.49
N GLN C 51 3.30 -28.98 -2.60
CA GLN C 51 3.21 -28.16 -3.79
C GLN C 51 3.91 -28.86 -4.94
N ARG C 52 5.04 -29.49 -4.63
CA ARG C 52 5.81 -30.16 -5.65
C ARG C 52 5.00 -31.27 -6.28
N TRP C 53 4.30 -32.05 -5.45
CA TRP C 53 3.53 -33.18 -5.93
C TRP C 53 2.33 -32.73 -6.76
N ILE C 54 1.74 -31.62 -6.33
CA ILE C 54 0.53 -31.12 -6.96
C ILE C 54 0.91 -30.54 -8.30
N GLU C 55 2.10 -29.97 -8.37
CA GLU C 55 2.57 -29.36 -9.61
C GLU C 55 2.88 -30.44 -10.62
N ALA C 56 3.26 -31.61 -10.12
CA ALA C 56 3.65 -32.74 -10.94
C ALA C 56 2.45 -33.63 -11.26
N GLY C 57 1.26 -33.20 -10.85
CA GLY C 57 0.04 -33.87 -11.26
C GLY C 57 -0.50 -34.93 -10.32
N ILE C 58 -0.20 -34.84 -9.04
CA ILE C 58 -0.86 -35.70 -8.05
C ILE C 58 -2.38 -35.54 -8.19
N GLY C 59 -3.11 -36.64 -8.02
CA GLY C 59 -4.52 -36.68 -8.35
C GLY C 59 -5.44 -36.02 -7.34
N GLY C 60 -5.12 -36.13 -6.07
CA GLY C 60 -5.93 -35.51 -5.04
C GLY C 60 -5.29 -35.52 -3.67
N VAL C 61 -5.84 -34.73 -2.76
CA VAL C 61 -5.32 -34.65 -1.41
C VAL C 61 -6.40 -34.99 -0.39
N ILE C 62 -6.03 -35.77 0.63
CA ILE C 62 -6.93 -36.01 1.74
C ILE C 62 -6.47 -35.20 2.97
N LEU C 63 -7.39 -34.47 3.56
CA LEU C 63 -7.07 -33.53 4.64
C LEU C 63 -7.57 -33.97 6.00
N LEU C 64 -6.78 -33.65 7.01
CA LEU C 64 -7.19 -33.91 8.37
C LEU C 64 -6.72 -32.77 9.27
N GLY C 65 -7.63 -32.33 10.14
CA GLY C 65 -7.30 -31.33 11.14
C GLY C 65 -7.55 -29.92 10.67
N GLY C 66 -7.72 -29.02 11.62
CA GLY C 66 -7.93 -27.63 11.31
C GLY C 66 -9.38 -27.23 11.44
N SER C 67 -9.59 -25.96 11.72
CA SER C 67 -10.93 -25.44 11.77
C SER C 67 -11.43 -25.35 10.35
N ALA C 68 -12.74 -25.33 10.17
CA ALA C 68 -13.34 -25.13 8.85
C ALA C 68 -12.72 -23.94 8.14
N ALA C 69 -12.62 -22.83 8.84
CA ALA C 69 -12.10 -21.61 8.24
C ALA C 69 -10.70 -21.84 7.70
N GLU C 70 -9.89 -22.62 8.44
CA GLU C 70 -8.54 -22.94 7.99
C GLU C 70 -8.53 -23.78 6.69
N VAL C 71 -9.39 -24.79 6.64
CA VAL C 71 -9.45 -25.73 5.53
C VAL C 71 -9.91 -25.02 4.29
N ALA C 72 -10.70 -23.97 4.47
CA ALA C 72 -11.20 -23.18 3.36
C ALA C 72 -10.05 -22.46 2.67
N GLN C 73 -9.04 -22.09 3.44
CA GLN C 73 -7.89 -21.44 2.85
C GLN C 73 -7.03 -22.50 2.22
N LYS C 74 -6.87 -23.61 2.94
CA LYS C 74 -5.94 -24.64 2.54
C LYS C 74 -6.29 -25.20 1.14
N THR C 75 -7.57 -25.42 0.89
CA THR C 75 -7.98 -25.99 -0.38
C THR C 75 -7.95 -24.94 -1.50
N LYS C 76 -8.13 -23.67 -1.14
CA LYS C 76 -7.99 -22.60 -2.11
C LYS C 76 -6.55 -22.59 -2.63
N GLN C 77 -5.62 -22.85 -1.71
CA GLN C 77 -4.20 -22.81 -2.00
C GLN C 77 -3.78 -24.06 -2.76
N LEU C 78 -4.24 -25.23 -2.29
CA LEU C 78 -3.93 -26.48 -2.97
C LEU C 78 -4.51 -26.49 -4.38
N GLN C 79 -5.75 -26.05 -4.54
CA GLN C 79 -6.32 -26.08 -5.88
C GLN C 79 -5.54 -25.18 -6.79
N SER C 80 -4.92 -24.16 -6.20
CA SER C 80 -4.27 -23.08 -6.92
C SER C 80 -2.95 -23.52 -7.55
N TRP C 81 -2.39 -24.62 -7.05
CA TRP C 81 -1.16 -25.20 -7.57
C TRP C 81 -1.39 -26.25 -8.67
N ALA C 82 -2.64 -26.62 -8.91
CA ALA C 82 -2.90 -27.78 -9.78
C ALA C 82 -3.30 -27.35 -11.20
N GLU C 83 -2.74 -28.01 -12.20
CA GLU C 83 -3.15 -27.68 -13.55
C GLU C 83 -4.48 -28.38 -13.75
N ILE C 84 -4.53 -29.61 -13.25
CA ILE C 84 -5.73 -30.41 -13.30
C ILE C 84 -6.39 -30.47 -11.92
N PRO C 85 -7.63 -29.99 -11.82
CA PRO C 85 -8.30 -29.79 -10.54
C PRO C 85 -8.26 -31.04 -9.67
N LEU C 86 -7.96 -30.84 -8.39
CA LEU C 86 -7.73 -31.91 -7.45
C LEU C 86 -9.01 -32.47 -6.83
N LEU C 87 -9.10 -33.80 -6.72
CA LEU C 87 -10.02 -34.39 -5.77
C LEU C 87 -9.54 -33.98 -4.39
N ILE C 88 -10.43 -33.47 -3.55
CA ILE C 88 -10.08 -33.15 -2.17
C ILE C 88 -11.04 -33.84 -1.19
N ALA C 89 -10.47 -34.66 -0.30
CA ALA C 89 -11.25 -35.62 0.46
C ALA C 89 -10.99 -35.49 1.96
N ALA C 90 -12.00 -35.83 2.76
CA ALA C 90 -11.87 -35.92 4.21
C ALA C 90 -12.71 -37.09 4.72
N ASP C 91 -12.48 -37.55 5.96
CA ASP C 91 -13.39 -38.59 6.38
C ASP C 91 -14.38 -37.83 7.22
N ILE C 92 -15.50 -37.47 6.62
CA ILE C 92 -16.52 -36.90 7.43
C ILE C 92 -17.64 -37.90 7.31
N GLU C 93 -17.67 -38.80 8.28
CA GLU C 93 -18.69 -39.81 8.42
C GLU C 93 -19.83 -39.23 9.21
N GLU C 94 -19.40 -38.51 10.24
CA GLU C 94 -20.23 -37.84 11.23
C GLU C 94 -20.49 -36.39 10.91
N GLY C 95 -20.15 -35.97 9.69
CA GLY C 95 -20.43 -34.61 9.26
C GLY C 95 -19.14 -33.81 9.20
N VAL C 96 -19.16 -32.73 8.43
CA VAL C 96 -17.94 -31.95 8.28
C VAL C 96 -17.37 -31.54 9.64
N GLY C 97 -18.23 -31.35 10.62
CA GLY C 97 -17.81 -30.88 11.91
C GLY C 97 -17.04 -31.91 12.72
N GLN C 98 -17.24 -33.18 12.40
CA GLN C 98 -16.44 -34.23 12.99
C GLN C 98 -14.95 -33.89 12.85
N ARG C 99 -14.53 -33.64 11.62
CA ARG C 99 -13.16 -33.30 11.26
C ARG C 99 -12.73 -31.84 11.45
N PHE C 100 -13.59 -30.90 11.07
CA PHE C 100 -13.20 -29.49 11.10
C PHE C 100 -14.10 -28.59 12.00
N ARG C 101 -13.58 -28.14 13.13
CA ARG C 101 -14.41 -27.43 14.10
C ARG C 101 -15.03 -26.21 13.42
N GLY C 102 -16.28 -25.89 13.76
CA GLY C 102 -16.98 -24.81 13.11
C GLY C 102 -18.00 -25.22 12.05
N ALA C 103 -17.88 -26.43 11.54
CA ALA C 103 -18.95 -26.98 10.68
C ALA C 103 -19.85 -27.87 11.51
N THR C 104 -20.87 -28.43 10.89
CA THR C 104 -21.87 -29.15 11.66
C THR C 104 -21.51 -30.61 11.93
N GLU C 105 -21.50 -30.99 13.19
CA GLU C 105 -21.24 -32.38 13.56
C GLU C 105 -22.52 -33.14 13.88
N PHE C 106 -22.58 -34.40 13.46
CA PHE C 106 -23.75 -35.26 13.63
C PHE C 106 -23.43 -36.45 14.56
N PRO C 107 -24.47 -37.02 15.20
CA PRO C 107 -24.23 -38.22 16.00
C PRO C 107 -23.71 -39.28 15.05
N PRO C 108 -23.00 -40.28 15.56
CA PRO C 108 -22.45 -41.28 14.65
C PRO C 108 -23.58 -42.02 13.97
N PRO C 109 -23.30 -42.65 12.83
CA PRO C 109 -24.32 -43.36 12.08
C PRO C 109 -25.13 -44.36 12.91
N ALA C 111 -26.45 -44.25 15.52
CA ALA C 111 -27.55 -43.61 16.22
C ALA C 111 -28.72 -43.52 15.27
N PHE C 112 -28.44 -43.34 13.99
CA PHE C 112 -29.51 -43.35 13.01
C PHE C 112 -30.01 -44.78 12.93
N GLY C 113 -29.14 -45.71 13.27
CA GLY C 113 -29.50 -47.11 13.19
C GLY C 113 -30.53 -47.43 14.23
N GLU C 114 -30.29 -46.95 15.45
CA GLU C 114 -31.17 -47.23 16.59
C GLU C 114 -32.58 -46.74 16.32
N ILE C 115 -32.69 -45.51 15.82
CA ILE C 115 -33.97 -44.91 15.48
C ILE C 115 -34.71 -45.74 14.44
N TRP C 116 -34.00 -46.13 13.40
CA TRP C 116 -34.57 -46.98 12.34
C TRP C 116 -35.29 -48.20 12.90
N ARG C 117 -34.74 -48.81 13.94
CA ARG C 117 -35.37 -49.98 14.52
C ARG C 117 -36.85 -49.74 14.86
N THR C 118 -37.16 -48.72 15.65
CA THR C 118 -38.55 -48.36 15.96
C THR C 118 -39.26 -47.48 14.91
N ASP C 119 -38.55 -46.54 14.31
CA ASP C 119 -39.15 -45.60 13.34
C ASP C 119 -38.29 -45.44 12.07
N PRO C 120 -38.45 -46.36 11.12
CA PRO C 120 -37.58 -46.43 9.93
C PRO C 120 -37.73 -45.26 8.96
N HIS C 121 -38.94 -44.74 8.78
CA HIS C 121 -39.16 -43.62 7.86
C HIS C 121 -38.53 -42.33 8.34
N GLN C 122 -38.66 -42.08 9.64
CA GLN C 122 -38.10 -40.88 10.24
C GLN C 122 -36.56 -40.94 10.13
N ALA C 123 -36.03 -42.12 10.39
CA ALA C 123 -34.58 -42.28 10.46
C ALA C 123 -33.97 -42.12 9.09
N ILE C 124 -34.67 -42.58 8.07
CA ILE C 124 -34.20 -42.44 6.72
C ILE C 124 -34.12 -40.97 6.32
N ALA C 125 -35.17 -40.21 6.61
CA ALA C 125 -35.18 -38.78 6.32
C ALA C 125 -34.03 -38.10 7.04
N LEU C 126 -33.85 -38.43 8.31
CA LEU C 126 -32.76 -37.86 9.09
C LEU C 126 -31.39 -38.17 8.50
N ALA C 127 -31.19 -39.38 8.00
CA ALA C 127 -29.94 -39.69 7.32
C ALA C 127 -29.76 -38.85 6.05
N GLU C 128 -30.82 -38.62 5.29
CA GLU C 128 -30.68 -37.83 4.08
C GLU C 128 -30.15 -36.46 4.45
N THR C 129 -30.69 -35.91 5.53
CA THR C 129 -30.29 -34.57 5.93
C THR C 129 -28.84 -34.57 6.33
N GLY C 131 -26.52 -36.54 4.95
CA GLY C 131 -25.82 -36.57 3.68
C GLY C 131 -25.85 -35.22 2.95
N ALA C 132 -27.00 -34.58 3.01
CA ALA C 132 -27.20 -33.36 2.26
C ALA C 132 -26.43 -32.23 2.93
N THR C 133 -26.56 -32.10 4.24
CA THR C 133 -25.79 -31.11 4.99
C THR C 133 -24.27 -31.33 4.88
N THR C 134 -23.83 -32.57 5.05
CA THR C 134 -22.42 -32.89 4.92
C THR C 134 -21.91 -32.46 3.55
N ALA C 135 -22.57 -32.92 2.50
CA ALA C 135 -22.14 -32.57 1.16
C ALA C 135 -22.10 -31.06 0.98
N GLN C 136 -23.11 -30.37 1.47
CA GLN C 136 -23.18 -28.93 1.30
C GLN C 136 -22.06 -28.24 2.03
N GLU C 137 -21.82 -28.66 3.25
CA GLU C 137 -20.81 -28.00 4.07
C GLU C 137 -19.44 -28.37 3.56
N ALA C 138 -19.29 -29.59 3.03
CA ALA C 138 -18.06 -30.01 2.37
C ALA C 138 -17.69 -29.04 1.27
N LEU C 139 -18.61 -28.79 0.35
CA LEU C 139 -18.34 -27.84 -0.72
C LEU C 139 -17.96 -26.44 -0.20
N SER C 140 -18.53 -26.01 0.92
CA SER C 140 -18.19 -24.69 1.39
C SER C 140 -16.72 -24.60 1.68
N LEU C 141 -16.14 -25.74 2.06
CA LEU C 141 -14.75 -25.75 2.49
C LEU C 141 -13.81 -26.12 1.34
N GLY C 142 -14.40 -26.37 0.18
CA GLY C 142 -13.63 -26.80 -0.97
C GLY C 142 -13.21 -28.24 -0.85
N ILE C 143 -14.09 -29.08 -0.28
CA ILE C 143 -13.88 -30.51 -0.17
C ILE C 143 -14.88 -31.20 -1.07
N ASN C 144 -14.41 -31.77 -2.17
CA ASN C 144 -15.32 -32.36 -3.17
C ASN C 144 -15.49 -33.87 -3.09
N TRP C 145 -14.82 -34.51 -2.14
CA TRP C 145 -14.89 -35.96 -2.06
C TRP C 145 -15.15 -36.40 -0.63
N VAL C 146 -16.31 -37.01 -0.44
CA VAL C 146 -16.73 -37.38 0.89
C VAL C 146 -16.41 -38.86 1.09
N LEU C 147 -15.59 -39.22 2.07
CA LEU C 147 -15.29 -40.62 2.08
C LEU C 147 -16.28 -41.14 3.11
N ALA C 148 -17.37 -41.66 2.56
CA ALA C 148 -18.61 -41.92 3.30
C ALA C 148 -19.69 -42.28 2.29
N PRO C 149 -20.66 -43.10 2.68
CA PRO C 149 -20.83 -43.60 4.05
C PRO C 149 -20.08 -44.89 4.33
N VAL C 150 -20.09 -45.32 5.57
CA VAL C 150 -19.59 -46.63 5.93
C VAL C 150 -20.74 -47.63 5.78
N LEU C 151 -20.55 -48.55 4.84
CA LEU C 151 -21.50 -49.61 4.56
C LEU C 151 -21.14 -50.94 5.24
N ASP C 152 -20.12 -50.95 6.10
CA ASP C 152 -19.87 -52.16 6.87
C ASP C 152 -21.08 -52.40 7.79
N VAL C 153 -21.26 -53.66 8.20
CA VAL C 153 -22.31 -54.06 9.09
C VAL C 153 -21.68 -54.57 10.38
N ASN C 154 -21.84 -53.88 11.49
CA ASN C 154 -21.03 -54.29 12.61
C ASN C 154 -21.88 -55.31 13.32
N ASN C 155 -21.66 -56.59 13.00
CA ASN C 155 -22.33 -57.68 13.71
C ASN C 155 -21.45 -58.37 14.71
N ASN C 156 -20.21 -57.91 14.79
CA ASN C 156 -19.36 -58.34 15.87
C ASN C 156 -19.19 -57.18 16.84
N PRO C 157 -19.79 -57.31 18.02
CA PRO C 157 -19.77 -56.31 19.08
C PRO C 157 -18.36 -55.97 19.50
N HIS C 158 -17.43 -56.88 19.23
CA HIS C 158 -16.05 -56.66 19.62
C HIS C 158 -15.25 -55.84 18.60
N ASN C 159 -15.87 -55.48 17.49
CA ASN C 159 -15.13 -54.75 16.46
C ASN C 159 -14.69 -53.40 16.99
N PRO C 160 -13.38 -53.23 17.16
CA PRO C 160 -12.67 -52.01 17.60
C PRO C 160 -12.62 -50.85 16.60
N VAL C 161 -12.50 -51.17 15.32
CA VAL C 161 -12.36 -50.15 14.29
C VAL C 161 -13.65 -49.53 13.73
N ILE C 162 -14.69 -50.35 13.59
CA ILE C 162 -15.96 -49.85 13.05
C ILE C 162 -16.92 -49.34 14.14
N ASN C 163 -17.44 -50.23 14.97
CA ASN C 163 -18.19 -49.81 16.14
C ASN C 163 -19.39 -48.97 15.73
N ILE C 164 -19.50 -47.76 16.29
CA ILE C 164 -20.65 -46.89 16.03
C ILE C 164 -20.51 -46.12 14.70
N ARG C 165 -19.42 -46.36 14.01
CA ARG C 165 -19.26 -45.77 12.68
C ARG C 165 -20.20 -46.42 11.65
N ALA C 166 -20.67 -47.62 11.97
CA ALA C 166 -21.58 -48.38 11.12
C ALA C 166 -23.03 -47.90 11.32
N PHE C 167 -23.83 -47.93 10.27
CA PHE C 167 -25.23 -47.53 10.45
C PHE C 167 -26.03 -48.54 11.26
N GLY C 168 -25.59 -49.79 11.32
CA GLY C 168 -26.38 -50.78 12.04
C GLY C 168 -25.69 -52.11 12.23
N GLU C 169 -26.42 -53.06 12.80
CA GLU C 169 -25.95 -54.44 12.92
C GLU C 169 -26.49 -55.42 11.86
N THR C 170 -27.31 -54.92 10.94
CA THR C 170 -27.91 -55.78 9.91
C THR C 170 -28.04 -55.10 8.57
N PRO C 171 -27.97 -55.89 7.49
CA PRO C 171 -27.83 -55.37 6.13
C PRO C 171 -29.05 -54.57 5.68
N ASP C 172 -30.25 -54.95 6.10
CA ASP C 172 -31.45 -54.18 5.76
C ASP C 172 -31.35 -52.74 6.27
N GLN C 173 -31.02 -52.64 7.56
CA GLN C 173 -30.78 -51.39 8.25
C GLN C 173 -29.68 -50.59 7.58
N VAL C 174 -28.51 -51.20 7.48
CA VAL C 174 -27.36 -50.50 6.91
C VAL C 174 -27.66 -50.02 5.50
N SER C 175 -28.14 -50.93 4.66
CA SER C 175 -28.53 -50.64 3.29
C SER C 175 -29.43 -49.40 3.21
N ALA C 176 -30.47 -49.38 4.03
CA ALA C 176 -31.47 -48.33 3.99
C ALA C 176 -30.93 -46.96 4.32
N LEU C 177 -30.18 -46.87 5.41
CA LEU C 177 -29.63 -45.60 5.86
C LEU C 177 -28.48 -45.13 5.00
N GLY C 178 -27.60 -46.04 4.61
CA GLY C 178 -26.48 -45.69 3.76
C GLY C 178 -26.93 -45.05 2.46
N THR C 179 -27.79 -45.74 1.72
CA THR C 179 -28.27 -45.20 0.45
C THR C 179 -28.98 -43.86 0.63
N ALA C 180 -29.56 -43.63 1.81
CA ALA C 180 -30.29 -42.40 2.12
C ALA C 180 -29.30 -41.28 2.29
N PHE C 181 -28.23 -41.58 3.00
CA PHE C 181 -27.15 -40.63 3.14
C PHE C 181 -26.67 -40.30 1.72
N ILE C 182 -26.43 -41.34 0.93
CA ILE C 182 -26.02 -41.14 -0.45
C ILE C 182 -26.99 -40.24 -1.24
N ARG C 183 -28.30 -40.46 -1.09
CA ARG C 183 -29.32 -39.65 -1.79
C ARG C 183 -29.26 -38.20 -1.34
N GLY C 184 -29.06 -37.99 -0.04
CA GLY C 184 -28.91 -36.66 0.48
C GLY C 184 -27.70 -35.96 -0.11
N ALA C 185 -26.55 -36.64 -0.10
CA ALA C 185 -25.32 -36.04 -0.65
C ALA C 185 -25.48 -35.73 -2.13
N GLN C 186 -26.26 -36.53 -2.84
CA GLN C 186 -26.44 -36.38 -4.26
C GLN C 186 -27.06 -35.03 -4.71
N GLN C 187 -27.66 -34.31 -3.77
CA GLN C 187 -28.29 -33.03 -4.07
C GLN C 187 -27.22 -31.99 -4.37
N TYR C 188 -26.01 -32.28 -3.95
CA TYR C 188 -24.89 -31.38 -4.20
C TYR C 188 -23.84 -32.17 -4.99
N ALA C 189 -22.88 -31.49 -5.60
CA ALA C 189 -21.95 -32.26 -6.42
C ALA C 189 -20.71 -32.48 -5.60
N VAL C 190 -20.58 -33.70 -5.12
CA VAL C 190 -19.43 -34.15 -4.37
C VAL C 190 -19.37 -35.60 -4.75
N LEU C 191 -18.34 -36.29 -4.29
CA LEU C 191 -18.22 -37.71 -4.58
C LEU C 191 -18.61 -38.44 -3.31
N THR C 192 -19.29 -39.58 -3.45
CA THR C 192 -19.55 -40.45 -2.30
C THR C 192 -18.77 -41.77 -2.39
N THR C 193 -18.43 -42.32 -1.23
CA THR C 193 -17.59 -43.51 -1.17
C THR C 193 -18.14 -44.61 -0.26
N ALA C 194 -18.37 -45.77 -0.84
CA ALA C 194 -18.84 -46.89 -0.05
C ALA C 194 -17.61 -47.48 0.54
N LYS C 195 -17.58 -47.70 1.85
CA LYS C 195 -16.47 -48.44 2.50
C LYS C 195 -16.96 -49.30 3.64
N HIS C 196 -16.26 -50.40 3.92
CA HIS C 196 -15.05 -50.78 3.21
C HIS C 196 -15.22 -52.17 2.60
N PHE C 197 -15.23 -52.25 1.29
CA PHE C 197 -15.55 -53.48 0.57
C PHE C 197 -14.58 -54.65 0.81
N PRO C 198 -15.10 -55.89 0.88
CA PRO C 198 -16.54 -56.23 0.92
C PRO C 198 -17.07 -56.24 2.35
N GLY C 199 -16.73 -55.20 3.08
CA GLY C 199 -17.21 -54.83 4.39
C GLY C 199 -16.39 -55.43 5.52
N HIS C 200 -16.10 -54.55 6.49
CA HIS C 200 -15.15 -54.76 7.58
C HIS C 200 -15.93 -55.15 8.84
N GLY C 201 -17.23 -55.31 8.67
CA GLY C 201 -18.10 -55.48 9.80
C GLY C 201 -17.71 -56.52 10.84
N ASP C 202 -17.49 -57.78 10.44
CA ASP C 202 -17.37 -58.78 11.48
C ASP C 202 -15.90 -59.12 11.68
N THR C 203 -15.28 -58.47 12.66
CA THR C 203 -13.92 -58.77 13.09
C THR C 203 -13.78 -58.14 14.43
N ALA C 204 -12.84 -58.67 15.21
CA ALA C 204 -12.38 -58.04 16.42
C ALA C 204 -11.08 -57.29 16.16
N THR C 205 -10.64 -57.27 14.90
CA THR C 205 -9.29 -56.83 14.57
C THR C 205 -9.24 -55.55 13.78
N ASP C 206 -8.38 -54.63 14.19
CA ASP C 206 -8.21 -53.37 13.47
C ASP C 206 -7.16 -53.49 12.37
N SER C 207 -7.57 -53.25 11.12
CA SER C 207 -6.66 -53.34 9.98
C SER C 207 -5.61 -52.24 9.96
N HIS C 208 -5.72 -51.28 10.86
CA HIS C 208 -4.66 -50.29 11.06
C HIS C 208 -3.50 -50.97 11.76
N LEU C 209 -3.83 -51.86 12.69
CA LEU C 209 -2.86 -52.63 13.48
C LEU C 209 -2.32 -53.93 12.90
N ALA C 210 -3.21 -54.72 12.30
CA ALA C 210 -2.94 -56.09 11.83
C ALA C 210 -3.89 -56.51 10.72
N LEU C 211 -3.59 -57.60 10.01
CA LEU C 211 -4.45 -58.01 8.90
C LEU C 211 -5.53 -59.01 9.31
N PRO C 212 -6.78 -58.55 9.35
CA PRO C 212 -7.93 -59.38 9.73
C PRO C 212 -8.25 -60.40 8.67
N THR C 213 -8.75 -61.56 9.09
CA THR C 213 -9.34 -62.52 8.16
C THR C 213 -10.83 -62.64 8.44
N ILE C 214 -11.63 -62.66 7.38
CA ILE C 214 -13.06 -62.91 7.51
C ILE C 214 -13.44 -64.24 6.86
N SER C 215 -13.75 -65.23 7.68
CA SER C 215 -13.75 -66.64 7.25
C SER C 215 -15.02 -67.15 6.57
N HIS C 216 -16.00 -66.26 6.40
CA HIS C 216 -17.30 -66.59 5.79
C HIS C 216 -17.22 -67.12 4.38
N ASP C 217 -18.19 -67.99 4.05
CA ASP C 217 -18.33 -68.53 2.70
C ASP C 217 -19.03 -67.54 1.75
N ASP C 218 -19.13 -67.90 0.48
CA ASP C 218 -19.58 -66.97 -0.55
C ASP C 218 -21.00 -66.43 -0.27
N THR C 219 -21.92 -67.32 0.06
CA THR C 219 -23.31 -66.91 0.17
C THR C 219 -23.60 -66.13 1.46
N ARG C 220 -22.86 -66.41 2.51
CA ARG C 220 -22.97 -65.57 3.69
C ARG C 220 -22.60 -64.14 3.31
N LEU C 221 -21.57 -64.00 2.46
CA LEU C 221 -21.07 -62.67 2.10
C LEU C 221 -22.08 -61.89 1.29
N ASN C 222 -22.85 -62.58 0.44
CA ASN C 222 -23.85 -61.93 -0.40
C ASN C 222 -25.12 -61.62 0.36
N THR C 223 -25.32 -62.38 1.44
CA THR C 223 -26.46 -62.20 2.33
C THR C 223 -26.33 -61.11 3.39
N VAL C 224 -25.12 -60.90 3.89
CA VAL C 224 -24.91 -59.97 5.00
C VAL C 224 -23.97 -58.84 4.66
N GLU C 225 -22.72 -59.17 4.33
CA GLU C 225 -21.73 -58.15 4.00
C GLU C 225 -22.07 -57.34 2.75
N LEU C 226 -22.31 -58.03 1.64
CA LEU C 226 -22.48 -57.39 0.32
C LEU C 226 -23.69 -56.47 0.08
N PRO C 227 -24.86 -56.84 0.59
CA PRO C 227 -26.09 -56.16 0.20
C PRO C 227 -26.04 -54.64 0.25
N PRO C 228 -25.40 -54.06 1.28
CA PRO C 228 -25.37 -52.59 1.30
C PRO C 228 -24.54 -51.99 0.15
N PHE C 229 -23.52 -52.72 -0.29
CA PHE C 229 -22.71 -52.27 -1.42
C PHE C 229 -23.51 -52.42 -2.70
N LYS C 230 -24.11 -53.59 -2.91
CA LYS C 230 -24.94 -53.78 -4.09
C LYS C 230 -25.86 -52.58 -4.20
N ALA C 231 -26.45 -52.19 -3.07
CA ALA C 231 -27.45 -51.13 -3.04
C ALA C 231 -26.87 -49.75 -3.35
N ALA C 232 -25.74 -49.43 -2.71
CA ALA C 232 -25.09 -48.16 -2.92
C ALA C 232 -24.62 -48.03 -4.37
N ILE C 233 -24.13 -49.12 -4.91
CA ILE C 233 -23.72 -49.13 -6.30
C ILE C 233 -24.89 -48.73 -7.20
N GLN C 234 -26.06 -49.30 -6.96
CA GLN C 234 -27.24 -48.94 -7.76
C GLN C 234 -27.77 -47.54 -7.46
N GLY C 235 -27.42 -47.02 -6.30
CA GLY C 235 -27.75 -45.64 -5.96
C GLY C 235 -26.74 -44.66 -6.53
N GLY C 236 -25.84 -45.18 -7.36
CA GLY C 236 -24.90 -44.35 -8.06
C GLY C 236 -23.73 -43.82 -7.26
N VAL C 237 -23.37 -44.52 -6.19
CA VAL C 237 -22.21 -44.10 -5.39
C VAL C 237 -20.96 -44.07 -6.28
N ASP C 238 -20.12 -43.06 -6.07
CA ASP C 238 -19.01 -42.72 -6.97
C ASP C 238 -17.75 -43.55 -6.83
N ALA C 239 -17.52 -44.08 -5.62
CA ALA C 239 -16.28 -44.75 -5.32
C ALA C 239 -16.55 -45.85 -4.34
N VAL C 240 -15.79 -46.94 -4.44
CA VAL C 240 -15.83 -47.98 -3.40
C VAL C 240 -14.44 -48.13 -2.85
N ASN C 242 -11.74 -50.31 -0.46
CA ASN C 242 -11.56 -51.72 -0.17
C ASN C 242 -10.64 -51.94 1.00
N ALA C 243 -11.10 -52.73 1.95
CA ALA C 243 -10.37 -52.95 3.19
C ALA C 243 -9.19 -53.85 2.95
N HIS C 244 -8.22 -53.83 3.86
CA HIS C 244 -7.22 -54.84 3.75
C HIS C 244 -7.75 -55.96 4.61
N LEU C 245 -8.23 -56.99 3.94
CA LEU C 245 -8.85 -58.12 4.61
C LEU C 245 -8.59 -59.34 3.79
N ILE C 247 -10.15 -62.62 2.39
CA ILE C 247 -11.41 -63.33 2.20
C ILE C 247 -11.06 -64.67 1.52
N PRO C 248 -10.61 -65.63 2.33
CA PRO C 248 -10.19 -66.95 1.85
C PRO C 248 -11.18 -67.59 0.87
N ALA C 249 -12.46 -67.33 1.04
CA ALA C 249 -13.47 -67.83 0.13
C ALA C 249 -13.23 -67.33 -1.30
N TRP C 250 -13.02 -66.03 -1.45
CA TRP C 250 -12.74 -65.46 -2.77
C TRP C 250 -11.30 -65.61 -3.25
N ASP C 251 -10.34 -65.26 -2.38
CA ASP C 251 -8.92 -65.27 -2.74
C ASP C 251 -8.12 -65.77 -1.55
N GLN C 252 -7.29 -66.78 -1.75
CA GLN C 252 -6.56 -67.38 -0.64
C GLN C 252 -5.18 -66.76 -0.43
N GLN C 253 -4.75 -65.92 -1.37
CA GLN C 253 -3.41 -65.33 -1.34
C GLN C 253 -3.40 -63.88 -0.91
N TYR C 254 -4.07 -63.03 -1.70
CA TYR C 254 -4.07 -61.59 -1.53
C TYR C 254 -5.21 -61.10 -0.66
N PRO C 255 -4.94 -60.04 0.12
CA PRO C 255 -6.03 -59.29 0.76
C PRO C 255 -6.85 -58.52 -0.28
N ALA C 256 -8.08 -58.16 0.05
CA ALA C 256 -9.00 -57.61 -0.94
C ALA C 256 -8.38 -56.52 -1.79
N THR C 257 -7.57 -55.67 -1.17
CA THR C 257 -6.92 -54.55 -1.83
C THR C 257 -5.93 -54.97 -2.92
N LEU C 258 -5.28 -56.11 -2.73
CA LEU C 258 -4.35 -56.65 -3.71
C LEU C 258 -4.95 -57.75 -4.60
N SER C 259 -6.23 -58.05 -4.41
CA SER C 259 -6.87 -59.22 -5.05
C SER C 259 -7.57 -58.95 -6.38
N PRO C 260 -7.03 -59.51 -7.46
CA PRO C 260 -7.74 -59.51 -8.74
C PRO C 260 -9.13 -60.10 -8.59
N ALA C 261 -9.23 -61.23 -7.89
CA ALA C 261 -10.51 -61.94 -7.78
C ALA C 261 -11.58 -61.08 -7.14
N ILE C 262 -11.19 -60.35 -6.09
CA ILE C 262 -12.09 -59.44 -5.39
C ILE C 262 -12.29 -58.08 -6.06
N LEU C 263 -11.22 -57.39 -6.43
CA LEU C 263 -11.40 -56.05 -6.98
C LEU C 263 -12.01 -56.11 -8.37
N THR C 264 -11.47 -56.99 -9.21
CA THR C 264 -11.95 -57.10 -10.59
C THR C 264 -13.19 -57.97 -10.73
N GLY C 265 -13.08 -59.25 -10.37
CA GLY C 265 -14.22 -60.15 -10.44
C GLY C 265 -15.44 -59.73 -9.63
N GLN C 266 -15.27 -59.53 -8.33
CA GLN C 266 -16.41 -59.39 -7.44
C GLN C 266 -17.06 -58.02 -7.54
N LEU C 267 -16.23 -57.00 -7.62
CA LEU C 267 -16.65 -55.61 -7.53
C LEU C 267 -16.89 -55.01 -8.91
N ARG C 268 -15.84 -54.97 -9.71
CA ARG C 268 -15.91 -54.34 -11.02
C ARG C 268 -16.80 -55.11 -11.98
N HIS C 269 -16.76 -56.43 -11.90
N HIS C 269 -16.75 -56.44 -11.84
CA HIS C 269 -17.57 -57.22 -12.81
CA HIS C 269 -17.35 -57.40 -12.77
C HIS C 269 -18.85 -57.75 -12.19
C HIS C 269 -18.73 -57.88 -12.29
N LYS C 270 -18.73 -58.59 -11.17
CA LYS C 270 -19.95 -59.17 -10.62
C LYS C 270 -20.94 -58.09 -10.16
N LEU C 271 -20.50 -57.11 -9.38
CA LEU C 271 -21.41 -56.05 -8.95
C LEU C 271 -21.53 -54.99 -10.04
N GLY C 272 -20.67 -55.09 -11.05
CA GLY C 272 -20.71 -54.16 -12.15
C GLY C 272 -20.57 -52.73 -11.68
N PHE C 273 -19.53 -52.47 -10.87
CA PHE C 273 -19.24 -51.11 -10.39
C PHE C 273 -18.45 -50.38 -11.45
N LYS C 274 -18.95 -49.22 -11.89
CA LYS C 274 -18.31 -48.49 -12.97
C LYS C 274 -17.37 -47.35 -12.49
N GLY C 275 -17.31 -47.15 -11.16
CA GLY C 275 -16.62 -46.00 -10.62
C GLY C 275 -15.16 -46.20 -10.21
N LEU C 276 -14.72 -45.38 -9.27
CA LEU C 276 -13.36 -45.45 -8.76
C LEU C 276 -13.20 -46.58 -7.75
N ILE C 277 -12.29 -47.49 -8.06
CA ILE C 277 -11.93 -48.52 -7.11
C ILE C 277 -10.71 -48.04 -6.29
N VAL C 278 -10.97 -47.89 -4.99
CA VAL C 278 -10.00 -47.27 -4.07
C VAL C 278 -9.47 -48.25 -3.01
N THR C 279 -8.17 -48.18 -2.78
CA THR C 279 -7.56 -48.95 -1.71
C THR C 279 -7.83 -48.20 -0.41
N ASP C 280 -7.81 -48.90 0.70
CA ASP C 280 -7.78 -48.22 1.98
C ASP C 280 -6.37 -47.61 2.10
N ALA C 281 -6.12 -46.86 3.16
CA ALA C 281 -4.83 -46.20 3.30
C ALA C 281 -3.71 -47.23 3.23
N LEU C 282 -2.72 -46.95 2.38
CA LEU C 282 -1.66 -47.93 2.13
C LEU C 282 -0.55 -47.84 3.16
N VAL C 283 -0.67 -46.92 4.12
CA VAL C 283 0.32 -46.83 5.19
C VAL C 283 -0.07 -47.70 6.37
N GLY C 285 -0.83 -50.63 8.96
CA GLY C 285 -0.16 -51.87 9.33
C GLY C 285 -0.72 -53.11 8.66
N GLY C 286 -2.01 -53.11 8.36
CA GLY C 286 -2.64 -54.28 7.75
C GLY C 286 -1.95 -54.67 6.47
N ILE C 287 -1.80 -53.70 5.58
CA ILE C 287 -1.13 -53.93 4.30
C ILE C 287 0.40 -53.87 4.36
N THR C 288 0.95 -52.96 5.14
CA THR C 288 2.41 -52.77 5.14
C THR C 288 3.18 -53.90 5.78
N GLN C 289 2.52 -54.69 6.60
CA GLN C 289 3.19 -55.86 7.13
C GLN C 289 2.87 -57.08 6.24
N PHE C 290 2.07 -56.87 5.20
CA PHE C 290 1.87 -57.91 4.17
C PHE C 290 2.92 -57.98 3.06
N ALA C 291 3.33 -56.82 2.56
CA ALA C 291 4.29 -56.75 1.46
C ALA C 291 4.96 -55.39 1.34
N ALA C 292 6.10 -55.35 0.64
CA ALA C 292 6.88 -54.13 0.45
C ALA C 292 6.13 -53.01 -0.30
N PRO C 293 6.43 -51.74 0.03
CA PRO C 293 5.68 -50.58 -0.48
C PRO C 293 5.57 -50.62 -1.99
N ASP C 294 6.67 -50.94 -2.65
CA ASP C 294 6.74 -50.95 -4.11
C ASP C 294 5.92 -52.07 -4.74
N THR C 295 5.82 -53.20 -4.02
CA THR C 295 5.01 -54.32 -4.49
C THR C 295 3.53 -54.06 -4.29
N VAL C 296 3.20 -53.47 -3.16
CA VAL C 296 1.85 -53.10 -2.87
C VAL C 296 1.26 -52.23 -4.00
N VAL C 297 1.86 -51.08 -4.30
CA VAL C 297 1.20 -50.23 -5.30
C VAL C 297 1.00 -50.92 -6.65
N VAL C 298 1.98 -51.74 -7.06
CA VAL C 298 1.88 -52.43 -8.34
C VAL C 298 0.82 -53.53 -8.31
N GLN C 299 0.81 -54.29 -7.23
CA GLN C 299 -0.13 -55.39 -7.11
C GLN C 299 -1.57 -54.83 -7.07
N ALA C 300 -1.72 -53.67 -6.46
CA ALA C 300 -3.02 -53.06 -6.32
C ALA C 300 -3.55 -52.57 -7.66
N ILE C 301 -2.69 -51.99 -8.48
CA ILE C 301 -3.11 -51.57 -9.81
C ILE C 301 -3.35 -52.78 -10.71
N ALA C 302 -2.56 -53.82 -10.51
CA ALA C 302 -2.78 -55.09 -11.20
C ALA C 302 -4.16 -55.68 -10.85
N ALA C 303 -4.57 -55.53 -9.58
CA ALA C 303 -5.83 -56.13 -9.14
C ALA C 303 -7.01 -55.39 -9.72
N GLY C 304 -6.78 -54.20 -10.25
CA GLY C 304 -7.85 -53.30 -10.67
C GLY C 304 -8.16 -52.00 -9.95
N ALA C 305 -7.35 -51.64 -8.97
CA ALA C 305 -7.50 -50.36 -8.27
C ALA C 305 -7.27 -49.16 -9.20
N ASP C 306 -8.16 -48.17 -9.18
CA ASP C 306 -7.96 -46.85 -9.79
C ASP C 306 -7.23 -45.80 -8.96
N ILE C 307 -7.41 -45.83 -7.64
CA ILE C 307 -6.85 -44.80 -6.77
C ILE C 307 -6.03 -45.40 -5.62
N LEU C 308 -4.76 -45.02 -5.54
CA LEU C 308 -3.91 -45.53 -4.48
C LEU C 308 -3.92 -44.51 -3.35
N LEU C 309 -4.55 -44.89 -2.24
CA LEU C 309 -4.74 -43.90 -1.20
C LEU C 309 -3.55 -43.93 -0.29
N PRO C 311 -0.01 -43.73 -0.36
CA PRO C 311 1.07 -44.70 -0.41
C PRO C 311 2.20 -44.20 0.49
N PRO C 312 2.93 -45.11 1.16
CA PRO C 312 3.95 -44.67 2.12
C PRO C 312 5.06 -43.86 1.43
N ASP C 313 5.39 -44.19 0.18
CA ASP C 313 6.40 -43.41 -0.52
C ASP C 313 5.82 -42.95 -1.85
N VAL C 314 5.58 -41.66 -2.02
CA VAL C 314 4.90 -41.22 -3.23
C VAL C 314 5.84 -41.22 -4.41
N ASP C 315 7.02 -40.64 -4.22
CA ASP C 315 8.01 -40.63 -5.28
C ASP C 315 8.43 -42.05 -5.71
N GLY C 316 8.63 -42.93 -4.73
CA GLY C 316 8.94 -44.31 -5.04
C GLY C 316 7.82 -45.04 -5.75
N ALA C 317 6.59 -44.83 -5.30
CA ALA C 317 5.48 -45.55 -5.89
C ALA C 317 5.47 -45.27 -7.37
N ILE C 318 5.68 -44.00 -7.71
CA ILE C 318 5.64 -43.59 -9.10
C ILE C 318 6.69 -44.30 -9.92
N ILE C 319 7.90 -44.34 -9.41
CA ILE C 319 8.98 -45.09 -10.06
C ILE C 319 8.69 -46.59 -10.12
N ALA C 320 8.19 -47.12 -9.02
CA ALA C 320 7.75 -48.50 -8.98
C ALA C 320 6.82 -48.81 -10.16
N ILE C 321 5.88 -47.91 -10.43
CA ILE C 321 4.90 -48.17 -11.46
C ILE C 321 5.49 -48.04 -12.86
N GLU C 322 6.37 -47.06 -13.05
CA GLU C 322 7.02 -46.87 -14.34
C GLU C 322 7.89 -48.06 -14.66
N THR C 323 8.53 -48.61 -13.63
CA THR C 323 9.39 -49.78 -13.80
C THR C 323 8.57 -51.00 -14.16
N ALA C 324 7.44 -51.16 -13.47
CA ALA C 324 6.54 -52.28 -13.74
C ALA C 324 6.09 -52.23 -15.18
N ILE C 325 5.82 -51.02 -15.68
CA ILE C 325 5.46 -50.88 -17.08
C ILE C 325 6.64 -51.22 -17.99
N LYS C 326 7.80 -50.66 -17.70
CA LYS C 326 9.00 -50.94 -18.51
C LYS C 326 9.32 -52.43 -18.54
N THR C 327 9.00 -53.16 -17.47
CA THR C 327 9.28 -54.60 -17.44
C THR C 327 8.13 -55.42 -17.99
N GLY C 328 7.00 -54.76 -18.26
CA GLY C 328 5.87 -55.41 -18.90
C GLY C 328 4.81 -56.01 -18.01
N GLN C 329 5.00 -55.98 -16.69
N GLN C 329 4.98 -55.92 -16.69
CA GLN C 329 3.97 -56.45 -15.77
CA GLN C 329 4.01 -56.48 -15.75
C GLN C 329 2.72 -55.66 -16.09
C GLN C 329 2.81 -55.52 -15.56
N LEU C 330 2.90 -54.35 -16.17
CA LEU C 330 1.78 -53.44 -16.35
C LEU C 330 1.91 -52.82 -17.72
N SER C 331 0.77 -52.51 -18.33
CA SER C 331 0.78 -51.82 -19.61
C SER C 331 0.48 -50.34 -19.40
N GLU C 332 1.06 -49.50 -20.25
CA GLU C 332 0.73 -48.09 -20.25
C GLU C 332 -0.78 -47.88 -20.34
N SER C 333 -1.45 -48.60 -21.23
CA SER C 333 -2.90 -48.41 -21.43
C SER C 333 -3.75 -48.76 -20.20
N ARG C 334 -3.28 -49.66 -19.35
CA ARG C 334 -3.96 -49.95 -18.09
C ARG C 334 -4.03 -48.72 -17.18
N ILE C 335 -2.93 -47.95 -17.14
CA ILE C 335 -2.90 -46.70 -16.40
C ILE C 335 -3.88 -45.67 -16.96
N TYR C 336 -4.06 -45.66 -18.27
CA TYR C 336 -4.92 -44.64 -18.83
C TYR C 336 -6.40 -44.97 -18.68
N GLU C 337 -6.74 -46.25 -18.56
CA GLU C 337 -8.12 -46.64 -18.25
C GLU C 337 -8.53 -46.04 -16.92
N SER C 338 -7.57 -45.96 -16.00
CA SER C 338 -7.83 -45.42 -14.68
C SER C 338 -7.95 -43.91 -14.69
N VAL C 339 -7.26 -43.27 -15.61
CA VAL C 339 -7.44 -41.85 -15.77
C VAL C 339 -8.83 -41.59 -16.35
N GLU C 340 -9.25 -42.40 -17.32
CA GLU C 340 -10.60 -42.24 -17.85
C GLU C 340 -11.58 -42.15 -16.67
N ARG C 341 -11.48 -43.11 -15.76
CA ARG C 341 -12.43 -43.22 -14.64
C ARG C 341 -12.32 -42.01 -13.73
N ILE C 342 -11.09 -41.63 -13.41
CA ILE C 342 -10.86 -40.45 -12.60
C ILE C 342 -11.46 -39.23 -13.30
N TRP C 343 -11.23 -39.12 -14.60
CA TRP C 343 -11.83 -38.04 -15.35
C TRP C 343 -13.34 -37.96 -15.16
N GLN C 344 -14.03 -39.09 -15.28
CA GLN C 344 -15.48 -39.14 -15.03
C GLN C 344 -15.86 -38.59 -13.67
N ALA C 345 -15.08 -38.90 -12.64
CA ALA C 345 -15.40 -38.41 -11.31
C ALA C 345 -15.16 -36.90 -11.21
N LYS C 346 -14.05 -36.43 -11.74
CA LYS C 346 -13.71 -35.01 -11.64
C LYS C 346 -14.68 -34.16 -12.47
N GLN C 347 -15.25 -34.75 -13.51
CA GLN C 347 -16.32 -34.09 -14.26
C GLN C 347 -17.55 -33.80 -13.39
N LYS C 348 -17.91 -34.74 -12.53
CA LYS C 348 -19.05 -34.54 -11.62
C LYS C 348 -18.79 -33.37 -10.68
N ILE C 349 -17.54 -33.14 -10.31
CA ILE C 349 -17.22 -32.09 -9.34
C ILE C 349 -16.78 -30.72 -9.88
N LEU C 350 -16.69 -30.54 -11.19
CA LEU C 350 -16.27 -29.24 -11.72
C LEU C 350 -17.38 -28.18 -11.69
N THR C 351 -18.63 -28.62 -11.81
CA THR C 351 -19.79 -27.73 -11.70
C THR C 351 -20.06 -27.25 -10.27
N THR C 353 -21.74 -24.22 -8.64
CA THR C 353 -22.44 -23.19 -7.84
C THR C 353 -21.61 -22.76 -6.63
N PRO C 354 -21.20 -21.48 -6.59
CA PRO C 354 -20.28 -21.02 -5.55
C PRO C 354 -20.91 -20.95 -4.15
N SER C 355 -20.20 -21.50 -3.18
CA SER C 355 -20.42 -21.19 -1.78
C SER C 355 -19.07 -20.82 -1.19
N THR C 356 -18.93 -19.56 -0.83
CA THR C 356 -17.69 -19.12 -0.21
C THR C 356 -17.91 -19.17 1.30
N PHE C 357 -17.19 -20.06 1.97
CA PHE C 357 -17.34 -20.22 3.40
C PHE C 357 -17.26 -18.82 3.97
N PRO C 358 -18.05 -18.50 5.03
CA PRO C 358 -19.02 -19.23 5.85
C PRO C 358 -20.35 -19.56 5.16
N GLN C 359 -20.65 -18.92 4.02
CA GLN C 359 -21.84 -19.29 3.27
C GLN C 359 -21.79 -20.80 3.07
N GLY C 360 -22.88 -21.48 3.34
CA GLY C 360 -22.92 -22.91 3.13
C GLY C 360 -22.71 -23.70 4.40
N ILE C 361 -22.07 -23.07 5.39
CA ILE C 361 -22.02 -23.64 6.72
C ILE C 361 -23.36 -23.37 7.45
N SER C 362 -23.95 -24.41 8.04
CA SER C 362 -25.24 -24.25 8.72
C SER C 362 -25.16 -23.44 10.02
N GLY C 363 -24.09 -23.60 10.79
CA GLY C 363 -23.90 -22.78 11.97
C GLY C 363 -25.05 -22.93 12.94
N ASP C 364 -25.63 -21.82 13.36
CA ASP C 364 -26.67 -21.84 14.38
C ASP C 364 -28.04 -22.13 13.77
N ARG C 365 -28.07 -22.38 12.47
CA ARG C 365 -29.35 -22.55 11.77
C ARG C 365 -30.19 -23.64 12.44
N PRO C 366 -31.36 -23.26 12.95
CA PRO C 366 -32.18 -24.07 13.86
C PRO C 366 -32.60 -25.45 13.35
N GLU C 367 -33.06 -25.59 12.11
CA GLU C 367 -33.45 -26.91 11.61
C GLU C 367 -32.30 -27.90 11.60
N THR C 368 -31.07 -27.40 11.47
CA THR C 368 -29.90 -28.25 11.59
C THR C 368 -29.72 -28.68 13.03
N ARG C 369 -29.66 -27.71 13.93
CA ARG C 369 -29.52 -28.00 15.36
C ARG C 369 -30.63 -28.93 15.85
N LYS C 370 -31.87 -28.68 15.40
CA LYS C 370 -32.99 -29.58 15.68
C LYS C 370 -32.73 -31.01 15.22
N THR C 371 -32.33 -31.16 13.96
CA THR C 371 -32.06 -32.48 13.41
C THR C 371 -31.10 -33.24 14.29
N VAL C 372 -30.04 -32.56 14.73
CA VAL C 372 -29.03 -33.22 15.55
C VAL C 372 -29.60 -33.66 16.91
N ALA C 373 -30.33 -32.77 17.56
CA ALA C 373 -30.95 -33.11 18.84
C ALA C 373 -32.02 -34.19 18.63
N VAL C 375 -32.03 -36.55 16.68
CA VAL C 375 -31.37 -37.84 16.54
C VAL C 375 -30.81 -38.35 17.88
N LEU C 376 -30.05 -37.51 18.58
CA LEU C 376 -29.54 -37.90 19.89
C LEU C 376 -30.68 -38.30 20.84
N GLU C 377 -31.69 -37.45 20.93
CA GLU C 377 -32.83 -37.69 21.81
C GLU C 377 -33.47 -39.07 21.59
N ARG C 378 -33.69 -39.42 20.34
CA ARG C 378 -34.22 -40.70 19.94
C ARG C 378 -33.34 -41.92 20.14
N ALA C 379 -32.03 -41.72 20.01
CA ALA C 379 -31.05 -42.80 20.01
C ALA C 379 -30.65 -43.17 21.42
N THR C 380 -31.02 -42.31 22.37
CA THR C 380 -30.67 -42.47 23.76
C THR C 380 -31.16 -43.80 24.39
N LYS C 381 -30.42 -44.27 25.38
CA LYS C 381 -30.81 -45.42 26.19
C LYS C 381 -30.70 -45.08 27.69
N HIS C 382 -31.48 -45.78 28.51
CA HIS C 382 -31.45 -45.56 29.96
C HIS C 382 -31.97 -46.76 30.71
N GLN C 383 -31.63 -46.84 32.00
CA GLN C 383 -32.17 -47.87 32.88
C GLN C 383 -33.68 -47.69 33.05
N LYS C 384 -34.43 -48.78 32.90
CA LYS C 384 -35.87 -48.76 33.12
C LYS C 384 -36.24 -48.31 34.54
N VAL C 387 -36.11 -41.47 36.07
CA VAL C 387 -35.38 -41.47 37.35
C VAL C 387 -34.39 -40.32 37.49
N LYS C 388 -34.19 -39.86 38.73
CA LYS C 388 -33.36 -38.68 38.99
C LYS C 388 -32.31 -38.91 40.08
N ILE C 389 -31.33 -38.01 40.12
CA ILE C 389 -30.15 -38.16 40.97
C ILE C 389 -30.17 -37.05 42.00
N SER C 390 -29.54 -37.26 43.14
CA SER C 390 -29.57 -36.23 44.18
C SER C 390 -28.76 -35.00 43.77
N SER C 391 -29.07 -33.87 44.40
CA SER C 391 -28.38 -32.62 44.13
C SER C 391 -27.61 -32.26 45.39
N PHE C 392 -26.54 -31.49 45.26
CA PHE C 392 -25.68 -31.17 46.41
C PHE C 392 -25.22 -29.70 46.49
N PRO C 393 -24.69 -29.29 47.66
CA PRO C 393 -24.08 -27.96 47.74
C PRO C 393 -22.80 -27.87 46.90
N ASP C 394 -22.42 -26.66 46.47
CA ASP C 394 -21.32 -26.49 45.53
C ASP C 394 -20.05 -27.20 45.95
N ASN C 395 -19.48 -27.95 45.02
CA ASN C 395 -18.24 -28.68 45.25
C ASN C 395 -18.29 -29.69 46.40
N PHE C 396 -19.49 -30.17 46.73
CA PHE C 396 -19.63 -31.25 47.71
C PHE C 396 -19.38 -32.64 47.12
N ALA C 397 -19.79 -32.83 45.86
CA ALA C 397 -19.68 -34.14 45.21
C ALA C 397 -18.71 -34.13 44.02
N ARG C 398 -18.53 -35.28 43.40
CA ARG C 398 -17.62 -35.39 42.28
C ARG C 398 -18.23 -35.78 40.95
N ASN C 399 -17.90 -35.01 39.94
CA ASN C 399 -18.22 -35.39 38.57
C ASN C 399 -16.92 -35.86 37.90
N LEU C 400 -16.80 -37.16 37.69
CA LEU C 400 -15.55 -37.76 37.23
C LEU C 400 -15.69 -38.11 35.76
N ILE C 401 -14.97 -37.37 34.92
CA ILE C 401 -15.09 -37.53 33.50
C ILE C 401 -13.94 -38.40 33.06
N VAL C 402 -14.26 -39.50 32.38
CA VAL C 402 -13.24 -40.45 31.95
C VAL C 402 -13.18 -40.50 30.42
N VAL C 403 -12.00 -40.28 29.84
CA VAL C 403 -11.84 -40.36 28.40
C VAL C 403 -10.65 -41.24 28.02
N ASP C 404 -10.66 -41.74 26.79
CA ASP C 404 -9.54 -42.51 26.27
C ASP C 404 -8.31 -41.61 26.22
N SER C 405 -8.41 -40.46 25.55
CA SER C 405 -7.30 -39.53 25.46
C SER C 405 -7.69 -38.05 25.62
N VAL C 406 -7.07 -37.39 26.59
CA VAL C 406 -7.25 -35.96 26.83
C VAL C 406 -6.94 -35.11 25.59
N LEU C 407 -6.01 -35.57 24.77
CA LEU C 407 -5.61 -34.87 23.57
C LEU C 407 -6.59 -35.12 22.43
N LYS C 408 -7.28 -36.24 22.54
CA LYS C 408 -8.28 -36.68 21.58
C LYS C 408 -9.75 -36.32 21.92
N SER C 409 -9.95 -35.48 22.93
CA SER C 409 -11.30 -35.17 23.36
C SER C 409 -11.72 -33.71 23.20
N PRO C 410 -11.95 -33.28 21.96
CA PRO C 410 -12.30 -31.89 21.68
C PRO C 410 -13.62 -31.50 22.30
N PHE C 411 -14.50 -32.47 22.49
CA PHE C 411 -15.82 -32.17 23.07
C PHE C 411 -15.74 -31.69 24.52
N LEU C 412 -14.60 -31.86 25.17
CA LEU C 412 -14.43 -31.27 26.49
C LEU C 412 -13.84 -29.90 26.30
N ARG C 413 -14.60 -28.88 26.67
CA ARG C 413 -14.16 -27.49 26.60
C ARG C 413 -14.67 -26.82 27.86
N PRO C 414 -14.13 -25.65 28.19
CA PRO C 414 -14.66 -24.94 29.37
C PRO C 414 -16.18 -24.77 29.27
N ASN C 415 -16.87 -25.00 30.39
CA ASN C 415 -18.32 -24.90 30.48
C ASN C 415 -19.09 -25.76 29.49
N CYS C 416 -18.50 -26.83 28.99
CA CYS C 416 -19.30 -27.70 28.16
C CYS C 416 -20.41 -28.25 29.07
N PRO C 417 -21.51 -28.70 28.50
CA PRO C 417 -22.62 -29.15 29.32
C PRO C 417 -22.20 -30.18 30.35
N ALA C 418 -21.33 -31.11 29.96
CA ALA C 418 -21.00 -32.25 30.84
C ALA C 418 -20.27 -31.82 32.11
N ILE C 419 -19.79 -30.60 32.11
CA ILE C 419 -19.13 -30.01 33.27
C ILE C 419 -20.06 -28.99 33.94
N ALA C 420 -20.47 -27.97 33.18
CA ALA C 420 -21.35 -26.92 33.66
C ALA C 420 -22.63 -27.37 34.38
N ILE C 421 -23.34 -28.33 33.80
CA ILE C 421 -24.59 -28.79 34.38
C ILE C 421 -24.33 -29.51 35.69
N PRO C 422 -23.46 -30.53 35.70
CA PRO C 422 -23.35 -31.22 36.98
C PRO C 422 -22.71 -30.32 38.02
N GLN C 423 -22.04 -29.25 37.59
CA GLN C 423 -21.46 -28.28 38.53
C GLN C 423 -22.54 -27.54 39.30
N ARG C 424 -23.63 -27.17 38.62
CA ARG C 424 -24.78 -26.52 39.23
C ARG C 424 -25.33 -27.33 40.40
N HIS C 425 -25.18 -28.64 40.28
CA HIS C 425 -25.71 -29.58 41.27
C HIS C 425 -24.67 -30.05 42.28
N GLY C 426 -23.48 -29.48 42.19
CA GLY C 426 -22.49 -29.61 43.25
C GLY C 426 -21.54 -30.76 43.06
N TYR C 427 -21.50 -31.29 41.84
CA TYR C 427 -20.49 -32.27 41.47
C TYR C 427 -19.39 -31.53 40.76
N ALA C 428 -18.23 -31.44 41.38
CA ALA C 428 -17.15 -30.71 40.76
C ALA C 428 -16.38 -31.67 39.85
N ALA C 429 -15.95 -31.16 38.72
CA ALA C 429 -15.40 -31.99 37.67
C ALA C 429 -13.95 -32.38 37.91
N GLU C 430 -13.67 -33.66 37.76
CA GLU C 430 -12.31 -34.15 37.61
C GLU C 430 -12.22 -34.95 36.34
N ILE C 431 -11.26 -34.61 35.50
CA ILE C 431 -11.14 -35.27 34.21
C ILE C 431 -9.95 -36.16 34.27
N VAL C 432 -10.07 -37.37 33.77
CA VAL C 432 -8.96 -38.29 33.84
C VAL C 432 -9.01 -39.37 32.76
N GLU C 433 -7.86 -39.93 32.44
CA GLU C 433 -7.81 -40.91 31.38
C GLU C 433 -8.13 -42.30 31.93
N LEU C 434 -8.85 -43.09 31.16
CA LEU C 434 -9.17 -44.46 31.54
C LEU C 434 -7.94 -45.28 32.00
N LYS C 435 -6.77 -45.03 31.41
CA LYS C 435 -5.61 -45.81 31.82
C LYS C 435 -5.14 -45.39 33.21
N THR C 436 -5.38 -44.14 33.55
CA THR C 436 -5.02 -43.62 34.86
C THR C 436 -6.03 -44.01 35.94
N LEU C 437 -7.29 -44.15 35.55
CA LEU C 437 -8.36 -44.32 36.53
C LEU C 437 -8.04 -45.33 37.65
N PRO C 438 -7.62 -46.55 37.33
CA PRO C 438 -7.61 -47.60 38.36
C PRO C 438 -6.62 -47.36 39.49
N ARG C 439 -5.64 -46.51 39.25
CA ARG C 439 -4.62 -46.18 40.26
C ARG C 439 -4.95 -44.93 41.08
N LEU C 440 -6.12 -44.37 40.84
CA LEU C 440 -6.54 -43.12 41.48
C LEU C 440 -7.49 -43.39 42.64
N GLN C 441 -7.09 -42.99 43.84
CA GLN C 441 -7.88 -43.30 45.02
C GLN C 441 -8.84 -42.14 45.23
N LEU C 442 -10.12 -42.44 45.04
CA LEU C 442 -11.15 -41.42 45.05
C LEU C 442 -11.64 -41.22 46.46
N GLU C 443 -11.82 -39.97 46.87
CA GLU C 443 -12.41 -39.71 48.17
C GLU C 443 -13.83 -40.22 48.12
N ALA C 444 -14.36 -40.71 49.25
CA ALA C 444 -15.69 -41.28 49.17
C ALA C 444 -16.65 -40.15 49.46
N ILE C 445 -17.32 -39.71 48.41
CA ILE C 445 -18.32 -38.67 48.50
C ILE C 445 -19.26 -38.96 47.33
N PRO C 446 -20.37 -38.22 47.23
CA PRO C 446 -21.26 -38.63 46.14
C PRO C 446 -20.51 -38.47 44.84
N THR C 447 -20.49 -39.50 44.01
CA THR C 447 -19.73 -39.41 42.77
C THR C 447 -20.53 -39.81 41.55
N LEU C 448 -20.38 -39.03 40.48
CA LEU C 448 -20.98 -39.34 39.19
C LEU C 448 -19.87 -39.55 38.18
N ILE C 449 -20.00 -40.59 37.38
CA ILE C 449 -19.02 -40.91 36.37
C ILE C 449 -19.60 -40.84 34.98
N GLN C 450 -18.95 -40.07 34.11
CA GLN C 450 -19.31 -39.99 32.71
C GLN C 450 -18.11 -40.50 31.94
N CYS C 451 -18.35 -41.50 31.08
CA CYS C 451 -17.28 -42.11 30.30
C CYS C 451 -17.52 -41.85 28.85
N PHE C 452 -16.56 -41.21 28.20
CA PHE C 452 -16.64 -41.04 26.76
C PHE C 452 -15.72 -42.10 26.16
N LEU C 453 -16.30 -43.14 25.57
CA LEU C 453 -15.51 -44.19 24.94
C LEU C 453 -16.21 -44.75 23.72
N ARG C 454 -15.45 -44.97 22.67
CA ARG C 454 -15.98 -45.54 21.44
C ARG C 454 -14.84 -46.19 20.68
N GLY C 455 -15.16 -47.02 19.71
CA GLY C 455 -14.13 -47.56 18.85
C GLY C 455 -13.81 -46.54 17.77
N ASN C 456 -12.65 -46.71 17.15
CA ASN C 456 -12.14 -45.78 16.14
C ASN C 456 -10.84 -46.30 15.59
N PRO C 457 -10.43 -45.77 14.43
CA PRO C 457 -9.14 -46.20 13.87
C PRO C 457 -8.03 -46.12 14.93
N PHE C 458 -7.13 -47.10 14.94
CA PHE C 458 -6.06 -47.22 15.95
C PHE C 458 -6.55 -47.56 17.35
N THR C 459 -7.52 -48.46 17.38
CA THR C 459 -8.05 -49.04 18.60
C THR C 459 -7.91 -50.55 18.46
N GLU C 460 -7.10 -51.19 19.28
CA GLU C 460 -6.96 -52.65 19.22
C GLU C 460 -8.11 -53.39 19.92
N LYS C 461 -8.53 -52.85 21.06
CA LYS C 461 -9.50 -53.49 21.91
C LYS C 461 -10.44 -52.41 22.39
N LEU C 462 -11.73 -52.62 22.20
CA LEU C 462 -12.69 -51.70 22.79
C LEU C 462 -12.40 -51.67 24.28
N ALA C 463 -12.23 -50.47 24.82
CA ALA C 463 -11.86 -50.32 26.21
C ALA C 463 -12.89 -50.98 27.12
N ASP C 464 -12.42 -51.64 28.17
CA ASP C 464 -13.27 -52.40 29.09
C ASP C 464 -13.13 -51.82 30.49
N PRO C 465 -13.98 -50.85 30.80
CA PRO C 465 -14.18 -50.12 32.06
C PRO C 465 -14.87 -50.90 33.20
N ILE C 466 -15.57 -51.99 32.89
CA ILE C 466 -16.44 -52.63 33.89
C ILE C 466 -15.73 -53.10 35.16
N ASP C 467 -14.66 -53.85 35.02
CA ASP C 467 -13.89 -54.22 36.20
C ASP C 467 -13.56 -52.94 36.99
N VAL C 468 -13.03 -51.93 36.32
CA VAL C 468 -12.59 -50.71 37.01
C VAL C 468 -13.73 -49.99 37.71
N LEU C 469 -14.92 -50.08 37.14
CA LEU C 469 -16.07 -49.40 37.73
C LEU C 469 -16.58 -50.15 38.96
N GLN C 470 -16.45 -51.47 38.93
CA GLN C 470 -16.88 -52.33 40.01
C GLN C 470 -16.04 -52.04 41.26
N LYS C 471 -14.72 -52.06 41.10
CA LYS C 471 -13.80 -51.75 42.20
C LYS C 471 -14.12 -50.39 42.83
N ILE C 472 -14.54 -49.46 41.99
CA ILE C 472 -14.93 -48.13 42.45
C ILE C 472 -16.25 -48.19 43.19
N ALA C 473 -17.25 -48.83 42.59
CA ALA C 473 -18.57 -48.95 43.21
C ALA C 473 -18.44 -49.53 44.61
N ALA C 474 -17.54 -50.50 44.78
CA ALA C 474 -17.30 -51.05 46.10
C ALA C 474 -17.02 -49.97 47.14
N GLN C 475 -16.03 -49.12 46.86
CA GLN C 475 -15.56 -48.14 47.85
C GLN C 475 -16.10 -46.71 47.80
N ILE C 476 -16.97 -46.39 46.84
CA ILE C 476 -17.47 -45.03 46.65
C ILE C 476 -18.97 -45.03 46.38
N PRO C 477 -19.71 -44.04 46.92
CA PRO C 477 -21.15 -43.92 46.71
C PRO C 477 -21.51 -43.36 45.34
N LEU C 478 -21.55 -44.23 44.32
CA LEU C 478 -21.84 -43.78 42.96
C LEU C 478 -23.29 -43.33 42.80
N GLN C 479 -23.49 -42.09 42.37
CA GLN C 479 -24.83 -41.64 42.07
C GLN C 479 -25.30 -42.13 40.70
N GLY C 480 -24.38 -42.22 39.74
CA GLY C 480 -24.76 -42.71 38.42
C GLY C 480 -23.61 -42.86 37.44
N VAL C 481 -23.82 -43.66 36.40
CA VAL C 481 -22.87 -43.77 35.31
C VAL C 481 -23.47 -43.33 33.97
N ILE C 482 -22.71 -42.56 33.20
CA ILE C 482 -23.16 -42.15 31.87
C ILE C 482 -22.15 -42.60 30.84
N PHE C 483 -22.62 -43.22 29.75
CA PHE C 483 -21.72 -43.58 28.65
C PHE C 483 -22.06 -42.78 27.42
N TYR C 484 -21.06 -42.12 26.84
CA TYR C 484 -21.20 -41.51 25.51
C TYR C 484 -20.32 -42.29 24.56
N GLY C 485 -20.69 -42.38 23.29
CA GLY C 485 -20.03 -43.33 22.40
C GLY C 485 -20.62 -44.72 22.38
N SER C 486 -19.78 -45.75 22.33
CA SER C 486 -20.21 -47.13 22.13
C SER C 486 -21.21 -47.68 23.14
N PRO C 487 -22.33 -48.22 22.64
CA PRO C 487 -23.41 -48.89 23.37
C PRO C 487 -23.01 -50.26 23.88
N TYR C 488 -21.93 -50.81 23.35
CA TYR C 488 -21.69 -52.24 23.51
C TYR C 488 -21.36 -52.75 24.91
N PHE C 489 -20.97 -51.86 25.82
CA PHE C 489 -20.66 -52.28 27.18
C PHE C 489 -21.78 -52.16 28.21
N LEU C 490 -22.96 -51.73 27.77
CA LEU C 490 -24.12 -51.57 28.65
C LEU C 490 -24.64 -52.90 29.19
N GLU C 491 -24.74 -53.88 28.32
CA GLU C 491 -25.32 -55.17 28.68
C GLU C 491 -24.48 -55.79 29.81
N ALA C 492 -23.18 -55.58 29.76
CA ALA C 492 -22.26 -56.05 30.78
C ALA C 492 -22.21 -55.14 32.00
N LEU C 493 -22.60 -53.88 31.83
CA LEU C 493 -22.65 -52.93 32.96
C LEU C 493 -23.80 -53.33 33.84
N GLN C 494 -24.97 -53.47 33.22
CA GLN C 494 -26.19 -53.81 33.90
C GLN C 494 -26.03 -55.11 34.72
N THR C 495 -25.27 -56.04 34.19
CA THR C 495 -25.01 -57.30 34.88
C THR C 495 -24.21 -57.08 36.15
N THR C 496 -23.09 -56.36 36.02
CA THR C 496 -22.15 -56.17 37.11
C THR C 496 -22.61 -55.14 38.15
N LEU C 497 -23.22 -54.05 37.70
CA LEU C 497 -23.73 -53.03 38.60
C LEU C 497 -25.20 -52.75 38.36
N PRO C 498 -26.04 -53.76 38.65
CA PRO C 498 -27.50 -53.68 38.53
C PRO C 498 -27.99 -52.49 39.33
N GLU C 499 -27.41 -52.35 40.52
CA GLU C 499 -27.83 -51.35 41.49
C GLU C 499 -27.73 -49.89 41.00
N ILE C 500 -26.65 -49.55 40.30
CA ILE C 500 -26.44 -48.15 39.92
C ILE C 500 -27.17 -47.79 38.64
N PRO C 501 -27.82 -46.61 38.62
CA PRO C 501 -28.50 -46.04 37.45
C PRO C 501 -27.54 -45.54 36.35
N TRP C 502 -27.86 -45.85 35.10
CA TRP C 502 -27.02 -45.50 33.98
C TRP C 502 -27.80 -44.84 32.86
N TRP C 503 -27.15 -43.93 32.13
CA TRP C 503 -27.71 -43.33 30.91
C TRP C 503 -26.72 -43.47 29.76
N PHE C 504 -27.26 -43.41 28.54
CA PHE C 504 -26.41 -43.56 27.38
C PHE C 504 -26.78 -42.72 26.19
N SER C 505 -25.75 -42.27 25.47
CA SER C 505 -25.90 -41.50 24.25
C SER C 505 -24.81 -41.88 23.29
N TYR C 506 -25.13 -41.81 22.00
CA TYR C 506 -24.19 -42.09 20.94
C TYR C 506 -23.26 -40.92 20.69
N GLY C 507 -23.76 -39.70 20.87
CA GLY C 507 -22.97 -38.52 20.60
C GLY C 507 -22.09 -38.16 21.77
N GLN C 508 -20.90 -37.67 21.49
CA GLN C 508 -20.07 -37.07 22.53
C GLN C 508 -20.08 -35.54 22.56
N ALA C 510 -21.19 -31.37 22.52
CA ALA C 510 -21.81 -30.52 23.53
C ALA C 510 -23.28 -30.83 23.71
N ILE C 511 -24.01 -30.95 22.61
CA ILE C 511 -25.45 -31.08 22.72
C ILE C 511 -25.87 -32.45 23.28
N ALA C 512 -25.08 -33.48 23.01
CA ALA C 512 -25.37 -34.78 23.58
C ALA C 512 -25.19 -34.73 25.10
N GLN C 513 -24.13 -34.05 25.54
CA GLN C 513 -23.89 -33.88 26.95
C GLN C 513 -25.04 -33.13 27.62
N ALA C 514 -25.64 -32.18 26.91
CA ALA C 514 -26.72 -31.41 27.51
C ALA C 514 -28.01 -32.23 27.67
N GLU C 515 -28.42 -32.94 26.63
CA GLU C 515 -29.62 -33.76 26.75
C GLU C 515 -29.50 -34.72 27.93
N ILE C 516 -28.47 -35.57 27.93
CA ILE C 516 -28.27 -36.52 29.01
C ILE C 516 -28.18 -35.85 30.39
N CYS C 517 -27.24 -34.93 30.55
CA CYS C 517 -27.05 -34.32 31.87
C CYS C 517 -28.28 -33.60 32.41
N THR C 518 -29.12 -33.08 31.52
CA THR C 518 -30.28 -32.34 31.98
C THR C 518 -31.40 -33.30 32.36
N SER C 519 -31.25 -34.55 31.96
CA SER C 519 -32.28 -35.52 32.24
C SER C 519 -32.03 -36.23 33.57
N LEU C 520 -30.87 -35.96 34.15
CA LEU C 520 -30.55 -36.46 35.48
C LEU C 520 -31.20 -35.62 36.59
N TRP C 521 -31.85 -34.52 36.24
CA TRP C 521 -32.29 -33.57 37.26
C TRP C 521 -33.67 -32.94 37.02
N ALA C 532 -18.33 -18.17 36.58
CA ALA C 532 -17.85 -16.81 36.87
C ALA C 532 -16.50 -16.53 36.23
N GLU C 533 -16.03 -17.47 35.42
CA GLU C 533 -14.71 -17.39 34.80
C GLU C 533 -14.85 -17.09 33.32
N PHE C 534 -14.36 -15.92 32.90
CA PHE C 534 -14.42 -15.48 31.50
C PHE C 534 -13.15 -15.67 30.63
N ILE C 535 -12.10 -16.27 31.19
CA ILE C 535 -10.83 -16.41 30.46
C ILE C 535 -9.92 -17.47 31.08
N ALA D 7 -16.59 3.60 5.81
CA ALA D 7 -16.43 5.03 5.58
C ALA D 7 -15.71 5.71 6.75
N PRO D 8 -15.22 6.95 6.56
CA PRO D 8 -14.45 7.60 7.63
C PRO D 8 -15.30 7.89 8.87
N LEU D 9 -14.73 8.58 9.84
CA LEU D 9 -15.48 9.00 11.02
C LEU D 9 -16.37 10.19 10.67
N PRO D 10 -17.65 10.14 11.09
CA PRO D 10 -18.52 11.31 10.99
C PRO D 10 -18.15 12.32 12.07
N PRO D 11 -18.54 13.59 11.89
CA PRO D 11 -18.27 14.59 12.93
C PRO D 11 -18.81 14.14 14.30
N VAL D 12 -18.00 14.32 15.33
CA VAL D 12 -18.36 13.85 16.67
C VAL D 12 -19.76 14.29 17.06
N GLU D 13 -20.14 15.52 16.73
CA GLU D 13 -21.48 16.01 17.08
C GLU D 13 -22.61 15.43 16.21
N SER D 14 -22.26 14.64 15.20
CA SER D 14 -23.29 13.98 14.39
C SER D 14 -23.95 12.80 15.12
N LEU D 15 -23.32 12.32 16.19
CA LEU D 15 -23.87 11.23 16.97
C LEU D 15 -24.93 11.71 17.96
N SER D 16 -25.93 10.87 18.18
CA SER D 16 -26.89 11.05 19.26
C SER D 16 -26.19 10.86 20.59
N LEU D 17 -26.80 11.36 21.67
CA LEU D 17 -26.19 11.22 22.99
C LEU D 17 -26.07 9.75 23.37
N ARG D 18 -26.91 8.93 22.76
CA ARG D 18 -26.89 7.50 23.01
C ARG D 18 -25.77 6.81 22.25
N GLN D 19 -25.43 7.35 21.08
CA GLN D 19 -24.35 6.78 20.31
C GLN D 19 -23.03 7.20 20.94
N ALA D 20 -23.00 8.40 21.51
CA ALA D 20 -21.77 8.89 22.14
C ALA D 20 -21.50 8.10 23.43
N ILE D 21 -22.57 7.70 24.11
CA ILE D 21 -22.42 6.80 25.25
C ILE D 21 -21.92 5.42 24.79
N ALA D 22 -22.58 4.85 23.78
CA ALA D 22 -22.21 3.53 23.30
C ALA D 22 -20.75 3.43 22.81
N GLN D 23 -20.18 4.56 22.40
CA GLN D 23 -18.82 4.56 21.89
C GLN D 23 -17.84 4.24 23.01
N ILE D 25 -18.22 2.06 25.24
CA ILE D 25 -18.40 0.69 25.73
C ILE D 25 -17.78 -0.36 24.82
N VAL D 26 -16.88 -1.16 25.38
CA VAL D 26 -16.31 -2.30 24.69
C VAL D 26 -16.92 -3.56 25.29
N VAL D 27 -17.41 -4.44 24.43
CA VAL D 27 -18.07 -5.66 24.87
C VAL D 27 -17.33 -6.91 24.44
N ARG D 28 -17.56 -7.99 25.16
CA ARG D 28 -16.84 -9.22 24.94
C ARG D 28 -17.59 -10.16 23.97
N GLY D 29 -16.85 -10.83 23.10
CA GLY D 29 -17.43 -11.74 22.15
C GLY D 29 -16.46 -12.88 21.96
N ALA D 30 -16.88 -13.98 21.32
CA ALA D 30 -15.95 -15.08 21.08
C ALA D 30 -15.47 -15.07 19.65
N GLY D 31 -14.23 -15.47 19.44
CA GLY D 31 -13.72 -15.57 18.08
C GLY D 31 -14.53 -16.47 17.16
N TYR D 32 -15.14 -17.52 17.72
CA TYR D 32 -15.90 -18.49 16.94
C TYR D 32 -17.12 -17.85 16.28
N LEU D 33 -17.53 -18.37 15.13
CA LEU D 33 -18.57 -17.69 14.36
C LEU D 33 -20.01 -17.93 14.82
N PHE D 34 -20.24 -19.04 15.53
CA PHE D 34 -21.61 -19.44 15.87
C PHE D 34 -21.86 -19.49 17.36
N ASP D 35 -23.11 -19.23 17.74
CA ASP D 35 -23.48 -19.17 19.16
C ASP D 35 -23.16 -20.47 19.89
N TYR D 36 -23.47 -21.61 19.27
CA TYR D 36 -23.25 -22.88 19.92
C TYR D 36 -21.79 -23.19 20.24
N GLU D 37 -20.87 -22.42 19.70
CA GLU D 37 -19.43 -22.65 19.94
C GLU D 37 -18.86 -21.89 21.12
N ARG D 38 -19.62 -20.97 21.68
CA ARG D 38 -19.08 -20.15 22.77
C ARG D 38 -18.77 -20.96 24.02
N PRO D 39 -17.51 -20.91 24.47
CA PRO D 39 -17.01 -21.50 25.70
C PRO D 39 -17.56 -20.79 26.92
N TYR D 40 -17.88 -19.52 26.76
CA TYR D 40 -18.31 -18.71 27.90
C TYR D 40 -19.58 -17.91 27.59
N PRO D 41 -20.68 -18.61 27.26
CA PRO D 41 -21.92 -17.97 26.80
C PRO D 41 -22.43 -16.93 27.78
N GLN D 42 -22.08 -17.06 29.05
CA GLN D 42 -22.51 -16.04 30.00
C GLN D 42 -21.73 -14.73 29.82
N TRP D 43 -20.49 -14.80 29.35
CA TRP D 43 -19.78 -13.55 29.08
C TRP D 43 -19.74 -13.10 27.62
N GLU D 44 -20.21 -13.93 26.69
CA GLU D 44 -19.93 -13.69 25.28
C GLU D 44 -21.18 -13.57 24.45
N ALA D 45 -21.42 -12.37 23.93
CA ALA D 45 -22.63 -12.05 23.19
C ALA D 45 -22.93 -13.00 22.05
N ASP D 46 -24.17 -13.48 21.99
CA ASP D 46 -24.58 -14.31 20.88
C ASP D 46 -24.66 -13.40 19.66
N GLN D 47 -24.98 -13.96 18.49
CA GLN D 47 -24.96 -13.18 17.27
C GLN D 47 -25.90 -11.99 17.33
N THR D 48 -27.15 -12.25 17.67
CA THR D 48 -28.13 -11.19 17.69
C THR D 48 -27.74 -10.08 18.66
N THR D 49 -27.22 -10.45 19.81
CA THR D 49 -26.89 -9.39 20.76
C THR D 49 -25.70 -8.56 20.31
N LEU D 50 -24.74 -9.21 19.65
CA LEU D 50 -23.57 -8.50 19.17
C LEU D 50 -23.94 -7.53 18.07
N GLN D 51 -24.80 -7.99 17.17
CA GLN D 51 -25.20 -7.14 16.06
C GLN D 51 -26.03 -5.96 16.58
N ARG D 52 -27.04 -6.25 17.39
CA ARG D 52 -27.86 -5.21 17.96
C ARG D 52 -27.02 -4.13 18.63
N TRP D 53 -26.02 -4.56 19.40
CA TRP D 53 -25.14 -3.61 20.07
C TRP D 53 -24.32 -2.80 19.08
N ILE D 54 -23.62 -3.51 18.21
CA ILE D 54 -22.79 -2.88 17.19
C ILE D 54 -23.59 -1.90 16.31
N GLU D 55 -24.82 -2.31 15.95
CA GLU D 55 -25.72 -1.49 15.14
C GLU D 55 -26.24 -0.33 15.97
N ALA D 56 -26.20 -0.48 17.29
CA ALA D 56 -26.64 0.58 18.18
C ALA D 56 -25.47 1.48 18.55
N GLY D 57 -24.32 1.24 17.96
CA GLY D 57 -23.20 2.14 18.14
C GLY D 57 -22.22 1.77 19.24
N ILE D 58 -22.21 0.50 19.62
CA ILE D 58 -21.24 0.05 20.60
C ILE D 58 -19.87 0.40 20.05
N GLY D 59 -18.95 0.73 20.94
CA GLY D 59 -17.69 1.33 20.53
C GLY D 59 -16.63 0.36 20.08
N GLY D 60 -16.70 -0.86 20.59
CA GLY D 60 -15.66 -1.82 20.31
C GLY D 60 -15.93 -3.20 20.89
N VAL D 61 -15.19 -4.19 20.39
CA VAL D 61 -15.34 -5.57 20.81
C VAL D 61 -14.01 -6.21 21.20
N ILE D 62 -13.99 -6.88 22.36
CA ILE D 62 -12.82 -7.67 22.74
C ILE D 62 -13.07 -9.18 22.51
N LEU D 63 -12.14 -9.83 21.83
CA LEU D 63 -12.30 -11.22 21.43
C LEU D 63 -11.39 -12.23 22.15
N LEU D 64 -11.94 -13.40 22.39
CA LEU D 64 -11.22 -14.54 22.92
C LEU D 64 -11.67 -15.79 22.14
N GLY D 65 -10.75 -16.74 21.97
CA GLY D 65 -11.09 -17.98 21.31
C GLY D 65 -11.07 -17.97 19.78
N GLY D 66 -10.84 -19.14 19.19
CA GLY D 66 -10.88 -19.25 17.76
C GLY D 66 -9.52 -19.31 17.12
N SER D 67 -9.44 -19.97 15.98
CA SER D 67 -8.22 -19.98 15.19
C SER D 67 -8.12 -18.68 14.43
N ALA D 68 -6.89 -18.27 14.12
CA ALA D 68 -6.66 -17.03 13.43
C ALA D 68 -7.55 -16.94 12.21
N ALA D 69 -7.67 -18.05 11.50
CA ALA D 69 -8.54 -18.10 10.34
C ALA D 69 -9.95 -17.61 10.72
N GLU D 70 -10.51 -18.17 11.78
CA GLU D 70 -11.84 -17.79 12.24
C GLU D 70 -11.93 -16.33 12.68
N VAL D 71 -10.96 -15.88 13.46
CA VAL D 71 -10.96 -14.49 13.91
C VAL D 71 -10.96 -13.52 12.74
N ALA D 72 -10.32 -13.91 11.64
CA ALA D 72 -10.30 -13.09 10.43
C ALA D 72 -11.70 -12.86 9.96
N GLN D 73 -12.49 -13.93 9.93
CA GLN D 73 -13.87 -13.86 9.54
C GLN D 73 -14.70 -13.04 10.52
N LYS D 74 -14.58 -13.40 11.80
CA LYS D 74 -15.31 -12.71 12.85
C LYS D 74 -15.14 -11.18 12.74
N THR D 75 -13.91 -10.67 12.63
CA THR D 75 -13.74 -9.22 12.58
C THR D 75 -14.38 -8.61 11.33
N LYS D 76 -14.21 -9.29 10.21
CA LYS D 76 -14.87 -8.87 8.98
C LYS D 76 -16.37 -8.76 9.28
N GLN D 77 -16.96 -9.83 9.81
CA GLN D 77 -18.40 -9.84 10.08
C GLN D 77 -18.77 -8.65 10.95
N LEU D 78 -18.08 -8.50 12.08
CA LEU D 78 -18.33 -7.38 13.00
C LEU D 78 -18.19 -6.01 12.34
N GLN D 79 -17.07 -5.76 11.67
CA GLN D 79 -16.87 -4.46 11.05
C GLN D 79 -17.98 -4.15 10.04
N SER D 80 -18.49 -5.19 9.39
CA SER D 80 -19.59 -5.07 8.43
C SER D 80 -20.82 -4.45 9.04
N TRP D 81 -21.07 -4.76 10.31
CA TRP D 81 -22.27 -4.29 11.00
C TRP D 81 -22.18 -2.85 11.48
N ALA D 82 -20.95 -2.36 11.68
CA ALA D 82 -20.71 -1.01 12.22
C ALA D 82 -20.86 0.14 11.21
N GLU D 83 -21.48 1.22 11.65
CA GLU D 83 -21.42 2.49 10.93
C GLU D 83 -20.13 3.21 11.25
N ILE D 84 -19.75 3.20 12.52
CA ILE D 84 -18.47 3.74 12.97
C ILE D 84 -17.52 2.59 13.26
N PRO D 85 -16.35 2.61 12.62
CA PRO D 85 -15.43 1.48 12.75
C PRO D 85 -15.19 1.10 14.21
N LEU D 86 -15.23 -0.20 14.47
CA LEU D 86 -15.07 -0.76 15.80
C LEU D 86 -13.61 -0.85 16.21
N LEU D 87 -13.32 -0.52 17.45
CA LEU D 87 -12.06 -0.96 18.03
C LEU D 87 -12.21 -2.43 18.28
N ILE D 88 -11.31 -3.26 17.77
CA ILE D 88 -11.40 -4.68 18.05
C ILE D 88 -10.16 -5.09 18.79
N ALA D 89 -10.36 -5.54 20.02
CA ALA D 89 -9.26 -5.81 20.95
C ALA D 89 -9.17 -7.28 21.28
N ALA D 90 -7.97 -7.72 21.66
CA ALA D 90 -7.76 -9.05 22.22
C ALA D 90 -6.65 -8.88 23.21
N ASP D 91 -6.51 -9.77 24.19
CA ASP D 91 -5.30 -9.61 24.98
C ASP D 91 -4.31 -10.65 24.51
N ILE D 92 -3.35 -10.18 23.73
CA ILE D 92 -2.27 -11.04 23.35
C ILE D 92 -0.98 -10.47 23.95
N GLU D 93 -0.58 -11.02 25.09
CA GLU D 93 0.62 -10.53 25.75
C GLU D 93 1.79 -11.26 25.12
N GLU D 94 1.54 -12.54 24.90
CA GLU D 94 2.46 -13.57 24.43
C GLU D 94 2.47 -13.80 22.92
N GLY D 95 1.83 -12.92 22.17
CA GLY D 95 1.83 -12.98 20.73
C GLY D 95 0.45 -13.40 20.29
N VAL D 96 0.05 -13.01 19.09
CA VAL D 96 -1.31 -13.26 18.67
C VAL D 96 -1.62 -14.72 18.90
N GLY D 97 -0.61 -15.57 18.71
CA GLY D 97 -0.77 -17.00 18.86
C GLY D 97 -1.11 -17.47 20.26
N GLN D 98 -0.92 -16.60 21.24
CA GLN D 98 -1.24 -16.99 22.60
C GLN D 98 -2.73 -17.29 22.66
N ARG D 99 -3.48 -16.45 21.94
CA ARG D 99 -4.95 -16.51 21.84
C ARG D 99 -5.45 -17.30 20.63
N PHE D 100 -5.03 -16.91 19.43
CA PHE D 100 -5.56 -17.51 18.22
C PHE D 100 -4.59 -18.44 17.49
N ARG D 101 -4.87 -19.74 17.52
N ARG D 101 -4.89 -19.73 17.51
CA ARG D 101 -4.03 -20.74 16.87
CA ARG D 101 -4.06 -20.75 16.86
C ARG D 101 -3.82 -20.41 15.39
C ARG D 101 -3.82 -20.37 15.40
N GLY D 102 -2.61 -20.60 14.91
CA GLY D 102 -2.29 -20.28 13.53
C GLY D 102 -1.54 -18.97 13.41
N ALA D 103 -1.39 -18.29 14.55
CA ALA D 103 -0.57 -17.08 14.59
C ALA D 103 0.64 -17.34 15.47
N THR D 104 1.50 -16.35 15.62
CA THR D 104 2.75 -16.61 16.31
C THR D 104 2.71 -16.40 17.82
N GLU D 105 3.06 -17.45 18.55
CA GLU D 105 3.13 -17.42 19.99
C GLU D 105 4.58 -17.25 20.50
N PHE D 106 4.83 -16.10 21.15
CA PHE D 106 6.09 -15.80 21.83
C PHE D 106 6.13 -16.26 23.28
N PRO D 107 7.34 -16.48 23.82
CA PRO D 107 7.54 -16.84 25.23
C PRO D 107 6.98 -15.76 26.17
N PRO D 108 6.68 -16.14 27.42
CA PRO D 108 6.09 -15.08 28.25
C PRO D 108 7.06 -13.91 28.41
N PRO D 109 6.53 -12.70 28.60
CA PRO D 109 7.37 -11.51 28.67
C PRO D 109 8.51 -11.66 29.66
N ALA D 111 10.40 -13.94 30.22
CA ALA D 111 11.55 -14.58 29.61
C ALA D 111 12.52 -13.52 29.10
N PHE D 112 11.96 -12.45 28.54
CA PHE D 112 12.78 -11.33 28.08
C PHE D 112 13.45 -10.62 29.25
N GLY D 113 12.91 -10.81 30.44
CA GLY D 113 13.55 -10.29 31.64
C GLY D 113 14.91 -10.93 31.83
N GLU D 114 14.96 -12.26 31.79
CA GLU D 114 16.22 -13.00 31.97
C GLU D 114 17.34 -12.49 31.08
N ILE D 115 17.00 -12.21 29.83
CA ILE D 115 17.96 -11.76 28.84
C ILE D 115 18.41 -10.31 29.07
N TRP D 116 17.48 -9.46 29.50
CA TRP D 116 17.83 -8.09 29.84
C TRP D 116 18.79 -8.09 31.03
N ARG D 117 18.51 -8.97 31.98
CA ARG D 117 19.32 -9.07 33.19
C ARG D 117 20.78 -9.12 32.78
N THR D 118 21.07 -9.99 31.84
CA THR D 118 22.42 -10.16 31.29
C THR D 118 22.74 -9.06 30.31
N ASP D 119 22.07 -9.12 29.16
CA ASP D 119 22.43 -8.33 28.01
C ASP D 119 21.26 -7.47 27.57
N PRO D 120 21.16 -6.26 28.09
CA PRO D 120 19.99 -5.44 27.77
C PRO D 120 19.80 -5.20 26.28
N HIS D 121 20.86 -4.81 25.59
N HIS D 121 20.86 -4.80 25.57
CA HIS D 121 20.78 -4.46 24.18
CA HIS D 121 20.71 -4.44 24.17
C HIS D 121 20.11 -5.58 23.40
C HIS D 121 20.09 -5.59 23.38
N GLN D 122 20.28 -6.80 23.88
CA GLN D 122 19.72 -7.99 23.25
C GLN D 122 18.23 -8.07 23.53
N ALA D 123 17.90 -8.13 24.81
CA ALA D 123 16.52 -8.15 25.23
C ALA D 123 15.70 -7.07 24.50
N ILE D 124 16.17 -5.84 24.50
CA ILE D 124 15.44 -4.77 23.82
C ILE D 124 15.17 -5.10 22.35
N ALA D 125 16.12 -5.76 21.70
CA ALA D 125 15.97 -6.14 20.30
C ALA D 125 14.83 -7.14 20.12
N LEU D 126 14.84 -8.17 20.96
CA LEU D 126 13.83 -9.20 20.92
C LEU D 126 12.43 -8.66 21.30
N ALA D 127 12.35 -7.93 22.40
CA ALA D 127 11.09 -7.28 22.78
C ALA D 127 10.61 -6.36 21.66
N GLU D 128 11.49 -5.54 21.11
CA GLU D 128 11.13 -4.70 19.97
C GLU D 128 10.55 -5.56 18.83
N THR D 129 11.05 -6.79 18.71
CA THR D 129 10.61 -7.68 17.64
C THR D 129 9.27 -8.31 17.94
N GLY D 131 6.88 -7.08 19.77
CA GLY D 131 5.89 -6.04 19.58
C GLY D 131 5.51 -5.86 18.12
N ALA D 132 6.52 -5.64 17.28
CA ALA D 132 6.31 -5.49 15.85
C ALA D 132 5.44 -6.62 15.26
N THR D 133 5.77 -7.85 15.64
CA THR D 133 5.14 -9.05 15.11
C THR D 133 3.70 -9.18 15.57
N THR D 134 3.48 -8.99 16.86
CA THR D 134 2.14 -9.04 17.40
C THR D 134 1.33 -8.04 16.58
N ALA D 135 1.85 -6.82 16.51
CA ALA D 135 1.13 -5.74 15.84
C ALA D 135 0.80 -6.10 14.41
N GLN D 136 1.75 -6.69 13.70
CA GLN D 136 1.54 -7.05 12.31
C GLN D 136 0.47 -8.11 12.12
N GLU D 137 0.57 -9.18 12.91
CA GLU D 137 -0.39 -10.28 12.82
C GLU D 137 -1.76 -9.81 13.28
N ALA D 138 -1.78 -9.06 14.38
CA ALA D 138 -3.02 -8.47 14.86
C ALA D 138 -3.78 -7.77 13.74
N LEU D 139 -3.08 -6.96 12.95
CA LEU D 139 -3.73 -6.25 11.86
C LEU D 139 -4.24 -7.19 10.79
N SER D 140 -3.62 -8.36 10.70
CA SER D 140 -4.00 -9.30 9.67
C SER D 140 -5.30 -9.95 10.06
N LEU D 141 -5.58 -9.95 11.36
CA LEU D 141 -6.78 -10.59 11.86
C LEU D 141 -7.93 -9.60 12.01
N GLY D 142 -7.70 -8.35 11.66
CA GLY D 142 -8.72 -7.34 11.84
C GLY D 142 -8.79 -6.89 13.29
N ILE D 143 -7.77 -7.28 14.07
CA ILE D 143 -7.63 -6.86 15.45
C ILE D 143 -6.77 -5.62 15.47
N ASN D 144 -7.38 -4.48 15.77
CA ASN D 144 -6.68 -3.19 15.75
C ASN D 144 -6.24 -2.64 17.10
N TRP D 145 -6.50 -3.37 18.17
CA TRP D 145 -6.14 -2.90 19.49
C TRP D 145 -5.49 -4.04 20.24
N VAL D 146 -4.22 -3.90 20.59
CA VAL D 146 -3.52 -4.97 21.34
C VAL D 146 -3.42 -4.57 22.80
N LEU D 147 -3.89 -5.41 23.73
CA LEU D 147 -3.89 -4.90 25.08
C LEU D 147 -2.65 -5.45 25.72
N ALA D 148 -1.64 -4.59 25.75
CA ALA D 148 -0.29 -4.99 26.08
C ALA D 148 0.62 -3.82 25.75
N PRO D 149 1.81 -3.76 26.35
CA PRO D 149 2.46 -4.69 27.29
C PRO D 149 1.95 -4.58 28.71
N VAL D 150 2.13 -5.64 29.49
CA VAL D 150 1.96 -5.54 30.92
C VAL D 150 3.20 -4.81 31.47
N LEU D 151 2.95 -3.67 32.09
CA LEU D 151 4.01 -2.88 32.69
C LEU D 151 4.12 -3.14 34.18
N ASP D 152 3.30 -4.04 34.69
CA ASP D 152 3.39 -4.38 36.10
C ASP D 152 4.79 -4.89 36.39
N VAL D 153 5.33 -4.45 37.52
CA VAL D 153 6.62 -4.90 37.98
C VAL D 153 6.29 -5.97 39.00
N ASN D 154 6.73 -7.20 38.80
CA ASN D 154 6.29 -8.20 39.76
C ASN D 154 7.42 -8.38 40.77
N ASN D 155 7.23 -7.80 41.96
CA ASN D 155 8.11 -7.99 43.12
C ASN D 155 7.64 -8.96 44.21
N ASN D 156 6.42 -9.47 44.04
CA ASN D 156 5.87 -10.46 44.95
C ASN D 156 5.82 -11.81 44.23
N PRO D 157 6.72 -12.74 44.59
CA PRO D 157 6.74 -14.00 43.85
C PRO D 157 5.47 -14.83 44.00
N HIS D 158 4.68 -14.53 45.01
CA HIS D 158 3.45 -15.28 45.28
C HIS D 158 2.29 -14.78 44.42
N ASN D 159 2.55 -13.70 43.68
CA ASN D 159 1.53 -13.05 42.90
C ASN D 159 1.03 -14.02 41.84
N PRO D 160 -0.23 -14.45 41.96
CA PRO D 160 -0.96 -15.38 41.09
C PRO D 160 -1.41 -14.88 39.71
N VAL D 161 -1.84 -13.63 39.64
CA VAL D 161 -2.37 -13.09 38.38
C VAL D 161 -1.33 -12.58 37.39
N ILE D 162 -0.27 -11.97 37.86
CA ILE D 162 0.70 -11.39 36.94
C ILE D 162 1.91 -12.27 36.68
N ASN D 163 2.61 -12.68 37.72
CA ASN D 163 3.58 -13.74 37.56
C ASN D 163 4.43 -13.46 36.34
N ILE D 164 4.52 -14.44 35.43
CA ILE D 164 5.44 -14.33 34.30
C ILE D 164 4.84 -13.50 33.18
N ARG D 165 3.66 -12.95 33.41
CA ARG D 165 3.05 -12.03 32.46
C ARG D 165 3.76 -10.68 32.42
N ALA D 166 4.70 -10.47 33.34
CA ALA D 166 5.41 -9.18 33.47
C ALA D 166 6.84 -9.30 33.00
N PHE D 167 7.36 -8.21 32.45
CA PHE D 167 8.68 -8.23 31.88
C PHE D 167 9.82 -8.36 32.87
N GLY D 168 9.52 -8.27 34.16
CA GLY D 168 10.58 -8.39 35.13
C GLY D 168 10.23 -7.94 36.54
N GLU D 169 11.23 -8.01 37.41
CA GLU D 169 11.07 -7.75 38.84
C GLU D 169 11.45 -6.35 39.33
N THR D 170 11.92 -5.50 38.44
CA THR D 170 12.32 -4.13 38.83
C THR D 170 12.01 -3.10 37.75
N PRO D 171 11.65 -1.88 38.16
CA PRO D 171 11.18 -0.81 37.27
C PRO D 171 12.04 -0.54 36.03
N ASP D 172 13.37 -0.59 36.16
CA ASP D 172 14.25 -0.30 35.02
C ASP D 172 14.11 -1.36 33.92
N GLN D 173 14.25 -2.62 34.33
CA GLN D 173 14.05 -3.76 33.43
C GLN D 173 12.72 -3.64 32.69
N VAL D 174 11.64 -3.49 33.48
CA VAL D 174 10.29 -3.40 32.95
C VAL D 174 10.05 -2.17 32.07
N SER D 175 10.50 -1.01 32.49
CA SER D 175 10.36 0.15 31.63
C SER D 175 10.94 -0.20 30.27
N ALA D 176 12.22 -0.57 30.27
CA ALA D 176 12.99 -0.65 29.03
C ALA D 176 12.42 -1.65 28.05
N LEU D 177 11.91 -2.77 28.59
CA LEU D 177 11.34 -3.82 27.76
C LEU D 177 9.93 -3.43 27.29
N GLY D 178 9.16 -2.83 28.19
CA GLY D 178 7.83 -2.41 27.84
C GLY D 178 7.86 -1.43 26.69
N THR D 179 8.71 -0.43 26.82
CA THR D 179 8.77 0.61 25.82
C THR D 179 9.24 0.00 24.51
N ALA D 180 10.16 -0.96 24.59
CA ALA D 180 10.68 -1.62 23.41
C ALA D 180 9.52 -2.25 22.66
N PHE D 181 8.76 -3.07 23.37
CA PHE D 181 7.57 -3.70 22.81
C PHE D 181 6.69 -2.70 22.07
N ILE D 182 6.44 -1.57 22.74
CA ILE D 182 5.64 -0.50 22.17
C ILE D 182 6.25 0.12 20.90
N ARG D 183 7.57 0.32 20.90
CA ARG D 183 8.26 0.88 19.75
C ARG D 183 8.15 -0.08 18.58
N GLY D 184 8.33 -1.37 18.86
CA GLY D 184 8.17 -2.38 17.84
C GLY D 184 6.76 -2.43 17.29
N ALA D 185 5.77 -2.43 18.18
CA ALA D 185 4.37 -2.44 17.75
C ALA D 185 4.05 -1.18 16.94
N GLN D 186 4.72 -0.08 17.27
CA GLN D 186 4.45 1.20 16.61
C GLN D 186 4.70 1.20 15.09
N GLN D 187 5.46 0.22 14.61
CA GLN D 187 5.67 0.07 13.17
C GLN D 187 4.35 -0.09 12.39
N TYR D 188 3.28 -0.47 13.08
CA TYR D 188 1.97 -0.67 12.43
C TYR D 188 0.87 0.17 13.08
N ALA D 189 -0.27 0.35 12.41
CA ALA D 189 -1.27 1.20 13.01
C ALA D 189 -2.14 0.28 13.83
N VAL D 190 -1.94 0.39 15.13
CA VAL D 190 -2.52 -0.51 16.09
C VAL D 190 -2.42 0.23 17.41
N LEU D 191 -3.24 -0.13 18.38
CA LEU D 191 -3.20 0.55 19.66
C LEU D 191 -2.46 -0.31 20.67
N THR D 192 -1.73 0.33 21.57
CA THR D 192 -1.02 -0.37 22.62
C THR D 192 -1.55 0.07 23.97
N THR D 193 -1.46 -0.82 24.95
CA THR D 193 -2.11 -0.57 26.23
C THR D 193 -1.23 -0.90 27.42
N ALA D 194 -0.92 0.09 28.23
CA ALA D 194 -0.23 -0.16 29.49
C ALA D 194 -1.22 -0.76 30.49
N LYS D 195 -0.83 -1.85 31.15
CA LYS D 195 -1.65 -2.46 32.18
C LYS D 195 -0.72 -2.90 33.30
N HIS D 196 -1.20 -2.93 34.54
CA HIS D 196 -2.53 -2.47 34.91
C HIS D 196 -2.33 -1.38 35.92
N PHE D 197 -2.65 -0.15 35.53
CA PHE D 197 -2.30 1.02 36.31
C PHE D 197 -2.98 1.03 37.69
N PRO D 198 -2.32 1.61 38.71
CA PRO D 198 -0.91 2.00 38.67
C PRO D 198 0.00 0.84 39.09
N GLY D 199 -0.31 -0.30 38.51
CA GLY D 199 0.43 -1.55 38.60
C GLY D 199 0.00 -2.50 39.71
N HIS D 200 -0.07 -3.76 39.28
CA HIS D 200 -0.58 -4.90 40.02
C HIS D 200 0.61 -5.64 40.58
N GLY D 201 1.79 -5.08 40.38
CA GLY D 201 2.99 -5.82 40.64
C GLY D 201 2.98 -6.45 42.03
N ASP D 202 2.79 -5.67 43.08
CA ASP D 202 2.98 -6.27 44.38
C ASP D 202 1.66 -6.53 45.06
N THR D 203 1.22 -7.79 45.01
CA THR D 203 0.11 -8.32 45.81
C THR D 203 0.20 -9.82 45.75
N ALA D 204 -0.45 -10.50 46.69
CA ALA D 204 -0.71 -11.92 46.54
C ALA D 204 -2.12 -12.26 46.03
N THR D 205 -2.95 -11.25 45.78
CA THR D 205 -4.36 -11.53 45.42
C THR D 205 -4.76 -11.15 43.98
N ASP D 206 -5.65 -11.96 43.40
CA ASP D 206 -6.17 -11.77 42.04
C ASP D 206 -7.33 -10.80 42.00
N SER D 207 -7.25 -9.79 41.15
CA SER D 207 -8.31 -8.82 41.00
C SER D 207 -9.53 -9.51 40.49
N HIS D 208 -9.31 -10.56 39.74
CA HIS D 208 -10.38 -11.36 39.19
C HIS D 208 -11.25 -11.98 40.25
N LEU D 209 -10.64 -12.48 41.30
CA LEU D 209 -11.37 -13.07 42.42
C LEU D 209 -11.87 -12.13 43.52
N ALA D 210 -11.04 -11.18 43.95
CA ALA D 210 -11.36 -10.33 45.10
C ALA D 210 -10.56 -9.04 45.06
N LEU D 211 -10.97 -8.04 45.85
CA LEU D 211 -10.35 -6.71 45.74
C LEU D 211 -9.04 -6.60 46.51
N PRO D 212 -7.92 -6.51 45.77
CA PRO D 212 -6.63 -6.39 46.44
C PRO D 212 -6.44 -5.00 47.00
N THR D 213 -5.52 -4.87 47.95
CA THR D 213 -5.09 -3.58 48.48
C THR D 213 -3.59 -3.49 48.30
N ILE D 214 -3.09 -2.30 47.97
CA ILE D 214 -1.66 -2.04 47.97
C ILE D 214 -1.39 -0.91 48.93
N SER D 215 -0.72 -1.18 50.04
CA SER D 215 -0.63 -0.16 51.10
C SER D 215 0.57 0.79 51.04
N HIS D 216 1.37 0.67 49.98
CA HIS D 216 2.60 1.44 49.81
C HIS D 216 2.45 2.97 49.62
N ASP D 217 3.38 3.72 50.18
CA ASP D 217 3.32 5.19 50.20
C ASP D 217 3.45 5.81 48.82
N ASP D 218 3.06 7.09 48.71
CA ASP D 218 3.14 7.83 47.45
C ASP D 218 4.52 7.76 46.80
N THR D 219 5.56 8.04 47.58
CA THR D 219 6.91 8.02 47.07
C THR D 219 7.21 6.64 46.50
N ARG D 220 7.00 5.60 47.29
CA ARG D 220 7.25 4.24 46.85
C ARG D 220 6.52 3.89 45.55
N LEU D 221 5.45 4.60 45.24
CA LEU D 221 4.71 4.36 44.01
C LEU D 221 5.40 4.96 42.80
N ASN D 222 5.92 6.16 42.95
CA ASN D 222 6.74 6.76 41.89
C ASN D 222 8.11 6.11 41.86
N THR D 223 8.42 5.35 42.91
CA THR D 223 9.70 4.64 43.02
C THR D 223 9.76 3.35 42.20
N VAL D 224 8.71 2.53 42.31
CA VAL D 224 8.71 1.21 41.68
C VAL D 224 7.61 1.05 40.64
N GLU D 225 6.36 1.10 41.08
CA GLU D 225 5.23 0.85 40.19
C GLU D 225 5.18 1.81 39.00
N LEU D 226 5.30 3.09 39.26
CA LEU D 226 5.08 4.14 38.25
C LEU D 226 6.05 4.30 37.06
N PRO D 227 7.36 4.15 37.29
CA PRO D 227 8.31 4.48 36.22
C PRO D 227 7.98 3.90 34.85
N PRO D 228 7.60 2.61 34.79
CA PRO D 228 7.26 2.02 33.48
C PRO D 228 6.10 2.74 32.78
N PHE D 229 5.02 3.00 33.52
CA PHE D 229 3.87 3.67 32.93
C PHE D 229 4.30 5.07 32.47
N LYS D 230 5.14 5.71 33.27
CA LYS D 230 5.70 7.01 32.89
C LYS D 230 6.51 6.86 31.61
N ALA D 231 7.35 5.83 31.56
CA ALA D 231 8.13 5.51 30.37
C ALA D 231 7.21 5.23 29.19
N ALA D 232 6.10 4.55 29.48
CA ALA D 232 5.15 4.17 28.44
C ALA D 232 4.32 5.36 27.97
N ILE D 233 3.95 6.26 28.88
CA ILE D 233 3.14 7.39 28.48
C ILE D 233 4.01 8.32 27.67
N GLN D 234 5.24 8.51 28.11
CA GLN D 234 6.22 9.27 27.35
C GLN D 234 6.48 8.58 26.01
N GLY D 235 6.48 7.26 26.01
CA GLY D 235 6.62 6.49 24.80
C GLY D 235 5.41 6.69 23.90
N GLY D 236 4.33 7.20 24.48
CA GLY D 236 3.07 7.36 23.77
C GLY D 236 2.21 6.11 23.59
N VAL D 237 2.10 5.30 24.63
CA VAL D 237 1.13 4.23 24.62
C VAL D 237 -0.20 4.91 24.32
N ASP D 238 -1.03 4.25 23.52
CA ASP D 238 -2.28 4.84 23.03
C ASP D 238 -3.39 4.82 24.09
N ALA D 239 -3.31 3.87 25.01
CA ALA D 239 -4.27 3.74 26.09
C ALA D 239 -3.63 3.09 27.31
N VAL D 240 -4.23 3.34 28.47
CA VAL D 240 -3.76 2.76 29.73
C VAL D 240 -4.95 2.11 30.41
N ASN D 242 -6.54 0.32 33.93
CA ASN D 242 -6.36 0.47 35.37
C ASN D 242 -6.93 -0.66 36.19
N ALA D 243 -6.09 -1.19 37.06
CA ALA D 243 -6.44 -2.33 37.88
C ALA D 243 -7.52 -1.94 38.87
N HIS D 244 -8.23 -2.92 39.38
CA HIS D 244 -9.07 -2.62 40.50
C HIS D 244 -8.19 -2.93 41.68
N LEU D 245 -7.73 -1.86 42.33
CA LEU D 245 -6.89 -1.95 43.50
C LEU D 245 -7.24 -0.81 44.45
N ILE D 247 -5.78 1.75 46.62
CA ILE D 247 -4.54 2.38 47.05
C ILE D 247 -4.91 3.42 48.08
N PRO D 248 -4.67 3.12 49.37
CA PRO D 248 -5.08 4.07 50.40
C PRO D 248 -4.34 5.38 50.24
N ALA D 249 -3.11 5.27 49.74
CA ALA D 249 -2.27 6.45 49.57
C ALA D 249 -3.02 7.52 48.78
N TRP D 250 -3.47 7.18 47.59
CA TRP D 250 -4.18 8.16 46.76
C TRP D 250 -5.68 8.37 47.03
N ASP D 251 -6.43 7.29 47.19
CA ASP D 251 -7.87 7.36 47.49
C ASP D 251 -8.24 6.24 48.47
N GLN D 252 -8.85 6.57 49.60
CA GLN D 252 -9.18 5.54 50.58
C GLN D 252 -10.60 5.05 50.45
N GLN D 253 -11.32 5.59 49.46
CA GLN D 253 -12.72 5.26 49.27
C GLN D 253 -12.94 4.39 48.03
N TYR D 254 -12.60 4.95 46.87
CA TYR D 254 -12.76 4.27 45.60
C TYR D 254 -11.52 3.55 45.11
N PRO D 255 -11.68 2.28 44.69
CA PRO D 255 -10.61 1.59 43.99
C PRO D 255 -10.21 2.37 42.76
N ALA D 256 -9.02 2.10 42.26
CA ALA D 256 -8.38 2.87 41.17
C ALA D 256 -9.25 3.10 39.93
N THR D 257 -10.06 2.12 39.59
CA THR D 257 -10.95 2.25 38.44
C THR D 257 -12.05 3.28 38.67
N LEU D 258 -12.54 3.36 39.91
CA LEU D 258 -13.58 4.30 40.23
C LEU D 258 -13.10 5.66 40.75
N SER D 259 -11.82 5.77 41.07
CA SER D 259 -11.36 6.99 41.74
C SER D 259 -10.97 8.13 40.82
N PRO D 260 -11.62 9.29 41.01
CA PRO D 260 -11.23 10.50 40.29
C PRO D 260 -9.81 10.89 40.71
N ALA D 261 -9.51 10.63 41.99
CA ALA D 261 -8.18 10.92 42.52
C ALA D 261 -7.10 10.21 41.73
N ILE D 262 -7.24 8.90 41.63
CA ILE D 262 -6.23 8.07 40.99
C ILE D 262 -6.22 8.24 39.48
N LEU D 263 -7.40 8.15 38.85
CA LEU D 263 -7.50 8.21 37.40
C LEU D 263 -7.25 9.59 36.83
N THR D 264 -7.95 10.59 37.37
CA THR D 264 -7.85 11.94 36.83
C THR D 264 -6.65 12.75 37.33
N GLY D 265 -6.37 12.67 38.63
CA GLY D 265 -5.27 13.40 39.21
C GLY D 265 -3.89 12.82 38.92
N GLN D 266 -3.77 11.52 39.15
CA GLN D 266 -2.50 10.84 38.99
C GLN D 266 -2.14 10.49 37.56
N LEU D 267 -3.15 10.08 36.79
CA LEU D 267 -2.91 9.61 35.43
C LEU D 267 -3.18 10.67 34.37
N ARG D 268 -4.41 11.15 34.28
CA ARG D 268 -4.80 12.10 33.23
C ARG D 268 -3.99 13.39 33.30
N HIS D 269 -3.83 13.89 34.53
CA HIS D 269 -3.22 15.18 34.78
C HIS D 269 -1.72 15.10 35.08
N LYS D 270 -1.37 14.45 36.18
CA LYS D 270 0.04 14.43 36.63
C LYS D 270 1.04 13.74 35.67
N LEU D 271 0.65 12.63 35.05
CA LEU D 271 1.49 12.03 34.02
C LEU D 271 1.08 12.56 32.64
N GLY D 272 0.06 13.40 32.64
CA GLY D 272 -0.40 14.08 31.44
C GLY D 272 -0.68 13.15 30.28
N PHE D 273 -1.37 12.05 30.56
CA PHE D 273 -1.71 11.06 29.55
C PHE D 273 -2.95 11.49 28.81
N LYS D 274 -2.82 11.66 27.51
CA LYS D 274 -3.91 12.18 26.71
C LYS D 274 -4.74 11.12 25.97
N GLY D 275 -4.36 9.85 26.12
CA GLY D 275 -4.99 8.77 25.39
C GLY D 275 -6.24 8.21 26.05
N LEU D 276 -6.54 6.94 25.80
CA LEU D 276 -7.74 6.34 26.36
C LEU D 276 -7.49 5.72 27.72
N ILE D 277 -8.22 6.18 28.74
CA ILE D 277 -8.09 5.62 30.07
C ILE D 277 -9.12 4.52 30.26
N VAL D 278 -8.67 3.28 30.39
CA VAL D 278 -9.55 2.12 30.32
C VAL D 278 -9.70 1.41 31.65
N THR D 279 -10.93 1.05 32.01
CA THR D 279 -11.19 0.26 33.20
C THR D 279 -10.77 -1.16 32.89
N ASP D 280 -10.42 -1.93 33.91
CA ASP D 280 -10.17 -3.34 33.68
C ASP D 280 -11.58 -3.86 33.51
N ALA D 281 -11.73 -5.13 33.18
CA ALA D 281 -13.07 -5.69 32.96
C ALA D 281 -13.93 -5.47 34.18
N LEU D 282 -15.10 -4.87 33.96
CA LEU D 282 -15.99 -4.45 35.04
C LEU D 282 -16.77 -5.66 35.50
N VAL D 283 -16.52 -6.77 34.83
CA VAL D 283 -17.19 -8.02 35.12
C VAL D 283 -16.44 -8.79 36.23
N GLY D 285 -14.41 -9.95 39.75
CA GLY D 285 -14.85 -10.04 41.13
C GLY D 285 -14.35 -8.90 42.01
N GLY D 286 -13.20 -8.35 41.67
CA GLY D 286 -12.63 -7.24 42.44
C GLY D 286 -13.59 -6.07 42.52
N ILE D 287 -14.06 -5.64 41.35
CA ILE D 287 -14.99 -4.50 41.26
C ILE D 287 -16.48 -4.83 41.57
N THR D 288 -17.00 -5.97 41.15
CA THR D 288 -18.40 -6.27 41.37
C THR D 288 -18.74 -6.42 42.85
N GLN D 289 -17.85 -7.02 43.63
CA GLN D 289 -18.04 -7.12 45.07
C GLN D 289 -18.15 -5.73 45.70
N PHE D 290 -17.57 -4.73 45.05
CA PHE D 290 -17.55 -3.37 45.57
C PHE D 290 -18.85 -2.56 45.39
N ALA D 291 -19.44 -2.57 44.20
CA ALA D 291 -20.66 -1.80 43.96
C ALA D 291 -21.52 -2.34 42.83
N ALA D 292 -22.80 -1.96 42.84
CA ALA D 292 -23.77 -2.37 41.83
C ALA D 292 -23.35 -1.98 40.41
N PRO D 293 -23.75 -2.78 39.41
CA PRO D 293 -23.33 -2.55 38.03
C PRO D 293 -23.61 -1.12 37.52
N ASP D 294 -24.80 -0.59 37.79
CA ASP D 294 -25.14 0.78 37.39
C ASP D 294 -24.38 1.87 38.15
N THR D 295 -24.08 1.62 39.42
CA THR D 295 -23.23 2.52 40.18
C THR D 295 -21.82 2.50 39.61
N VAL D 296 -21.33 1.31 39.28
CA VAL D 296 -19.97 1.19 38.78
C VAL D 296 -19.73 2.00 37.49
N VAL D 297 -20.54 1.78 36.46
CA VAL D 297 -20.30 2.47 35.18
C VAL D 297 -20.31 4.00 35.33
N VAL D 298 -21.30 4.52 36.06
CA VAL D 298 -21.41 5.95 36.25
C VAL D 298 -20.24 6.50 37.06
N GLN D 299 -19.87 5.80 38.12
CA GLN D 299 -18.74 6.22 38.95
C GLN D 299 -17.43 6.24 38.17
N ALA D 300 -17.21 5.22 37.35
CA ALA D 300 -15.96 5.13 36.58
C ALA D 300 -15.83 6.31 35.64
N ILE D 301 -16.93 6.72 35.03
CA ILE D 301 -16.88 7.84 34.11
C ILE D 301 -16.64 9.11 34.89
N ALA D 302 -17.25 9.20 36.07
CA ALA D 302 -17.01 10.35 36.93
C ALA D 302 -15.54 10.48 37.24
N ALA D 303 -14.89 9.33 37.41
CA ALA D 303 -13.48 9.28 37.77
C ALA D 303 -12.57 9.61 36.59
N GLY D 304 -13.14 9.69 35.38
CA GLY D 304 -12.37 9.99 34.18
C GLY D 304 -12.06 8.89 33.15
N ALA D 305 -12.66 7.72 33.28
CA ALA D 305 -12.47 6.67 32.29
C ALA D 305 -13.10 7.00 30.94
N ASP D 306 -12.37 6.78 29.85
CA ASP D 306 -12.91 6.86 28.48
C ASP D 306 -13.63 5.61 27.98
N ILE D 307 -13.14 4.45 28.37
CA ILE D 307 -13.64 3.18 27.87
C ILE D 307 -14.13 2.26 29.00
N LEU D 308 -15.38 1.84 28.94
CA LEU D 308 -15.82 0.85 29.92
C LEU D 308 -15.71 -0.56 29.36
N LEU D 309 -14.81 -1.34 29.93
CA LEU D 309 -14.50 -2.64 29.39
C LEU D 309 -15.39 -3.71 29.99
N PRO D 311 -18.75 -4.07 30.66
CA PRO D 311 -19.72 -3.84 31.72
C PRO D 311 -20.61 -5.08 31.80
N PRO D 312 -21.02 -5.48 33.01
CA PRO D 312 -21.87 -6.67 33.15
C PRO D 312 -23.25 -6.50 32.54
N ASP D 313 -23.86 -5.33 32.69
CA ASP D 313 -25.12 -5.07 31.99
C ASP D 313 -24.96 -3.86 31.07
N VAL D 314 -24.89 -4.12 29.76
CA VAL D 314 -24.62 -3.06 28.79
C VAL D 314 -25.88 -2.22 28.56
N ASP D 315 -27.01 -2.90 28.35
CA ASP D 315 -28.27 -2.21 28.12
C ASP D 315 -28.66 -1.33 29.32
N GLY D 316 -28.48 -1.84 30.53
CA GLY D 316 -28.75 -1.05 31.71
C GLY D 316 -27.71 0.05 31.89
N ALA D 317 -26.48 -0.20 31.46
CA ALA D 317 -25.42 0.80 31.59
C ALA D 317 -25.75 2.07 30.83
N ILE D 318 -26.08 1.93 29.56
CA ILE D 318 -26.44 3.07 28.73
C ILE D 318 -27.54 3.91 29.40
N ILE D 319 -28.63 3.25 29.73
CA ILE D 319 -29.73 3.89 30.45
C ILE D 319 -29.26 4.54 31.75
N ALA D 320 -28.45 3.83 32.54
CA ALA D 320 -27.98 4.34 33.82
C ALA D 320 -27.28 5.67 33.62
N ILE D 321 -26.39 5.68 32.63
CA ILE D 321 -25.61 6.88 32.30
C ILE D 321 -26.53 7.96 31.77
N GLU D 322 -27.34 7.61 30.76
CA GLU D 322 -28.33 8.55 30.19
C GLU D 322 -29.08 9.25 31.30
N THR D 323 -29.36 8.49 32.36
CA THR D 323 -30.02 8.99 33.54
C THR D 323 -29.12 9.84 34.43
N ALA D 324 -27.86 9.45 34.55
CA ALA D 324 -26.97 10.24 35.39
C ALA D 324 -26.83 11.65 34.82
N ILE D 325 -26.95 11.76 33.49
CA ILE D 325 -26.81 13.05 32.80
C ILE D 325 -27.98 13.97 33.14
N LYS D 326 -29.17 13.40 33.21
CA LYS D 326 -30.38 14.18 33.51
C LYS D 326 -30.46 14.61 34.98
N THR D 327 -29.78 13.90 35.87
CA THR D 327 -29.69 14.30 37.28
C THR D 327 -28.44 15.15 37.57
N GLY D 328 -27.66 15.46 36.53
CA GLY D 328 -26.54 16.38 36.66
C GLY D 328 -25.25 15.80 37.20
N GLN D 329 -25.31 14.56 37.65
CA GLN D 329 -24.13 13.86 38.15
C GLN D 329 -23.13 13.59 37.03
N LEU D 330 -23.58 13.77 35.80
CA LEU D 330 -22.69 13.74 34.65
C LEU D 330 -23.13 14.81 33.67
N SER D 331 -22.16 15.47 33.05
CA SER D 331 -22.46 16.40 31.97
C SER D 331 -22.59 15.63 30.65
N GLU D 332 -23.48 16.09 29.79
CA GLU D 332 -23.56 15.49 28.46
C GLU D 332 -22.23 15.68 27.73
N SER D 333 -21.52 16.75 28.08
CA SER D 333 -20.26 17.09 27.41
C SER D 333 -19.12 16.24 27.95
N ARG D 334 -19.22 15.85 29.22
CA ARG D 334 -18.22 15.00 29.85
C ARG D 334 -18.10 13.73 29.06
N ILE D 335 -19.23 13.28 28.53
CA ILE D 335 -19.29 12.15 27.61
C ILE D 335 -18.52 12.44 26.33
N TYR D 336 -18.89 13.56 25.69
CA TYR D 336 -18.36 13.89 24.38
C TYR D 336 -16.84 14.07 24.32
N GLU D 337 -16.24 14.53 25.41
CA GLU D 337 -14.79 14.66 25.41
C GLU D 337 -14.11 13.30 25.50
N SER D 338 -14.80 12.28 26.00
CA SER D 338 -14.28 10.91 25.94
C SER D 338 -14.44 10.36 24.53
N VAL D 339 -15.51 10.76 23.88
CA VAL D 339 -15.73 10.41 22.48
C VAL D 339 -14.61 10.97 21.60
N GLU D 340 -14.04 12.11 21.98
CA GLU D 340 -12.97 12.73 21.19
C GLU D 340 -11.70 11.89 21.21
N ARG D 341 -11.23 11.54 22.40
CA ARG D 341 -10.04 10.73 22.53
C ARG D 341 -10.23 9.40 21.78
N ILE D 342 -11.46 8.90 21.82
CA ILE D 342 -11.82 7.71 21.04
C ILE D 342 -11.76 8.04 19.54
N TRP D 343 -12.29 9.19 19.14
CA TRP D 343 -12.25 9.58 17.73
C TRP D 343 -10.81 9.74 17.24
N GLN D 344 -9.92 10.26 18.09
CA GLN D 344 -8.50 10.28 17.76
C GLN D 344 -8.01 8.89 17.47
N ALA D 345 -8.10 8.02 18.47
CA ALA D 345 -7.62 6.66 18.32
C ALA D 345 -8.18 6.04 17.05
N LYS D 346 -9.49 6.03 16.90
CA LYS D 346 -10.06 5.39 15.72
C LYS D 346 -9.48 5.94 14.41
N GLN D 347 -9.06 7.21 14.41
CA GLN D 347 -8.46 7.83 13.22
C GLN D 347 -7.10 7.21 12.90
N LYS D 348 -6.40 6.74 13.93
CA LYS D 348 -5.11 6.08 13.78
C LYS D 348 -5.25 4.64 13.26
N ILE D 349 -6.27 3.93 13.73
CA ILE D 349 -6.54 2.55 13.34
C ILE D 349 -6.92 2.47 11.87
N LEU D 350 -7.49 3.57 11.37
CA LEU D 350 -7.94 3.63 9.99
C LEU D 350 -6.76 3.95 9.05
N THR D 351 -5.58 4.15 9.64
CA THR D 351 -4.34 4.33 8.89
C THR D 351 -3.86 3.00 8.31
N ALA D 352 -4.10 1.92 9.04
CA ALA D 352 -3.60 0.59 8.66
C ALA D 352 -4.17 0.16 7.32
N SER D 355 -3.62 -5.48 6.43
CA SER D 355 -3.33 -6.82 5.94
C SER D 355 -4.61 -7.64 5.74
N THR D 356 -4.49 -8.72 4.98
CA THR D 356 -5.60 -9.63 4.80
C THR D 356 -5.10 -11.05 5.01
N PHE D 357 -5.57 -11.70 6.05
CA PHE D 357 -5.10 -13.04 6.41
C PHE D 357 -5.42 -13.97 5.26
N PRO D 358 -4.50 -14.91 4.93
CA PRO D 358 -3.25 -15.39 5.54
C PRO D 358 -2.05 -14.43 5.45
N GLN D 359 -2.08 -13.53 4.48
CA GLN D 359 -1.00 -12.57 4.31
C GLN D 359 -0.78 -11.74 5.57
N GLY D 360 0.47 -11.71 6.04
CA GLY D 360 0.82 -10.98 7.23
C GLY D 360 1.13 -11.86 8.42
N ILE D 361 0.68 -13.11 8.38
CA ILE D 361 0.97 -14.04 9.46
C ILE D 361 2.38 -14.60 9.27
N SER D 362 3.17 -14.57 10.32
CA SER D 362 4.56 -14.98 10.21
C SER D 362 4.65 -16.40 9.68
N GLY D 363 4.03 -17.33 10.40
CA GLY D 363 3.96 -18.71 10.00
C GLY D 363 5.27 -19.47 10.06
N ASP D 364 5.61 -20.12 8.96
CA ASP D 364 6.81 -20.94 8.90
C ASP D 364 8.04 -20.09 8.60
N ARG D 365 7.82 -18.80 8.34
CA ARG D 365 8.92 -17.89 7.99
C ARG D 365 9.92 -17.97 9.14
N PRO D 366 11.15 -18.42 8.83
CA PRO D 366 12.20 -18.84 9.77
C PRO D 366 12.82 -17.73 10.63
N GLU D 367 12.75 -16.48 10.20
CA GLU D 367 13.28 -15.40 11.01
C GLU D 367 12.61 -15.48 12.36
N THR D 368 11.29 -15.36 12.35
CA THR D 368 10.53 -15.34 13.59
C THR D 368 10.63 -16.64 14.39
N ARG D 369 10.72 -17.78 13.73
CA ARG D 369 10.79 -19.04 14.45
C ARG D 369 12.04 -19.12 15.30
N LYS D 370 13.19 -18.74 14.73
CA LYS D 370 14.44 -18.72 15.48
C LYS D 370 14.45 -17.57 16.51
N THR D 371 13.79 -16.46 16.18
CA THR D 371 13.59 -15.40 17.20
C THR D 371 13.04 -16.01 18.48
N VAL D 372 11.98 -16.79 18.36
CA VAL D 372 11.41 -17.49 19.52
C VAL D 372 12.43 -18.45 20.11
N ALA D 373 12.97 -19.31 19.25
CA ALA D 373 13.92 -20.32 19.70
C ALA D 373 14.97 -19.69 20.57
N VAL D 375 15.03 -16.80 22.23
CA VAL D 375 14.52 -16.23 23.48
C VAL D 375 14.37 -17.33 24.53
N LEU D 376 13.94 -18.50 24.10
CA LEU D 376 13.82 -19.66 25.00
C LEU D 376 15.17 -20.22 25.47
N GLU D 377 16.14 -20.31 24.56
CA GLU D 377 17.49 -20.76 24.92
C GLU D 377 18.13 -19.81 25.94
N ARG D 378 18.25 -18.54 25.56
CA ARG D 378 18.92 -17.54 26.37
C ARG D 378 18.28 -17.36 27.75
N ALA D 379 16.99 -17.65 27.83
CA ALA D 379 16.27 -17.53 29.10
C ALA D 379 16.10 -18.85 29.85
N THR D 380 16.59 -19.94 29.28
CA THR D 380 16.51 -21.25 29.97
C THR D 380 17.41 -21.24 31.20
N LYS D 381 16.95 -21.88 32.28
CA LYS D 381 17.69 -21.93 33.54
C LYS D 381 17.92 -23.40 33.91
N HIS D 382 19.18 -23.84 33.95
CA HIS D 382 19.50 -25.27 34.09
C HIS D 382 20.30 -25.55 35.36
N GLN D 383 19.89 -26.59 36.11
CA GLN D 383 20.63 -27.01 37.29
C GLN D 383 22.10 -27.26 36.92
N LYS D 384 23.01 -26.70 37.71
CA LYS D 384 24.40 -26.51 37.28
C LYS D 384 25.10 -27.73 36.66
N SER D 385 24.87 -28.91 37.22
CA SER D 385 25.46 -30.12 36.69
C SER D 385 24.71 -30.63 35.45
N LEU D 386 25.43 -30.90 34.37
CA LEU D 386 24.79 -31.32 33.13
C LEU D 386 24.52 -32.83 33.07
N VAL D 387 23.29 -33.16 32.70
CA VAL D 387 22.73 -34.50 32.92
C VAL D 387 21.99 -35.05 31.71
N LYS D 388 22.08 -36.36 31.52
CA LYS D 388 21.18 -37.09 30.65
C LYS D 388 20.54 -38.16 31.51
N ILE D 389 19.40 -38.69 31.10
CA ILE D 389 18.71 -39.68 31.91
C ILE D 389 18.52 -40.94 31.08
N SER D 390 18.19 -42.05 31.73
CA SER D 390 18.18 -43.34 31.04
C SER D 390 17.15 -43.34 29.93
N SER D 391 17.33 -44.24 28.96
CA SER D 391 16.31 -44.49 27.96
C SER D 391 15.90 -45.93 28.24
N PHE D 392 14.72 -46.31 27.80
CA PHE D 392 14.22 -47.64 28.12
C PHE D 392 13.56 -48.26 26.92
N PRO D 393 13.33 -49.57 26.97
CA PRO D 393 12.57 -50.28 25.94
C PRO D 393 11.19 -49.69 25.83
N ASP D 394 10.49 -49.97 24.74
CA ASP D 394 9.23 -49.30 24.45
C ASP D 394 8.29 -49.35 25.63
N ASN D 395 7.77 -48.19 25.99
CA ASN D 395 6.71 -48.11 26.98
C ASN D 395 7.04 -48.80 28.29
N PHE D 396 8.33 -48.87 28.61
CA PHE D 396 8.76 -49.40 29.89
C PHE D 396 8.62 -48.32 30.94
N ALA D 397 8.79 -47.08 30.51
CA ALA D 397 8.81 -45.94 31.41
C ALA D 397 7.56 -45.08 31.34
N ARG D 398 7.55 -44.02 32.16
CA ARG D 398 6.38 -43.21 32.36
C ARG D 398 6.70 -41.73 32.22
N ASN D 399 6.06 -41.11 31.25
CA ASN D 399 6.16 -39.67 31.04
C ASN D 399 4.91 -39.09 31.64
N LEU D 400 5.05 -38.44 32.79
CA LEU D 400 3.89 -38.03 33.55
C LEU D 400 3.75 -36.54 33.35
N ILE D 401 2.69 -36.13 32.65
CA ILE D 401 2.48 -34.73 32.32
C ILE D 401 1.43 -34.13 33.24
N VAL D 402 1.82 -33.06 33.93
CA VAL D 402 0.96 -32.41 34.90
C VAL D 402 0.70 -30.98 34.50
N VAL D 403 -0.57 -30.64 34.33
CA VAL D 403 -0.97 -29.32 33.89
C VAL D 403 -1.94 -28.71 34.88
N ASP D 404 -2.03 -27.39 34.89
CA ASP D 404 -3.01 -26.69 35.71
C ASP D 404 -4.38 -27.25 35.36
N SER D 405 -4.85 -26.95 34.15
CA SER D 405 -6.11 -27.53 33.68
C SER D 405 -5.94 -28.16 32.33
N VAL D 406 -6.62 -29.28 32.15
CA VAL D 406 -6.56 -30.04 30.94
C VAL D 406 -7.38 -29.38 29.81
N LEU D 407 -8.36 -28.57 30.17
CA LEU D 407 -9.17 -27.81 29.20
C LEU D 407 -8.42 -26.56 28.73
N LYS D 408 -7.50 -26.13 29.59
CA LYS D 408 -6.67 -24.94 29.40
C LYS D 408 -5.27 -25.16 28.76
N SER D 409 -4.97 -26.35 28.25
CA SER D 409 -3.63 -26.62 27.74
C SER D 409 -3.56 -26.95 26.26
N PRO D 410 -3.76 -25.94 25.42
CA PRO D 410 -3.67 -26.00 23.94
C PRO D 410 -2.26 -26.33 23.48
N PHE D 411 -1.29 -26.19 24.38
CA PHE D 411 0.08 -26.54 24.06
C PHE D 411 0.34 -28.06 24.09
N LEU D 412 -0.63 -28.83 24.53
CA LEU D 412 -0.54 -30.29 24.45
C LEU D 412 -1.44 -30.77 23.33
N ARG D 413 -0.84 -31.29 22.27
CA ARG D 413 -1.61 -31.85 21.18
C ARG D 413 -0.99 -33.21 20.90
N PRO D 414 -1.72 -34.09 20.20
CA PRO D 414 -1.13 -35.39 19.89
C PRO D 414 0.22 -35.24 19.18
N ASN D 415 1.23 -35.94 19.65
CA ASN D 415 2.52 -35.92 18.95
C ASN D 415 3.37 -34.69 19.23
N CYS D 416 2.87 -33.75 20.02
CA CYS D 416 3.73 -32.64 20.43
C CYS D 416 5.03 -33.14 21.09
N PRO D 417 6.07 -32.29 21.07
CA PRO D 417 7.42 -32.67 21.51
C PRO D 417 7.53 -33.22 22.94
N ALA D 418 6.74 -32.73 23.89
CA ALA D 418 6.84 -33.25 25.26
C ALA D 418 6.27 -34.66 25.39
N ILE D 419 5.70 -35.17 24.32
CA ILE D 419 5.18 -36.52 24.27
C ILE D 419 6.03 -37.38 23.34
N ALA D 420 6.08 -36.98 22.07
CA ALA D 420 6.80 -37.73 21.04
C ALA D 420 8.23 -38.08 21.43
N ILE D 421 9.01 -37.11 21.87
CA ILE D 421 10.39 -37.36 22.27
C ILE D 421 10.54 -38.34 23.42
N PRO D 422 9.87 -38.11 24.55
CA PRO D 422 10.20 -39.11 25.58
C PRO D 422 9.67 -40.50 25.24
N GLN D 423 8.75 -40.60 24.30
CA GLN D 423 8.27 -41.92 23.90
C GLN D 423 9.37 -42.65 23.14
N ARG D 424 10.10 -41.91 22.32
CA ARG D 424 11.20 -42.47 21.54
C ARG D 424 12.29 -43.00 22.47
N HIS D 425 12.36 -42.45 23.68
CA HIS D 425 13.27 -42.98 24.70
C HIS D 425 12.57 -43.99 25.63
N GLY D 426 11.33 -44.32 25.29
CA GLY D 426 10.63 -45.38 25.97
C GLY D 426 9.79 -44.94 27.14
N TYR D 427 9.42 -43.66 27.16
CA TYR D 427 8.53 -43.16 28.21
C TYR D 427 7.15 -42.86 27.60
N ALA D 428 6.16 -43.67 27.96
CA ALA D 428 4.81 -43.40 27.51
C ALA D 428 4.21 -42.28 28.35
N ALA D 429 3.32 -41.51 27.76
CA ALA D 429 2.77 -40.36 28.45
C ALA D 429 1.46 -40.65 29.17
N GLU D 430 1.34 -40.05 30.35
CA GLU D 430 0.08 -39.97 31.07
C GLU D 430 -0.12 -38.49 31.38
N ILE D 431 -1.37 -38.05 31.27
CA ILE D 431 -1.68 -36.65 31.48
C ILE D 431 -2.65 -36.50 32.64
N VAL D 432 -2.25 -35.67 33.61
CA VAL D 432 -3.12 -35.41 34.76
C VAL D 432 -3.02 -33.98 35.23
N GLU D 433 -4.02 -33.57 35.97
CA GLU D 433 -4.05 -32.25 36.55
C GLU D 433 -3.47 -32.34 37.95
N LEU D 434 -2.78 -31.28 38.33
CA LEU D 434 -2.13 -31.18 39.64
C LEU D 434 -3.08 -31.58 40.76
N LYS D 435 -4.34 -31.18 40.67
CA LYS D 435 -5.28 -31.47 41.74
C LYS D 435 -5.51 -32.97 41.87
N THR D 436 -5.33 -33.67 40.77
CA THR D 436 -5.44 -35.12 40.76
C THR D 436 -4.15 -35.82 41.22
N LEU D 437 -3.04 -35.11 41.13
CA LEU D 437 -1.72 -35.74 41.31
C LEU D 437 -1.53 -36.38 42.68
N PRO D 438 -1.83 -35.62 43.76
CA PRO D 438 -1.64 -36.18 45.11
C PRO D 438 -2.38 -37.49 45.26
N ARG D 439 -3.57 -37.57 44.72
CA ARG D 439 -4.47 -38.67 44.94
C ARG D 439 -4.17 -39.84 44.05
N LEU D 440 -3.19 -39.65 43.20
CA LEU D 440 -2.79 -40.65 42.24
C LEU D 440 -1.68 -41.57 42.76
N GLN D 441 -1.98 -42.85 42.84
CA GLN D 441 -1.03 -43.77 43.44
C GLN D 441 -0.16 -44.31 42.34
N LEU D 442 1.10 -43.88 42.34
CA LEU D 442 1.92 -44.05 41.17
C LEU D 442 2.52 -45.44 41.06
N GLU D 443 2.59 -45.91 39.83
CA GLU D 443 3.17 -47.21 39.50
C GLU D 443 4.67 -47.17 39.78
N ALA D 444 5.25 -48.29 40.20
CA ALA D 444 6.67 -48.20 40.48
C ALA D 444 7.46 -48.58 39.25
N ILE D 445 7.99 -47.56 38.58
CA ILE D 445 8.81 -47.74 37.40
C ILE D 445 9.46 -46.41 37.06
N PRO D 446 10.35 -46.38 36.07
CA PRO D 446 11.08 -45.12 35.93
C PRO D 446 10.11 -44.07 35.45
N THR D 447 10.18 -42.89 36.04
CA THR D 447 9.20 -41.86 35.78
C THR D 447 9.85 -40.51 35.50
N LEU D 448 9.46 -39.89 34.39
CA LEU D 448 9.79 -38.50 34.12
C LEU D 448 8.52 -37.70 34.36
N ILE D 449 8.66 -36.57 35.05
CA ILE D 449 7.49 -35.74 35.37
C ILE D 449 7.65 -34.35 34.78
N GLN D 450 6.65 -33.93 34.01
CA GLN D 450 6.63 -32.62 33.37
C GLN D 450 5.44 -31.77 33.83
N CYS D 451 5.75 -30.63 34.42
CA CYS D 451 4.76 -29.74 34.99
C CYS D 451 4.56 -28.50 34.18
N PHE D 452 3.36 -28.28 33.67
CA PHE D 452 3.11 -26.99 33.09
C PHE D 452 2.32 -26.21 34.12
N LEU D 453 3.01 -25.28 34.77
CA LEU D 453 2.43 -24.46 35.84
C LEU D 453 2.91 -23.03 35.73
N ARG D 454 1.97 -22.10 35.59
CA ARG D 454 2.26 -20.69 35.64
C ARG D 454 1.12 -19.98 36.37
N GLY D 455 1.33 -18.71 36.74
CA GLY D 455 0.26 -17.86 37.20
C GLY D 455 -0.51 -17.32 36.02
N ASN D 456 -1.77 -16.93 36.22
CA ASN D 456 -2.60 -16.36 35.16
C ASN D 456 -3.92 -15.75 35.70
N PRO D 457 -4.77 -15.19 34.81
CA PRO D 457 -6.09 -14.74 35.27
C PRO D 457 -6.88 -15.90 35.87
N PHE D 458 -7.56 -15.63 36.98
CA PHE D 458 -8.33 -16.64 37.72
C PHE D 458 -7.50 -17.77 38.34
N THR D 459 -6.23 -17.52 38.63
CA THR D 459 -5.51 -18.40 39.54
C THR D 459 -5.56 -17.74 40.93
N GLU D 460 -6.04 -18.49 41.92
CA GLU D 460 -6.15 -17.97 43.27
C GLU D 460 -4.83 -18.02 44.03
N LYS D 461 -4.12 -19.13 43.85
CA LYS D 461 -2.80 -19.30 44.44
C LYS D 461 -1.84 -19.86 43.39
N LEU D 462 -0.56 -19.55 43.53
CA LEU D 462 0.45 -20.12 42.64
C LEU D 462 0.62 -21.59 42.99
N ALA D 463 0.50 -22.44 41.98
CA ALA D 463 0.62 -23.89 42.16
C ALA D 463 1.97 -24.28 42.78
N ASP D 464 1.92 -25.05 43.87
CA ASP D 464 3.10 -25.43 44.64
C ASP D 464 3.30 -26.96 44.67
N PRO D 465 3.90 -27.50 43.61
CA PRO D 465 4.14 -28.93 43.37
C PRO D 465 5.18 -29.60 44.29
N ILE D 466 5.99 -28.79 44.96
CA ILE D 466 7.17 -29.30 45.66
C ILE D 466 6.83 -30.25 46.80
N ASP D 467 5.75 -29.97 47.54
CA ASP D 467 5.32 -30.85 48.61
C ASP D 467 4.81 -32.19 48.05
N VAL D 468 4.06 -32.16 46.96
CA VAL D 468 3.50 -33.38 46.41
C VAL D 468 4.57 -34.19 45.68
N LEU D 469 5.39 -33.51 44.90
CA LEU D 469 6.51 -34.17 44.23
C LEU D 469 7.34 -34.95 45.24
N GLN D 470 7.77 -34.29 46.29
CA GLN D 470 8.68 -34.91 47.24
C GLN D 470 8.16 -36.25 47.77
N LYS D 471 6.87 -36.30 48.12
CA LYS D 471 6.27 -37.56 48.59
C LYS D 471 6.44 -38.64 47.54
N ILE D 472 6.29 -38.25 46.27
CA ILE D 472 6.43 -39.16 45.13
C ILE D 472 7.88 -39.61 44.93
N ALA D 473 8.82 -38.68 45.07
CA ALA D 473 10.23 -39.01 44.90
C ALA D 473 10.69 -40.10 45.87
N ALA D 474 10.10 -40.14 47.06
CA ALA D 474 10.37 -41.19 48.04
C ALA D 474 9.55 -42.46 47.79
N GLN D 475 8.48 -42.34 47.00
CA GLN D 475 7.65 -43.50 46.62
C GLN D 475 8.26 -44.33 45.49
N ILE D 476 8.79 -43.75 44.42
CA ILE D 476 9.30 -44.55 43.28
C ILE D 476 10.46 -43.98 42.50
N PRO D 477 11.03 -44.73 41.55
CA PRO D 477 12.17 -44.11 40.86
C PRO D 477 11.77 -42.93 40.02
N LEU D 478 12.49 -41.84 40.18
CA LEU D 478 12.12 -40.62 39.52
C LEU D 478 13.34 -40.14 38.80
N GLN D 479 13.27 -40.15 37.47
CA GLN D 479 14.45 -39.88 36.65
C GLN D 479 14.75 -38.39 36.53
N GLY D 480 13.74 -37.57 36.81
CA GLY D 480 13.91 -36.13 36.71
C GLY D 480 12.61 -35.35 36.57
N VAL D 481 12.74 -34.03 36.64
CA VAL D 481 11.59 -33.15 36.67
C VAL D 481 11.78 -31.96 35.73
N ILE D 482 10.79 -31.71 34.88
CA ILE D 482 10.85 -30.57 33.98
C ILE D 482 9.75 -29.58 34.26
N PHE D 483 10.07 -28.30 34.16
CA PHE D 483 9.17 -27.27 34.58
C PHE D 483 8.95 -26.20 33.52
N TYR D 484 7.70 -26.02 33.12
CA TYR D 484 7.30 -24.97 32.18
C TYR D 484 6.40 -23.96 32.88
N GLY D 485 6.57 -22.67 32.59
CA GLY D 485 5.88 -21.62 33.34
C GLY D 485 6.62 -21.00 34.52
N SER D 486 5.90 -20.61 35.56
CA SER D 486 6.51 -19.95 36.70
C SER D 486 7.71 -20.72 37.29
N PRO D 487 8.87 -20.05 37.35
CA PRO D 487 10.12 -20.47 38.01
C PRO D 487 10.14 -20.42 39.55
N TYR D 488 9.31 -19.58 40.15
CA TYR D 488 9.50 -19.11 41.54
C TYR D 488 9.68 -20.17 42.61
N PHE D 489 9.09 -21.34 42.40
CA PHE D 489 9.20 -22.44 43.35
C PHE D 489 10.49 -23.25 43.13
N LEU D 490 11.29 -22.87 42.14
CA LEU D 490 12.52 -23.60 41.80
C LEU D 490 13.47 -23.81 42.97
N GLU D 491 13.97 -22.70 43.52
CA GLU D 491 14.90 -22.75 44.65
C GLU D 491 14.43 -23.72 45.71
N ALA D 492 13.18 -23.57 46.10
CA ALA D 492 12.57 -24.44 47.11
C ALA D 492 12.67 -25.92 46.76
N LEU D 493 12.73 -26.24 45.47
CA LEU D 493 12.79 -27.64 45.04
C LEU D 493 14.21 -28.23 45.15
N GLN D 494 15.21 -27.45 44.79
CA GLN D 494 16.60 -27.88 44.92
C GLN D 494 16.91 -28.13 46.40
N THR D 495 16.53 -27.18 47.23
CA THR D 495 16.75 -27.28 48.67
C THR D 495 16.10 -28.56 49.19
N THR D 496 14.88 -28.80 48.76
CA THR D 496 14.10 -29.93 49.24
C THR D 496 14.47 -31.24 48.55
N LEU D 497 14.71 -31.16 47.24
CA LEU D 497 15.13 -32.32 46.47
C LEU D 497 16.34 -31.98 45.60
N PRO D 498 17.52 -31.84 46.23
CA PRO D 498 18.79 -31.57 45.54
C PRO D 498 19.29 -32.75 44.70
N GLU D 499 18.87 -33.97 45.03
CA GLU D 499 19.33 -35.15 44.30
C GLU D 499 18.68 -35.21 42.92
N ILE D 500 17.39 -34.89 42.85
CA ILE D 500 16.62 -34.97 41.62
C ILE D 500 16.96 -33.84 40.65
N PRO D 501 17.38 -34.20 39.43
CA PRO D 501 17.80 -33.27 38.38
C PRO D 501 16.59 -32.59 37.74
N TRP D 502 16.74 -31.35 37.31
CA TRP D 502 15.62 -30.66 36.70
C TRP D 502 16.04 -29.71 35.58
N TRP D 503 15.10 -29.45 34.69
CA TRP D 503 15.28 -28.51 33.62
C TRP D 503 14.11 -27.53 33.71
N PHE D 504 14.27 -26.35 33.12
CA PHE D 504 13.23 -25.33 33.21
C PHE D 504 13.17 -24.44 31.98
N SER D 505 11.96 -24.03 31.62
CA SER D 505 11.77 -23.07 30.54
C SER D 505 10.52 -22.25 30.82
N TYR D 506 10.55 -20.98 30.41
CA TYR D 506 9.40 -20.10 30.58
C TYR D 506 8.28 -20.47 29.62
N GLY D 507 8.64 -21.07 28.49
CA GLY D 507 7.67 -21.40 27.46
C GLY D 507 6.93 -22.71 27.69
N GLN D 508 5.65 -22.76 27.36
CA GLN D 508 4.94 -24.03 27.28
C GLN D 508 4.70 -24.61 25.87
N ALA D 510 5.36 -25.83 21.75
CA ALA D 510 6.06 -27.02 21.28
C ALA D 510 7.57 -26.81 21.14
N ILE D 511 8.01 -25.64 20.69
CA ILE D 511 9.45 -25.51 20.55
C ILE D 511 10.13 -25.38 21.90
N ALA D 512 9.48 -24.76 22.86
CA ALA D 512 10.00 -24.80 24.22
C ALA D 512 10.13 -26.26 24.63
N GLN D 513 9.10 -27.04 24.34
CA GLN D 513 9.11 -28.48 24.61
C GLN D 513 10.28 -29.21 23.94
N ALA D 514 10.42 -29.06 22.63
CA ALA D 514 11.50 -29.77 21.93
C ALA D 514 12.87 -29.42 22.50
N GLU D 515 13.18 -28.14 22.59
CA GLU D 515 14.50 -27.73 23.04
C GLU D 515 14.91 -28.47 24.32
N ILE D 516 14.04 -28.46 25.32
CA ILE D 516 14.32 -29.07 26.62
C ILE D 516 14.41 -30.60 26.55
N CYS D 517 13.41 -31.23 25.94
CA CYS D 517 13.36 -32.68 25.89
C CYS D 517 14.46 -33.32 25.07
N THR D 518 14.75 -32.76 23.89
CA THR D 518 15.86 -33.24 23.08
C THR D 518 17.18 -33.18 23.83
N SER D 519 17.31 -32.22 24.75
CA SER D 519 18.55 -32.05 25.51
C SER D 519 18.65 -32.99 26.71
N LEU D 520 17.61 -33.81 26.94
CA LEU D 520 17.61 -34.73 28.09
C LEU D 520 18.42 -35.99 27.83
N TRP D 521 18.50 -36.38 26.55
CA TRP D 521 19.21 -37.59 26.15
C TRP D 521 20.35 -37.30 25.19
N GLU D 522 21.32 -38.22 25.13
CA GLU D 522 22.46 -38.08 24.23
C GLU D 522 22.11 -38.48 22.80
N ALA D 531 5.44 -41.96 15.10
CA ALA D 531 4.60 -43.08 15.48
C ALA D 531 3.93 -43.68 14.24
N ALA D 532 3.21 -44.78 14.43
CA ALA D 532 2.48 -45.44 13.34
C ALA D 532 1.10 -44.82 13.11
N GLU D 533 0.64 -44.02 14.07
CA GLU D 533 -0.73 -43.55 14.13
C GLU D 533 -0.92 -42.27 13.35
N PHE D 534 -1.73 -42.33 12.30
CA PHE D 534 -2.09 -41.18 11.48
C PHE D 534 -3.44 -40.46 11.76
N ILE D 535 -4.19 -40.90 12.77
CA ILE D 535 -5.55 -40.37 12.97
C ILE D 535 -6.15 -40.79 14.32
#